data_7R3M
#
_entry.id   7R3M
#
_entity_poly.entity_id   1
_entity_poly.type   'polypeptide(L)'
_entity_poly.pdbx_seq_one_letter_code
;MPGQLDPSTGRRFSEHKLCADDECSMLMYRGEALEDFTGPDCRFVNFKKGDPVYVYYKLARGWPEVWAGSVGRTFGYFPK
DLIQVVHEYTKEELQVPTDETDFVCFDGGRDD
;
_entity_poly.pdbx_strand_id   A
#
# COMPACT_ATOMS: atom_id res chain seq x y z
N MET A 1 3.16 -2.67 -17.12
CA MET A 1 2.25 -2.85 -18.27
C MET A 1 2.88 -3.77 -19.33
N PRO A 2 2.51 -5.06 -19.30
CA PRO A 2 3.05 -6.05 -20.22
C PRO A 2 2.27 -6.12 -21.53
N GLY A 3 2.04 -4.95 -22.13
CA GLY A 3 1.30 -4.89 -23.38
C GLY A 3 -0.20 -4.96 -23.16
N GLN A 4 -0.63 -5.99 -22.44
CA GLN A 4 -2.03 -6.15 -22.06
C GLN A 4 -2.16 -6.06 -20.56
N LEU A 5 -3.36 -5.83 -20.07
CA LEU A 5 -3.57 -5.74 -18.63
C LEU A 5 -4.90 -6.37 -18.26
N ASP A 6 -4.87 -7.25 -17.27
CA ASP A 6 -6.09 -7.91 -16.78
C ASP A 6 -6.87 -6.93 -15.90
N PRO A 7 -8.09 -6.59 -16.33
CA PRO A 7 -8.96 -5.62 -15.64
C PRO A 7 -9.16 -5.93 -14.16
N SER A 8 -9.24 -7.21 -13.84
CA SER A 8 -9.60 -7.64 -12.50
C SER A 8 -8.39 -7.67 -11.57
N THR A 9 -7.22 -7.38 -12.11
CA THR A 9 -6.00 -7.41 -11.32
C THR A 9 -5.34 -6.05 -11.27
N GLY A 10 -5.02 -5.60 -10.06
CA GLY A 10 -4.36 -4.34 -9.89
C GLY A 10 -2.87 -4.43 -10.14
N ARG A 11 -2.18 -3.31 -9.99
CA ARG A 11 -0.76 -3.26 -10.25
C ARG A 11 0.03 -3.14 -8.96
N ARG A 12 1.34 -3.30 -9.05
CA ARG A 12 2.21 -3.18 -7.90
C ARG A 12 2.47 -1.71 -7.58
N PHE A 13 1.38 -1.02 -7.21
CA PHE A 13 1.40 0.39 -6.80
C PHE A 13 2.39 1.25 -7.59
N SER A 14 3.60 1.42 -7.07
CA SER A 14 4.59 2.29 -7.68
C SER A 14 5.96 1.64 -7.66
N GLU A 15 6.87 2.16 -8.48
CA GLU A 15 8.21 1.62 -8.61
C GLU A 15 9.08 2.02 -7.43
N HIS A 16 8.65 3.03 -6.71
CA HIS A 16 9.37 3.49 -5.53
C HIS A 16 8.39 3.77 -4.40
N LYS A 17 8.75 3.37 -3.20
CA LYS A 17 7.91 3.54 -2.04
C LYS A 17 8.57 4.47 -1.05
N LEU A 18 7.80 5.38 -0.50
CA LEU A 18 8.30 6.31 0.49
C LEU A 18 8.05 5.74 1.87
N CYS A 19 9.09 5.64 2.65
CA CYS A 19 8.98 5.02 3.96
C CYS A 19 9.48 5.95 5.04
N ALA A 20 9.02 5.71 6.28
CA ALA A 20 9.47 6.47 7.43
C ALA A 20 10.92 6.14 7.75
N ASP A 21 11.37 5.04 7.18
CA ASP A 21 12.73 4.58 7.35
C ASP A 21 13.15 3.85 6.09
N ASP A 22 14.44 3.89 5.78
CA ASP A 22 14.97 3.33 4.55
C ASP A 22 14.79 1.82 4.43
N GLU A 23 14.38 1.15 5.51
CA GLU A 23 14.07 -0.27 5.45
C GLU A 23 12.57 -0.48 5.57
N CYS A 24 11.85 0.63 5.72
CA CYS A 24 10.40 0.66 5.79
C CYS A 24 9.85 -0.18 6.94
N SER A 25 10.64 -0.33 8.00
CA SER A 25 10.22 -1.14 9.13
C SER A 25 9.58 -0.26 10.20
N MET A 26 9.55 1.04 9.97
CA MET A 26 9.02 1.97 10.96
C MET A 26 7.80 2.67 10.41
N LEU A 27 6.78 2.79 11.26
CA LEU A 27 5.52 3.43 10.89
C LEU A 27 5.71 4.88 10.54
N MET A 28 4.94 5.34 9.56
CA MET A 28 4.97 6.73 9.14
C MET A 28 3.85 7.48 9.80
N TYR A 29 2.64 7.04 9.50
CA TYR A 29 1.45 7.61 10.10
C TYR A 29 0.61 6.49 10.67
N ARG A 30 -0.43 6.87 11.38
CA ARG A 30 -1.48 5.97 11.74
C ARG A 30 -2.76 6.56 11.18
N GLY A 31 -3.65 5.74 10.68
CA GLY A 31 -4.79 6.27 9.97
C GLY A 31 -6.06 5.56 10.30
N GLU A 32 -7.16 6.09 9.82
CA GLU A 32 -8.45 5.45 9.96
C GLU A 32 -9.16 5.56 8.62
N ALA A 33 -9.87 4.52 8.26
CA ALA A 33 -10.53 4.48 6.97
C ALA A 33 -11.85 5.23 7.06
N LEU A 34 -11.99 6.26 6.24
CA LEU A 34 -13.22 7.05 6.23
C LEU A 34 -14.05 6.75 5.02
N GLU A 35 -13.84 5.57 4.53
CA GLU A 35 -14.54 5.08 3.36
C GLU A 35 -14.60 3.57 3.39
N ASP A 36 -15.74 3.05 2.96
CA ASP A 36 -15.95 1.61 2.86
C ASP A 36 -15.18 1.09 1.65
N PHE A 37 -14.69 -0.13 1.72
CA PHE A 37 -13.77 -0.62 0.70
C PHE A 37 -13.51 -2.12 0.86
N THR A 38 -13.06 -2.74 -0.21
CA THR A 38 -12.69 -4.14 -0.19
C THR A 38 -11.43 -4.35 -1.04
N GLY A 39 -10.58 -5.26 -0.62
CA GLY A 39 -9.38 -5.54 -1.36
C GLY A 39 -9.36 -6.96 -1.89
N PRO A 40 -10.08 -7.24 -2.98
CA PRO A 40 -10.18 -8.58 -3.56
C PRO A 40 -8.96 -8.89 -4.42
N ASP A 41 -8.14 -7.87 -4.57
CA ASP A 41 -6.96 -7.91 -5.41
C ASP A 41 -5.78 -8.62 -4.72
N CYS A 42 -6.09 -9.39 -3.69
CA CYS A 42 -5.11 -10.25 -3.02
C CYS A 42 -4.20 -9.51 -2.04
N ARG A 43 -3.69 -8.35 -2.44
CA ARG A 43 -2.70 -7.66 -1.61
C ARG A 43 -3.10 -6.22 -1.41
N PHE A 44 -4.27 -5.90 -1.91
CA PHE A 44 -4.96 -4.69 -1.53
C PHE A 44 -5.37 -4.79 -0.07
N VAL A 45 -5.54 -3.66 0.57
CA VAL A 45 -5.98 -3.63 1.94
C VAL A 45 -7.49 -3.42 2.00
N ASN A 46 -8.18 -4.29 2.73
CA ASN A 46 -9.60 -4.14 2.96
C ASN A 46 -9.82 -3.34 4.22
N PHE A 47 -10.80 -2.50 4.16
CA PHE A 47 -11.20 -1.66 5.28
C PHE A 47 -12.52 -1.00 4.96
N LYS A 48 -13.08 -0.29 5.90
CA LYS A 48 -14.27 0.51 5.64
C LYS A 48 -14.30 1.67 6.60
N LYS A 49 -15.24 2.59 6.43
CA LYS A 49 -15.29 3.77 7.27
C LYS A 49 -15.42 3.39 8.74
N GLY A 50 -14.42 3.77 9.52
CA GLY A 50 -14.38 3.44 10.94
C GLY A 50 -13.40 2.32 11.25
N ASP A 51 -12.60 1.93 10.26
CA ASP A 51 -11.60 0.88 10.44
C ASP A 51 -10.22 1.49 10.61
N PRO A 52 -9.61 1.30 11.80
CA PRO A 52 -8.26 1.78 12.10
C PRO A 52 -7.19 1.10 11.25
N VAL A 53 -6.34 1.89 10.62
CA VAL A 53 -5.28 1.39 9.78
C VAL A 53 -3.91 1.88 10.28
N TYR A 54 -2.87 1.14 9.95
CA TYR A 54 -1.51 1.58 10.21
C TYR A 54 -0.78 1.70 8.88
N VAL A 55 -0.08 2.80 8.67
CA VAL A 55 0.58 3.03 7.41
C VAL A 55 2.10 2.91 7.58
N TYR A 56 2.66 1.82 7.04
CA TYR A 56 4.09 1.55 7.16
C TYR A 56 4.88 2.35 6.14
N TYR A 57 4.31 2.50 4.96
CA TYR A 57 4.95 3.26 3.89
C TYR A 57 3.90 3.72 2.90
N LYS A 58 4.32 4.54 1.95
CA LYS A 58 3.41 5.07 0.96
C LYS A 58 4.10 5.16 -0.41
N LEU A 59 3.34 5.52 -1.43
CA LEU A 59 3.90 5.63 -2.78
C LEU A 59 4.66 6.94 -2.96
N ALA A 60 5.74 6.89 -3.72
CA ALA A 60 6.51 8.07 -4.04
C ALA A 60 5.82 8.93 -5.08
N ARG A 61 4.84 9.71 -4.62
CA ARG A 61 4.13 10.68 -5.45
C ARG A 61 3.36 9.97 -6.57
N GLY A 62 2.11 9.65 -6.30
CA GLY A 62 1.31 8.94 -7.28
C GLY A 62 -0.16 9.24 -7.12
N TRP A 63 -0.85 9.35 -8.24
CA TRP A 63 -2.28 9.56 -8.25
C TRP A 63 -2.97 8.49 -9.09
N PRO A 64 -4.05 7.87 -8.57
CA PRO A 64 -4.63 8.21 -7.26
C PRO A 64 -3.67 7.97 -6.11
N GLU A 65 -3.71 8.88 -5.13
CA GLU A 65 -2.87 8.76 -3.94
C GLU A 65 -3.14 7.44 -3.23
N VAL A 66 -2.10 6.65 -3.16
CA VAL A 66 -2.18 5.31 -2.60
C VAL A 66 -1.11 5.10 -1.54
N TRP A 67 -1.50 4.43 -0.48
CA TRP A 67 -0.62 4.14 0.64
C TRP A 67 -0.63 2.64 0.92
N ALA A 68 0.16 2.21 1.89
CA ALA A 68 0.20 0.80 2.25
C ALA A 68 0.34 0.61 3.74
N GLY A 69 -0.25 -0.47 4.24
CA GLY A 69 -0.20 -0.74 5.66
C GLY A 69 -0.97 -1.99 6.04
N SER A 70 -1.33 -2.11 7.30
CA SER A 70 -2.06 -3.27 7.77
C SER A 70 -3.37 -2.85 8.44
N VAL A 71 -4.43 -3.59 8.13
CA VAL A 71 -5.76 -3.35 8.68
C VAL A 71 -6.45 -4.67 8.97
N GLY A 72 -6.74 -4.93 10.23
CA GLY A 72 -7.39 -6.18 10.60
C GLY A 72 -6.54 -7.39 10.26
N ARG A 73 -6.92 -8.11 9.22
CA ARG A 73 -6.15 -9.26 8.78
C ARG A 73 -5.61 -9.05 7.36
N THR A 74 -5.76 -7.83 6.86
CA THR A 74 -5.31 -7.50 5.53
C THR A 74 -4.17 -6.50 5.56
N PHE A 75 -3.14 -6.78 4.80
CA PHE A 75 -1.99 -5.92 4.70
C PHE A 75 -1.53 -5.82 3.25
N GLY A 76 -1.26 -4.62 2.81
CA GLY A 76 -0.87 -4.40 1.44
C GLY A 76 -1.05 -2.95 1.03
N TYR A 77 -1.51 -2.74 -0.20
CA TYR A 77 -1.66 -1.38 -0.72
C TYR A 77 -3.14 -0.99 -0.76
N PHE A 78 -3.41 0.32 -0.72
CA PHE A 78 -4.78 0.82 -0.73
C PHE A 78 -4.77 2.32 -1.01
N PRO A 79 -5.91 2.89 -1.44
CA PRO A 79 -6.01 4.32 -1.71
C PRO A 79 -5.96 5.14 -0.43
N LYS A 80 -4.91 5.95 -0.32
CA LYS A 80 -4.76 6.90 0.76
C LYS A 80 -5.99 7.79 0.84
N ASP A 81 -6.51 8.13 -0.33
CA ASP A 81 -7.77 8.85 -0.49
C ASP A 81 -8.92 8.24 0.31
N LEU A 82 -8.83 6.96 0.62
CA LEU A 82 -9.92 6.27 1.28
C LEU A 82 -9.72 6.20 2.79
N ILE A 83 -8.63 6.79 3.28
CA ILE A 83 -8.42 6.89 4.71
C ILE A 83 -8.05 8.32 5.12
N GLN A 84 -7.94 8.52 6.41
CA GLN A 84 -7.51 9.77 6.98
C GLN A 84 -6.44 9.51 8.03
N VAL A 85 -5.33 10.23 7.92
CA VAL A 85 -4.29 10.20 8.92
C VAL A 85 -4.84 10.59 10.28
N VAL A 86 -4.78 9.66 11.21
CA VAL A 86 -5.35 9.89 12.53
C VAL A 86 -4.26 10.37 13.46
N HIS A 87 -3.04 10.19 13.00
CA HIS A 87 -1.85 10.63 13.74
C HIS A 87 -0.62 10.24 12.93
N GLU A 88 0.51 10.90 13.16
CA GLU A 88 1.72 10.50 12.48
C GLU A 88 2.93 10.45 13.41
N TYR A 89 3.81 9.50 13.12
CA TYR A 89 5.02 9.33 13.89
C TYR A 89 6.16 10.17 13.37
N THR A 90 6.15 10.40 12.06
CA THR A 90 7.18 11.18 11.43
C THR A 90 6.67 11.83 10.15
N LYS A 91 7.32 12.92 9.76
CA LYS A 91 7.06 13.56 8.47
C LYS A 91 8.10 13.09 7.46
N GLU A 92 8.86 12.08 7.85
CA GLU A 92 9.97 11.61 7.03
C GLU A 92 9.49 10.79 5.85
N GLU A 93 10.15 10.98 4.71
CA GLU A 93 9.77 10.32 3.48
C GLU A 93 11.02 9.85 2.74
N LEU A 94 11.49 8.69 3.15
CA LEU A 94 12.65 8.08 2.52
C LEU A 94 12.21 7.28 1.31
N GLN A 95 12.93 7.42 0.21
CA GLN A 95 12.51 6.79 -1.02
C GLN A 95 13.21 5.45 -1.21
N VAL A 96 12.48 4.41 -0.90
CA VAL A 96 12.97 3.05 -1.04
C VAL A 96 12.36 2.43 -2.30
N PRO A 97 13.17 1.80 -3.15
CA PRO A 97 12.66 1.19 -4.37
C PRO A 97 11.91 -0.10 -4.11
N THR A 98 10.93 -0.37 -4.94
CA THR A 98 10.13 -1.57 -4.78
C THR A 98 10.65 -2.68 -5.68
N ASP A 99 10.61 -3.91 -5.18
CA ASP A 99 10.99 -5.05 -6.00
C ASP A 99 9.79 -5.49 -6.81
N GLU A 100 10.03 -6.16 -7.92
CA GLU A 100 8.94 -6.60 -8.77
C GLU A 100 8.12 -7.67 -8.08
N THR A 101 8.75 -8.43 -7.21
CA THR A 101 8.06 -9.48 -6.49
C THR A 101 7.88 -9.10 -5.02
N ASP A 102 8.21 -7.85 -4.69
CA ASP A 102 8.08 -7.31 -3.34
C ASP A 102 6.68 -7.59 -2.80
N PHE A 103 5.69 -7.35 -3.65
CA PHE A 103 4.29 -7.57 -3.28
C PHE A 103 3.56 -8.28 -4.41
N VAL A 104 3.73 -9.59 -4.47
CA VAL A 104 3.12 -10.40 -5.51
C VAL A 104 2.20 -11.46 -4.92
N CYS A 105 1.45 -12.12 -5.78
CA CYS A 105 0.51 -13.15 -5.37
C CYS A 105 0.71 -14.41 -6.17
N PHE A 106 1.09 -15.48 -5.49
CA PHE A 106 1.32 -16.77 -6.13
C PHE A 106 0.01 -17.52 -6.28
N ASP A 107 0.00 -18.51 -7.17
CA ASP A 107 -1.19 -19.31 -7.48
C ASP A 107 -2.40 -18.44 -7.76
N GLY A 108 -2.60 -18.10 -9.02
CA GLY A 108 -3.72 -17.28 -9.40
C GLY A 108 -3.42 -15.79 -9.32
N GLY A 109 -2.17 -15.43 -9.59
CA GLY A 109 -1.77 -14.05 -9.54
C GLY A 109 -0.99 -13.63 -10.77
N ARG A 110 -1.26 -12.41 -11.25
CA ARG A 110 -0.58 -11.88 -12.42
C ARG A 110 0.86 -11.50 -12.08
N ASP A 111 1.80 -12.20 -12.68
CA ASP A 111 3.20 -11.85 -12.53
C ASP A 111 3.58 -10.83 -13.59
N ASP A 112 2.64 -10.55 -14.48
CA ASP A 112 2.86 -9.65 -15.58
C ASP A 112 2.24 -8.28 -15.29
N MET A 1 13.52 -12.76 -17.87
CA MET A 1 13.02 -11.43 -18.28
C MET A 1 13.03 -11.33 -19.80
N PRO A 2 11.87 -11.52 -20.45
CA PRO A 2 11.74 -11.48 -21.90
C PRO A 2 11.40 -10.09 -22.41
N GLY A 3 12.00 -9.06 -21.83
CA GLY A 3 11.70 -7.70 -22.21
C GLY A 3 10.39 -7.22 -21.62
N GLN A 4 9.34 -7.98 -21.86
CA GLN A 4 8.03 -7.69 -21.31
C GLN A 4 7.94 -8.15 -19.87
N LEU A 5 7.61 -7.23 -18.98
CA LEU A 5 7.47 -7.54 -17.56
C LEU A 5 6.01 -7.71 -17.20
N ASP A 6 5.69 -8.86 -16.63
CA ASP A 6 4.35 -9.11 -16.10
C ASP A 6 4.24 -8.50 -14.72
N PRO A 7 3.38 -7.47 -14.58
CA PRO A 7 3.22 -6.73 -13.32
C PRO A 7 2.88 -7.62 -12.16
N SER A 8 2.00 -8.57 -12.38
CA SER A 8 1.48 -9.44 -11.34
C SER A 8 2.60 -10.25 -10.69
N THR A 9 3.60 -10.61 -11.48
CA THR A 9 4.69 -11.43 -10.99
C THR A 9 6.01 -10.69 -11.01
N GLY A 10 5.93 -9.38 -11.21
CA GLY A 10 7.13 -8.60 -11.30
C GLY A 10 7.03 -7.28 -10.57
N ARG A 11 7.07 -6.22 -11.34
CA ARG A 11 7.19 -4.87 -10.79
C ARG A 11 5.96 -4.52 -9.96
N ARG A 12 6.22 -3.99 -8.77
CA ARG A 12 5.18 -3.75 -7.80
C ARG A 12 4.57 -2.36 -7.94
N PHE A 13 3.81 -1.96 -6.93
CA PHE A 13 3.22 -0.63 -6.87
C PHE A 13 4.31 0.45 -6.91
N SER A 14 4.37 1.16 -8.04
CA SER A 14 5.35 2.21 -8.26
C SER A 14 6.77 1.63 -8.35
N GLU A 15 7.71 2.44 -8.80
CA GLU A 15 9.09 2.00 -8.92
C GLU A 15 9.79 2.11 -7.56
N HIS A 16 9.40 3.12 -6.80
CA HIS A 16 9.95 3.32 -5.47
C HIS A 16 8.83 3.62 -4.48
N LYS A 17 9.04 3.27 -3.24
CA LYS A 17 8.04 3.52 -2.22
C LYS A 17 8.60 4.44 -1.14
N LEU A 18 7.73 5.27 -0.58
CA LEU A 18 8.13 6.25 0.40
C LEU A 18 7.90 5.72 1.79
N CYS A 19 8.97 5.61 2.54
CA CYS A 19 8.91 4.96 3.84
C CYS A 19 9.37 5.91 4.95
N ALA A 20 8.82 5.68 6.15
CA ALA A 20 9.20 6.45 7.35
C ALA A 20 10.66 6.20 7.69
N ASP A 21 11.09 5.01 7.34
CA ASP A 21 12.45 4.57 7.55
C ASP A 21 12.91 3.88 6.28
N ASP A 22 14.19 3.97 5.96
CA ASP A 22 14.71 3.49 4.67
C ASP A 22 14.68 1.96 4.55
N GLU A 23 14.21 1.29 5.59
CA GLU A 23 13.99 -0.16 5.52
C GLU A 23 12.50 -0.44 5.51
N CYS A 24 11.73 0.64 5.68
CA CYS A 24 10.28 0.60 5.70
C CYS A 24 9.76 -0.27 6.83
N SER A 25 10.54 -0.37 7.91
CA SER A 25 10.18 -1.21 9.03
C SER A 25 9.65 -0.35 10.18
N MET A 26 9.39 0.92 9.91
CA MET A 26 8.86 1.83 10.92
C MET A 26 7.61 2.52 10.40
N LEU A 27 6.62 2.64 11.26
CA LEU A 27 5.39 3.31 10.92
C LEU A 27 5.61 4.79 10.63
N MET A 28 4.88 5.28 9.64
CA MET A 28 4.92 6.69 9.28
C MET A 28 3.67 7.36 9.79
N TYR A 29 2.54 6.74 9.52
CA TYR A 29 1.26 7.28 9.90
C TYR A 29 0.42 6.21 10.59
N ARG A 30 -0.64 6.65 11.22
CA ARG A 30 -1.71 5.79 11.67
C ARG A 30 -3.00 6.44 11.19
N GLY A 31 -3.88 5.68 10.58
CA GLY A 31 -5.04 6.31 9.96
C GLY A 31 -6.33 5.62 10.30
N GLU A 32 -7.42 6.25 9.93
CA GLU A 32 -8.72 5.66 10.08
C GLU A 32 -9.45 5.80 8.76
N ALA A 33 -10.17 4.77 8.38
CA ALA A 33 -10.84 4.76 7.10
C ALA A 33 -12.13 5.56 7.17
N LEU A 34 -12.27 6.54 6.29
CA LEU A 34 -13.50 7.34 6.23
C LEU A 34 -14.31 6.93 5.04
N GLU A 35 -13.97 5.77 4.56
CA GLU A 35 -14.59 5.22 3.38
C GLU A 35 -14.64 3.71 3.42
N ASP A 36 -15.72 3.20 2.88
CA ASP A 36 -15.94 1.76 2.74
C ASP A 36 -15.10 1.24 1.59
N PHE A 37 -14.64 0.00 1.71
CA PHE A 37 -13.66 -0.52 0.78
C PHE A 37 -13.47 -2.03 0.95
N THR A 38 -12.91 -2.66 -0.06
CA THR A 38 -12.59 -4.08 -0.03
C THR A 38 -11.26 -4.31 -0.74
N GLY A 39 -10.52 -5.31 -0.31
CA GLY A 39 -9.27 -5.64 -0.95
C GLY A 39 -9.34 -6.99 -1.64
N PRO A 40 -9.97 -7.07 -2.82
CA PRO A 40 -10.17 -8.33 -3.53
C PRO A 40 -8.96 -8.72 -4.36
N ASP A 41 -8.08 -7.75 -4.55
CA ASP A 41 -6.93 -7.91 -5.42
C ASP A 41 -5.73 -8.47 -4.64
N CYS A 42 -6.04 -9.06 -3.49
CA CYS A 42 -5.06 -9.81 -2.68
C CYS A 42 -4.12 -8.93 -1.89
N ARG A 43 -3.51 -7.97 -2.55
CA ARG A 43 -2.42 -7.20 -1.95
C ARG A 43 -2.95 -5.90 -1.43
N PHE A 44 -4.21 -5.74 -1.65
CA PHE A 44 -4.95 -4.58 -1.19
C PHE A 44 -5.25 -4.69 0.30
N VAL A 45 -5.44 -3.54 0.91
CA VAL A 45 -5.87 -3.46 2.28
C VAL A 45 -7.38 -3.32 2.33
N ASN A 46 -8.02 -4.19 3.10
CA ASN A 46 -9.47 -4.18 3.21
C ASN A 46 -9.88 -3.48 4.49
N PHE A 47 -10.79 -2.56 4.35
CA PHE A 47 -11.32 -1.79 5.46
C PHE A 47 -12.59 -1.09 5.03
N LYS A 48 -13.33 -0.55 5.98
CA LYS A 48 -14.43 0.33 5.63
C LYS A 48 -14.43 1.50 6.60
N LYS A 49 -15.29 2.48 6.37
CA LYS A 49 -15.29 3.66 7.22
C LYS A 49 -15.42 3.28 8.70
N GLY A 50 -14.44 3.68 9.49
CA GLY A 50 -14.42 3.37 10.90
C GLY A 50 -13.30 2.41 11.28
N ASP A 51 -12.68 1.80 10.27
CA ASP A 51 -11.59 0.87 10.49
C ASP A 51 -10.25 1.60 10.63
N PRO A 52 -9.60 1.47 11.79
CA PRO A 52 -8.27 2.03 12.04
C PRO A 52 -7.18 1.24 11.35
N VAL A 53 -6.38 1.93 10.53
CA VAL A 53 -5.28 1.31 9.82
C VAL A 53 -3.95 1.89 10.30
N TYR A 54 -2.89 1.14 10.13
CA TYR A 54 -1.55 1.63 10.42
C TYR A 54 -0.76 1.68 9.14
N VAL A 55 -0.24 2.85 8.80
CA VAL A 55 0.40 3.03 7.53
C VAL A 55 1.93 3.04 7.69
N TYR A 56 2.56 2.01 7.13
CA TYR A 56 4.00 1.85 7.20
C TYR A 56 4.69 2.77 6.21
N TYR A 57 4.15 2.81 5.01
CA TYR A 57 4.75 3.56 3.92
C TYR A 57 3.73 3.81 2.83
N LYS A 58 4.17 4.39 1.72
CA LYS A 58 3.28 4.72 0.63
C LYS A 58 4.05 4.76 -0.69
N LEU A 59 3.34 4.91 -1.79
CA LEU A 59 3.99 5.00 -3.11
C LEU A 59 4.61 6.37 -3.30
N ALA A 60 5.70 6.43 -4.05
CA ALA A 60 6.36 7.69 -4.35
C ALA A 60 5.55 8.53 -5.32
N ARG A 61 4.67 9.35 -4.76
CA ARG A 61 3.85 10.30 -5.50
C ARG A 61 2.77 9.62 -6.34
N GLY A 62 1.57 10.16 -6.24
CA GLY A 62 0.44 9.63 -6.97
C GLY A 62 -0.82 10.36 -6.59
N TRP A 63 -1.85 10.28 -7.42
CA TRP A 63 -3.11 10.94 -7.15
C TRP A 63 -4.23 10.23 -7.90
N PRO A 64 -5.18 9.63 -7.16
CA PRO A 64 -5.18 9.59 -5.69
C PRO A 64 -4.00 8.77 -5.15
N GLU A 65 -3.33 9.32 -4.13
CA GLU A 65 -2.18 8.70 -3.53
C GLU A 65 -2.51 7.32 -2.99
N VAL A 66 -1.61 6.38 -3.19
CA VAL A 66 -1.78 5.05 -2.65
C VAL A 66 -0.79 4.80 -1.52
N TRP A 67 -1.31 4.26 -0.44
CA TRP A 67 -0.55 3.99 0.76
C TRP A 67 -0.49 2.49 1.01
N ALA A 68 0.31 2.08 1.98
CA ALA A 68 0.38 0.68 2.35
C ALA A 68 0.49 0.53 3.85
N GLY A 69 -0.28 -0.41 4.40
CA GLY A 69 -0.29 -0.61 5.82
C GLY A 69 -1.07 -1.84 6.21
N SER A 70 -1.47 -1.89 7.47
CA SER A 70 -2.25 -3.01 7.98
C SER A 70 -3.49 -2.51 8.73
N VAL A 71 -4.56 -3.26 8.63
CA VAL A 71 -5.81 -2.91 9.31
C VAL A 71 -6.48 -4.15 9.88
N GLY A 72 -6.12 -4.48 11.12
CA GLY A 72 -6.70 -5.62 11.79
C GLY A 72 -6.16 -6.94 11.29
N ARG A 73 -6.55 -7.32 10.07
CA ARG A 73 -6.16 -8.61 9.52
C ARG A 73 -5.33 -8.44 8.26
N THR A 74 -5.64 -7.44 7.47
CA THR A 74 -5.04 -7.31 6.17
C THR A 74 -3.85 -6.35 6.17
N PHE A 75 -2.92 -6.66 5.28
CA PHE A 75 -1.72 -5.86 5.06
C PHE A 75 -1.50 -5.72 3.56
N GLY A 76 -1.25 -4.51 3.09
CA GLY A 76 -0.99 -4.32 1.68
C GLY A 76 -1.14 -2.88 1.25
N TYR A 77 -1.58 -2.66 0.03
CA TYR A 77 -1.70 -1.32 -0.52
C TYR A 77 -3.16 -0.88 -0.60
N PHE A 78 -3.39 0.43 -0.59
CA PHE A 78 -4.74 0.98 -0.63
C PHE A 78 -4.69 2.48 -0.91
N PRO A 79 -5.80 3.09 -1.36
CA PRO A 79 -5.86 4.52 -1.63
C PRO A 79 -5.87 5.35 -0.35
N LYS A 80 -4.87 6.22 -0.24
CA LYS A 80 -4.76 7.17 0.84
C LYS A 80 -6.05 7.95 1.01
N ASP A 81 -6.60 8.33 -0.13
CA ASP A 81 -7.88 9.03 -0.22
C ASP A 81 -8.97 8.40 0.65
N LEU A 82 -8.89 7.10 0.86
CA LEU A 82 -9.96 6.38 1.51
C LEU A 82 -9.81 6.40 3.03
N ILE A 83 -8.72 6.98 3.52
CA ILE A 83 -8.53 7.11 4.95
C ILE A 83 -8.07 8.50 5.33
N GLN A 84 -8.01 8.74 6.63
CA GLN A 84 -7.51 9.96 7.19
C GLN A 84 -6.48 9.64 8.26
N VAL A 85 -5.33 10.30 8.17
CA VAL A 85 -4.29 10.22 9.17
C VAL A 85 -4.83 10.63 10.55
N VAL A 86 -4.90 9.68 11.45
CA VAL A 86 -5.42 9.92 12.78
C VAL A 86 -4.27 10.23 13.71
N HIS A 87 -3.09 9.91 13.23
CA HIS A 87 -1.85 10.16 13.96
C HIS A 87 -0.67 9.86 13.03
N GLU A 88 0.47 10.48 13.25
CA GLU A 88 1.63 10.15 12.45
C GLU A 88 2.91 10.18 13.28
N TYR A 89 3.79 9.27 12.97
CA TYR A 89 5.04 9.11 13.71
C TYR A 89 6.15 9.94 13.11
N THR A 90 6.09 10.12 11.81
CA THR A 90 7.04 10.97 11.12
C THR A 90 6.40 11.55 9.88
N LYS A 91 6.88 12.71 9.47
CA LYS A 91 6.43 13.35 8.25
C LYS A 91 7.49 13.13 7.18
N GLU A 92 8.32 12.13 7.37
CA GLU A 92 9.44 11.89 6.47
C GLU A 92 9.11 10.85 5.43
N GLU A 93 9.53 11.11 4.20
CA GLU A 93 9.24 10.27 3.07
C GLU A 93 10.53 9.83 2.39
N LEU A 94 11.06 8.71 2.84
CA LEU A 94 12.29 8.16 2.27
C LEU A 94 11.98 7.29 1.07
N GLN A 95 12.77 7.40 0.02
CA GLN A 95 12.52 6.65 -1.19
C GLN A 95 13.27 5.34 -1.17
N VAL A 96 12.54 4.30 -0.86
CA VAL A 96 13.07 2.95 -0.84
C VAL A 96 12.45 2.16 -1.98
N PRO A 97 13.26 1.46 -2.79
CA PRO A 97 12.76 0.74 -3.96
C PRO A 97 11.89 -0.44 -3.58
N THR A 98 10.98 -0.80 -4.46
CA THR A 98 10.13 -1.96 -4.26
C THR A 98 10.82 -3.22 -4.76
N ASP A 99 10.65 -4.33 -4.05
CA ASP A 99 11.29 -5.57 -4.44
C ASP A 99 10.37 -6.41 -5.28
N GLU A 100 10.94 -7.28 -6.09
CA GLU A 100 10.20 -7.96 -7.14
C GLU A 100 9.03 -8.80 -6.58
N THR A 101 9.33 -9.67 -5.64
CA THR A 101 8.33 -10.62 -5.16
C THR A 101 8.01 -10.41 -3.69
N ASP A 102 8.55 -9.36 -3.08
CA ASP A 102 8.29 -9.09 -1.67
C ASP A 102 6.82 -8.80 -1.40
N PHE A 103 6.09 -8.41 -2.44
CA PHE A 103 4.68 -8.07 -2.30
C PHE A 103 3.87 -8.68 -3.43
N VAL A 104 4.00 -9.98 -3.61
CA VAL A 104 3.29 -10.69 -4.66
C VAL A 104 2.45 -11.82 -4.07
N CYS A 105 1.38 -12.17 -4.77
CA CYS A 105 0.54 -13.28 -4.37
C CYS A 105 0.81 -14.46 -5.28
N PHE A 106 1.37 -15.52 -4.71
CA PHE A 106 1.80 -16.67 -5.48
C PHE A 106 0.60 -17.47 -5.99
N ASP A 107 0.34 -17.32 -7.28
CA ASP A 107 -0.70 -18.09 -7.95
C ASP A 107 -0.12 -18.68 -9.22
N GLY A 108 0.63 -19.75 -9.06
CA GLY A 108 1.35 -20.32 -10.18
C GLY A 108 2.78 -19.84 -10.22
N GLY A 109 3.17 -19.09 -9.21
CA GLY A 109 4.51 -18.54 -9.14
C GLY A 109 4.77 -17.53 -10.23
N ARG A 110 5.98 -17.53 -10.75
CA ARG A 110 6.37 -16.64 -11.83
C ARG A 110 6.77 -17.45 -13.05
N ASP A 111 6.23 -17.10 -14.21
CA ASP A 111 6.52 -17.82 -15.45
C ASP A 111 7.75 -17.23 -16.14
N ASP A 112 8.67 -16.71 -15.35
CA ASP A 112 9.86 -16.06 -15.85
C ASP A 112 10.94 -16.04 -14.76
N MET A 1 11.77 -14.03 2.75
CA MET A 1 11.81 -14.12 4.24
C MET A 1 10.41 -14.27 4.80
N PRO A 2 10.12 -15.41 5.44
CA PRO A 2 8.83 -15.64 6.08
C PRO A 2 8.48 -14.55 7.10
N GLY A 3 7.28 -14.01 6.99
CA GLY A 3 6.89 -12.92 7.86
C GLY A 3 6.98 -11.57 7.16
N GLN A 4 7.86 -11.49 6.17
CA GLN A 4 8.04 -10.27 5.39
C GLN A 4 7.75 -10.55 3.93
N LEU A 5 6.58 -10.12 3.48
CA LEU A 5 6.10 -10.39 2.12
C LEU A 5 5.86 -11.88 1.90
N ASP A 6 4.60 -12.29 2.06
CA ASP A 6 4.21 -13.68 1.84
C ASP A 6 4.54 -14.13 0.42
N PRO A 7 5.20 -15.29 0.30
CA PRO A 7 5.58 -15.85 -1.00
C PRO A 7 4.40 -16.07 -1.92
N SER A 8 3.29 -16.48 -1.34
CA SER A 8 2.10 -16.78 -2.10
C SER A 8 1.28 -15.52 -2.38
N THR A 9 1.26 -14.62 -1.40
CA THR A 9 0.51 -13.37 -1.54
C THR A 9 1.41 -12.19 -1.36
N GLY A 10 2.15 -11.86 -2.41
CA GLY A 10 3.04 -10.75 -2.34
C GLY A 10 2.38 -9.46 -2.74
N ARG A 11 2.85 -8.37 -2.16
CA ARG A 11 2.20 -7.10 -2.30
C ARG A 11 2.97 -6.17 -3.22
N ARG A 12 2.44 -5.98 -4.43
CA ARG A 12 3.02 -5.04 -5.36
C ARG A 12 2.20 -3.76 -5.39
N PHE A 13 2.90 -2.63 -5.39
CA PHE A 13 2.27 -1.33 -5.29
C PHE A 13 2.84 -0.34 -6.30
N SER A 14 4.16 -0.16 -6.28
CA SER A 14 4.82 0.76 -7.20
C SER A 14 6.28 0.38 -7.33
N GLU A 15 7.01 1.08 -8.20
CA GLU A 15 8.43 0.79 -8.41
C GLU A 15 9.25 1.27 -7.21
N HIS A 16 8.78 2.33 -6.58
CA HIS A 16 9.46 2.89 -5.42
C HIS A 16 8.44 3.15 -4.32
N LYS A 17 8.84 2.93 -3.08
CA LYS A 17 7.98 3.21 -1.94
C LYS A 17 8.62 4.26 -1.05
N LEU A 18 7.80 4.96 -0.31
CA LEU A 18 8.26 6.01 0.57
C LEU A 18 8.00 5.60 2.01
N CYS A 19 9.05 5.58 2.81
CA CYS A 19 8.93 5.06 4.16
C CYS A 19 9.52 6.03 5.18
N ALA A 20 9.16 5.83 6.45
CA ALA A 20 9.72 6.63 7.56
C ALA A 20 11.09 6.12 7.93
N ASP A 21 11.49 5.09 7.23
CA ASP A 21 12.74 4.39 7.46
C ASP A 21 13.14 3.70 6.16
N ASP A 22 14.43 3.63 5.86
CA ASP A 22 14.87 3.09 4.57
C ASP A 22 14.67 1.57 4.50
N GLU A 23 14.26 0.97 5.61
CA GLU A 23 13.90 -0.43 5.64
C GLU A 23 12.38 -0.54 5.76
N CYS A 24 11.76 0.63 5.92
CA CYS A 24 10.33 0.77 6.11
C CYS A 24 9.88 0.03 7.36
N SER A 25 10.76 0.01 8.36
CA SER A 25 10.51 -0.72 9.59
C SER A 25 9.88 0.18 10.65
N MET A 26 9.59 1.43 10.30
CA MET A 26 9.00 2.36 11.25
C MET A 26 7.74 2.98 10.70
N LEU A 27 6.72 3.04 11.55
CA LEU A 27 5.46 3.69 11.21
C LEU A 27 5.67 5.14 10.84
N MET A 28 4.94 5.57 9.82
CA MET A 28 5.01 6.95 9.35
C MET A 28 3.85 7.71 9.94
N TYR A 29 2.68 7.16 9.73
CA TYR A 29 1.46 7.73 10.26
C TYR A 29 0.61 6.60 10.82
N ARG A 30 -0.40 6.97 11.56
CA ARG A 30 -1.43 6.06 11.96
C ARG A 30 -2.71 6.59 11.37
N GLY A 31 -3.59 5.75 10.90
CA GLY A 31 -4.72 6.22 10.15
C GLY A 31 -6.02 5.56 10.51
N GLU A 32 -7.10 6.08 9.99
CA GLU A 32 -8.40 5.49 10.16
C GLU A 32 -9.11 5.56 8.81
N ALA A 33 -9.90 4.55 8.52
CA ALA A 33 -10.56 4.48 7.22
C ALA A 33 -11.78 5.40 7.20
N LEU A 34 -11.84 6.27 6.22
CA LEU A 34 -12.97 7.19 6.07
C LEU A 34 -13.89 6.75 4.98
N GLU A 35 -13.71 5.52 4.60
CA GLU A 35 -14.44 4.96 3.50
C GLU A 35 -14.52 3.45 3.59
N ASP A 36 -15.59 2.92 3.04
CA ASP A 36 -15.76 1.48 2.92
C ASP A 36 -15.27 1.05 1.56
N PHE A 37 -14.47 0.01 1.51
CA PHE A 37 -13.73 -0.34 0.32
C PHE A 37 -13.17 -1.74 0.39
N THR A 38 -13.24 -2.47 -0.72
CA THR A 38 -12.67 -3.79 -0.79
C THR A 38 -11.74 -3.92 -2.00
N GLY A 39 -10.53 -4.41 -1.75
CA GLY A 39 -9.64 -4.72 -2.82
C GLY A 39 -9.39 -6.22 -2.90
N PRO A 40 -10.08 -6.91 -3.83
CA PRO A 40 -9.99 -8.37 -3.99
C PRO A 40 -8.71 -8.79 -4.67
N ASP A 41 -7.95 -7.79 -5.05
CA ASP A 41 -6.74 -7.95 -5.86
C ASP A 41 -5.58 -8.60 -5.09
N CYS A 42 -5.89 -9.27 -3.98
CA CYS A 42 -4.92 -10.09 -3.25
C CYS A 42 -3.96 -9.29 -2.38
N ARG A 43 -3.51 -8.14 -2.87
CA ARG A 43 -2.48 -7.38 -2.16
C ARG A 43 -2.99 -6.00 -1.82
N PHE A 44 -4.23 -5.77 -2.20
CA PHE A 44 -4.95 -4.58 -1.79
C PHE A 44 -5.38 -4.70 -0.33
N VAL A 45 -5.55 -3.56 0.30
CA VAL A 45 -6.09 -3.54 1.64
C VAL A 45 -7.57 -3.17 1.59
N ASN A 46 -8.38 -3.98 2.24
CA ASN A 46 -9.80 -3.69 2.37
C ASN A 46 -10.11 -3.29 3.78
N PHE A 47 -11.12 -2.46 3.90
CA PHE A 47 -11.53 -1.88 5.16
C PHE A 47 -12.91 -1.24 5.04
N LYS A 48 -13.43 -0.75 6.15
CA LYS A 48 -14.67 -0.04 6.18
C LYS A 48 -14.51 1.20 7.05
N LYS A 49 -15.19 2.29 6.71
CA LYS A 49 -14.99 3.55 7.41
C LYS A 49 -15.12 3.37 8.92
N GLY A 50 -14.04 3.69 9.63
CA GLY A 50 -13.97 3.43 11.06
C GLY A 50 -12.93 2.38 11.41
N ASP A 51 -12.43 1.69 10.39
CA ASP A 51 -11.37 0.71 10.55
C ASP A 51 -10.04 1.40 10.84
N PRO A 52 -9.44 1.06 12.00
CA PRO A 52 -8.12 1.57 12.39
C PRO A 52 -7.01 1.05 11.49
N VAL A 53 -6.20 1.96 10.97
CA VAL A 53 -5.13 1.61 10.04
C VAL A 53 -3.77 2.02 10.57
N TYR A 54 -2.76 1.23 10.28
CA TYR A 54 -1.39 1.56 10.59
C TYR A 54 -0.58 1.63 9.32
N VAL A 55 -0.09 2.81 8.99
CA VAL A 55 0.58 3.02 7.72
C VAL A 55 2.09 3.00 7.92
N TYR A 56 2.71 1.94 7.45
CA TYR A 56 4.15 1.72 7.62
C TYR A 56 4.93 2.48 6.56
N TYR A 57 4.30 2.64 5.40
CA TYR A 57 4.93 3.32 4.29
C TYR A 57 3.87 3.65 3.23
N LYS A 58 4.27 4.37 2.21
CA LYS A 58 3.37 4.76 1.15
C LYS A 58 4.06 4.74 -0.21
N LEU A 59 3.31 4.95 -1.27
CA LEU A 59 3.88 4.93 -2.62
C LEU A 59 4.52 6.27 -2.96
N ALA A 60 5.59 6.22 -3.76
CA ALA A 60 6.31 7.41 -4.15
C ALA A 60 5.62 8.16 -5.28
N ARG A 61 4.72 9.07 -4.92
CA ARG A 61 4.06 9.96 -5.88
C ARG A 61 3.26 9.16 -6.91
N GLY A 62 1.98 8.95 -6.65
CA GLY A 62 1.17 8.20 -7.58
C GLY A 62 -0.30 8.39 -7.34
N TRP A 63 -1.00 8.85 -8.36
CA TRP A 63 -2.44 8.97 -8.31
C TRP A 63 -3.08 7.78 -9.03
N PRO A 64 -4.17 7.20 -8.46
CA PRO A 64 -4.76 7.66 -7.20
C PRO A 64 -3.81 7.49 -6.03
N GLU A 65 -3.81 8.48 -5.13
CA GLU A 65 -2.93 8.46 -3.97
C GLU A 65 -3.13 7.19 -3.16
N VAL A 66 -2.06 6.44 -3.00
CA VAL A 66 -2.12 5.14 -2.39
C VAL A 66 -1.08 4.97 -1.29
N TRP A 67 -1.52 4.36 -0.21
CA TRP A 67 -0.68 4.10 0.95
C TRP A 67 -0.68 2.60 1.23
N ALA A 68 0.13 2.17 2.21
CA ALA A 68 0.20 0.76 2.55
C ALA A 68 0.34 0.57 4.05
N GLY A 69 -0.37 -0.42 4.57
CA GLY A 69 -0.33 -0.70 5.98
C GLY A 69 -1.20 -1.89 6.33
N SER A 70 -1.34 -2.16 7.62
CA SER A 70 -2.16 -3.28 8.05
C SER A 70 -3.45 -2.78 8.69
N VAL A 71 -4.54 -3.48 8.36
CA VAL A 71 -5.85 -3.15 8.90
C VAL A 71 -6.53 -4.40 9.44
N GLY A 72 -6.21 -4.77 10.67
CA GLY A 72 -6.80 -5.93 11.30
C GLY A 72 -6.33 -7.24 10.70
N ARG A 73 -6.71 -7.50 9.46
CA ARG A 73 -6.43 -8.76 8.81
C ARG A 73 -5.69 -8.55 7.49
N THR A 74 -5.75 -7.33 6.99
CA THR A 74 -5.20 -7.02 5.68
C THR A 74 -3.90 -6.24 5.78
N PHE A 75 -3.00 -6.52 4.87
CA PHE A 75 -1.76 -5.76 4.76
C PHE A 75 -1.35 -5.70 3.28
N GLY A 76 -1.23 -4.49 2.77
CA GLY A 76 -0.92 -4.31 1.38
C GLY A 76 -1.12 -2.87 0.95
N TYR A 77 -1.55 -2.67 -0.29
CA TYR A 77 -1.67 -1.32 -0.82
C TYR A 77 -3.14 -0.92 -0.95
N PHE A 78 -3.43 0.37 -0.80
CA PHE A 78 -4.81 0.86 -0.86
C PHE A 78 -4.83 2.37 -1.02
N PRO A 79 -5.96 2.95 -1.47
CA PRO A 79 -6.06 4.39 -1.69
C PRO A 79 -5.98 5.18 -0.40
N LYS A 80 -4.91 5.96 -0.29
CA LYS A 80 -4.68 6.88 0.79
C LYS A 80 -5.91 7.78 0.99
N ASP A 81 -6.48 8.20 -0.13
CA ASP A 81 -7.72 8.98 -0.16
C ASP A 81 -8.83 8.36 0.68
N LEU A 82 -8.79 7.06 0.87
CA LEU A 82 -9.87 6.35 1.52
C LEU A 82 -9.63 6.22 3.03
N ILE A 83 -8.54 6.82 3.51
CA ILE A 83 -8.30 6.89 4.95
C ILE A 83 -7.88 8.30 5.36
N GLN A 84 -7.81 8.51 6.66
CA GLN A 84 -7.38 9.76 7.24
C GLN A 84 -6.29 9.51 8.27
N VAL A 85 -5.21 10.29 8.17
CA VAL A 85 -4.16 10.27 9.16
C VAL A 85 -4.72 10.62 10.53
N VAL A 86 -4.68 9.65 11.42
CA VAL A 86 -5.24 9.84 12.76
C VAL A 86 -4.12 10.27 13.69
N HIS A 87 -2.91 10.07 13.21
CA HIS A 87 -1.71 10.47 13.96
C HIS A 87 -0.48 10.45 13.06
N GLU A 88 0.38 11.45 13.23
CA GLU A 88 1.61 11.55 12.46
C GLU A 88 2.82 11.25 13.33
N TYR A 89 3.52 10.15 13.06
CA TYR A 89 4.80 9.91 13.72
C TYR A 89 5.89 10.77 13.10
N THR A 90 5.77 11.00 11.81
CA THR A 90 6.76 11.73 11.08
C THR A 90 6.23 12.09 9.69
N LYS A 91 6.72 13.19 9.15
CA LYS A 91 6.39 13.58 7.79
C LYS A 91 7.56 13.22 6.87
N GLU A 92 8.35 12.26 7.33
CA GLU A 92 9.52 11.82 6.57
C GLU A 92 9.09 10.96 5.39
N GLU A 93 9.84 11.07 4.29
CA GLU A 93 9.57 10.29 3.11
C GLU A 93 10.86 9.80 2.48
N LEU A 94 11.32 8.66 2.98
CA LEU A 94 12.51 8.02 2.43
C LEU A 94 12.12 7.19 1.23
N GLN A 95 12.88 7.32 0.15
CA GLN A 95 12.56 6.61 -1.07
C GLN A 95 13.29 5.28 -1.09
N VAL A 96 12.55 4.24 -0.75
CA VAL A 96 13.06 2.88 -0.78
C VAL A 96 12.51 2.18 -2.02
N PRO A 97 13.36 1.53 -2.83
CA PRO A 97 12.93 0.86 -4.05
C PRO A 97 12.31 -0.50 -3.79
N THR A 98 11.49 -0.95 -4.73
CA THR A 98 10.87 -2.26 -4.65
C THR A 98 11.41 -3.16 -5.76
N ASP A 99 11.20 -4.45 -5.63
CA ASP A 99 11.44 -5.36 -6.74
C ASP A 99 10.14 -5.61 -7.46
N GLU A 100 10.21 -5.93 -8.74
CA GLU A 100 9.02 -6.13 -9.53
C GLU A 100 8.27 -7.40 -9.16
N THR A 101 8.99 -8.46 -8.81
CA THR A 101 8.35 -9.74 -8.57
C THR A 101 8.81 -10.43 -7.29
N ASP A 102 9.63 -9.77 -6.48
CA ASP A 102 10.09 -10.35 -5.22
C ASP A 102 8.90 -10.65 -4.30
N PHE A 103 7.80 -9.95 -4.56
CA PHE A 103 6.58 -10.09 -3.77
C PHE A 103 5.36 -9.95 -4.69
N VAL A 104 4.94 -11.06 -5.27
CA VAL A 104 3.82 -11.08 -6.19
C VAL A 104 2.82 -12.16 -5.79
N CYS A 105 1.55 -11.91 -6.08
CA CYS A 105 0.49 -12.86 -5.76
C CYS A 105 0.42 -13.98 -6.80
N PHE A 106 0.34 -15.21 -6.31
CA PHE A 106 0.17 -16.36 -7.17
C PHE A 106 -1.20 -16.98 -6.96
N ASP A 107 -1.50 -18.04 -7.68
CA ASP A 107 -2.79 -18.71 -7.54
C ASP A 107 -2.79 -19.57 -6.27
N GLY A 108 -3.94 -19.66 -5.63
CA GLY A 108 -4.02 -20.41 -4.39
C GLY A 108 -3.69 -19.54 -3.19
N GLY A 109 -3.75 -18.23 -3.41
CA GLY A 109 -3.44 -17.28 -2.37
C GLY A 109 -4.66 -16.98 -1.51
N ARG A 110 -4.80 -15.73 -1.12
CA ARG A 110 -5.92 -15.35 -0.26
C ARG A 110 -7.09 -14.89 -1.10
N ASP A 111 -8.21 -15.58 -0.96
CA ASP A 111 -9.44 -15.19 -1.62
C ASP A 111 -10.34 -14.46 -0.64
N ASP A 112 -9.75 -14.00 0.46
CA ASP A 112 -10.49 -13.28 1.48
C ASP A 112 -10.94 -11.93 0.96
N MET A 1 3.29 -1.11 -28.73
CA MET A 1 3.39 -1.38 -27.27
C MET A 1 4.82 -1.18 -26.76
N PRO A 2 5.86 -1.81 -27.36
CA PRO A 2 7.25 -1.54 -26.99
C PRO A 2 7.57 -0.06 -27.12
N GLY A 3 8.35 0.46 -26.19
CA GLY A 3 8.67 1.88 -26.19
C GLY A 3 7.83 2.63 -25.18
N GLN A 4 6.62 2.17 -24.96
CA GLN A 4 5.74 2.74 -23.95
C GLN A 4 5.64 1.83 -22.75
N LEU A 5 6.10 2.30 -21.61
CA LEU A 5 6.08 1.51 -20.40
C LEU A 5 4.67 1.43 -19.83
N ASP A 6 4.08 0.25 -19.90
CA ASP A 6 2.73 0.03 -19.42
C ASP A 6 2.74 -0.15 -17.90
N PRO A 7 1.96 0.69 -17.21
CA PRO A 7 1.90 0.72 -15.73
C PRO A 7 1.49 -0.61 -15.12
N SER A 8 0.65 -1.36 -15.82
CA SER A 8 0.16 -2.63 -15.32
C SER A 8 1.15 -3.74 -15.63
N THR A 9 1.68 -3.72 -16.84
CA THR A 9 2.65 -4.72 -17.25
C THR A 9 4.05 -4.15 -17.19
N GLY A 10 4.51 -3.99 -15.97
CA GLY A 10 5.79 -3.40 -15.74
C GLY A 10 6.18 -3.45 -14.28
N ARG A 11 5.88 -2.38 -13.56
CA ARG A 11 6.17 -2.32 -12.14
C ARG A 11 4.89 -2.45 -11.33
N ARG A 12 5.03 -2.43 -10.02
CA ARG A 12 3.90 -2.53 -9.12
C ARG A 12 3.38 -1.13 -8.77
N PHE A 13 2.92 -0.97 -7.54
CA PHE A 13 2.49 0.33 -7.04
C PHE A 13 3.67 1.30 -7.00
N SER A 14 3.81 2.10 -8.06
CA SER A 14 4.91 3.06 -8.19
C SER A 14 6.25 2.33 -8.32
N GLU A 15 7.26 3.05 -8.78
CA GLU A 15 8.60 2.47 -8.91
C GLU A 15 9.38 2.69 -7.63
N HIS A 16 8.89 3.60 -6.79
CA HIS A 16 9.54 3.93 -5.53
C HIS A 16 8.49 4.21 -4.47
N LYS A 17 8.70 3.71 -3.26
CA LYS A 17 7.78 3.97 -2.18
C LYS A 17 8.47 4.78 -1.08
N LEU A 18 7.70 5.63 -0.42
CA LEU A 18 8.22 6.54 0.58
C LEU A 18 7.93 6.00 1.96
N CYS A 19 8.96 5.71 2.71
CA CYS A 19 8.79 5.04 3.99
C CYS A 19 9.35 5.87 5.14
N ALA A 20 8.83 5.61 6.35
CA ALA A 20 9.33 6.23 7.58
C ALA A 20 10.64 5.59 8.01
N ASP A 21 11.05 4.64 7.23
CA ASP A 21 12.23 3.84 7.47
C ASP A 21 12.64 3.18 6.17
N ASP A 22 13.94 3.02 5.94
CA ASP A 22 14.43 2.53 4.65
C ASP A 22 14.11 1.04 4.47
N GLU A 23 13.66 0.40 5.54
CA GLU A 23 13.18 -0.97 5.46
C GLU A 23 11.66 -0.97 5.47
N CYS A 24 11.13 0.24 5.64
CA CYS A 24 9.71 0.49 5.76
C CYS A 24 9.13 -0.29 6.93
N SER A 25 9.94 -0.47 7.95
CA SER A 25 9.55 -1.27 9.11
C SER A 25 9.04 -0.37 10.25
N MET A 26 9.02 0.94 10.01
CA MET A 26 8.55 1.88 11.01
C MET A 26 7.35 2.64 10.49
N LEU A 27 6.44 2.97 11.38
CA LEU A 27 5.22 3.68 11.03
C LEU A 27 5.48 5.14 10.77
N MET A 28 4.77 5.68 9.80
CA MET A 28 4.87 7.10 9.48
C MET A 28 3.63 7.81 9.99
N TYR A 29 2.48 7.20 9.81
CA TYR A 29 1.24 7.75 10.34
C TYR A 29 0.39 6.63 10.92
N ARG A 30 -0.51 7.01 11.78
CA ARG A 30 -1.60 6.15 12.17
C ARG A 30 -2.82 6.69 11.45
N GLY A 31 -3.69 5.82 10.99
CA GLY A 31 -4.80 6.26 10.19
C GLY A 31 -6.11 5.61 10.57
N GLU A 32 -7.17 6.12 9.99
CA GLU A 32 -8.47 5.52 10.15
C GLU A 32 -9.08 5.36 8.78
N ALA A 33 -9.78 4.28 8.56
CA ALA A 33 -10.43 4.07 7.28
C ALA A 33 -11.52 5.10 7.12
N LEU A 34 -11.49 5.80 6.02
CA LEU A 34 -12.34 6.94 5.80
C LEU A 34 -13.52 6.55 4.92
N GLU A 35 -13.35 5.46 4.19
CA GLU A 35 -14.32 5.03 3.22
C GLU A 35 -14.40 3.51 3.24
N ASP A 36 -15.52 2.99 2.79
CA ASP A 36 -15.70 1.54 2.67
C ASP A 36 -14.92 1.05 1.46
N PHE A 37 -14.34 -0.13 1.57
CA PHE A 37 -13.41 -0.61 0.56
C PHE A 37 -13.15 -2.12 0.65
N THR A 38 -12.72 -2.69 -0.45
CA THR A 38 -12.35 -4.10 -0.52
C THR A 38 -11.03 -4.26 -1.27
N GLY A 39 -10.21 -5.20 -0.84
CA GLY A 39 -8.94 -5.44 -1.49
C GLY A 39 -8.79 -6.86 -1.98
N PRO A 40 -9.42 -7.21 -3.10
CA PRO A 40 -9.46 -8.58 -3.60
C PRO A 40 -8.39 -8.88 -4.64
N ASP A 41 -7.68 -7.84 -5.04
CA ASP A 41 -6.72 -7.93 -6.16
C ASP A 41 -5.56 -8.87 -5.87
N CYS A 42 -5.30 -9.13 -4.57
CA CYS A 42 -4.30 -10.08 -4.06
C CYS A 42 -3.47 -9.47 -2.94
N ARG A 43 -3.20 -8.17 -3.00
CA ARG A 43 -2.36 -7.52 -1.99
C ARG A 43 -2.98 -6.22 -1.51
N PHE A 44 -4.14 -5.90 -2.03
CA PHE A 44 -4.89 -4.73 -1.59
C PHE A 44 -5.43 -4.93 -0.19
N VAL A 45 -5.67 -3.83 0.49
CA VAL A 45 -6.17 -3.84 1.84
C VAL A 45 -7.68 -3.65 1.87
N ASN A 46 -8.37 -4.54 2.58
CA ASN A 46 -9.78 -4.36 2.84
C ASN A 46 -9.94 -3.62 4.15
N PHE A 47 -10.88 -2.72 4.16
CA PHE A 47 -11.26 -1.95 5.32
C PHE A 47 -12.55 -1.21 5.02
N LYS A 48 -13.08 -0.51 5.99
CA LYS A 48 -14.21 0.34 5.74
C LYS A 48 -14.22 1.49 6.73
N LYS A 49 -14.93 2.57 6.40
CA LYS A 49 -14.93 3.77 7.22
C LYS A 49 -15.15 3.46 8.69
N GLY A 50 -14.17 3.82 9.51
CA GLY A 50 -14.23 3.55 10.93
C GLY A 50 -13.20 2.53 11.38
N ASP A 51 -12.60 1.84 10.42
CA ASP A 51 -11.58 0.83 10.69
C ASP A 51 -10.23 1.47 10.97
N PRO A 52 -9.71 1.30 12.20
CA PRO A 52 -8.37 1.77 12.57
C PRO A 52 -7.27 1.04 11.81
N VAL A 53 -6.34 1.79 11.23
CA VAL A 53 -5.25 1.21 10.45
C VAL A 53 -3.94 1.97 10.65
N TYR A 54 -2.84 1.26 10.54
CA TYR A 54 -1.52 1.86 10.65
C TYR A 54 -0.85 1.91 9.29
N VAL A 55 -0.39 3.09 8.90
CA VAL A 55 0.22 3.28 7.60
C VAL A 55 1.74 3.33 7.74
N TYR A 56 2.39 2.32 7.17
CA TYR A 56 3.84 2.19 7.27
C TYR A 56 4.55 3.06 6.26
N TYR A 57 3.99 3.15 5.06
CA TYR A 57 4.64 3.90 4.00
C TYR A 57 3.67 4.35 2.92
N LYS A 58 4.19 5.12 1.98
CA LYS A 58 3.40 5.75 0.93
C LYS A 58 4.05 5.49 -0.42
N LEU A 59 3.36 5.86 -1.50
CA LEU A 59 3.99 5.82 -2.83
C LEU A 59 4.66 7.16 -3.10
N ALA A 60 5.78 7.13 -3.81
CA ALA A 60 6.50 8.35 -4.15
C ALA A 60 5.80 9.08 -5.29
N ARG A 61 4.82 9.91 -4.93
CA ARG A 61 4.08 10.72 -5.90
C ARG A 61 3.42 9.82 -6.95
N GLY A 62 2.29 9.21 -6.60
CA GLY A 62 1.68 8.26 -7.49
C GLY A 62 0.17 8.36 -7.51
N TRP A 63 -0.40 8.22 -8.70
CA TRP A 63 -1.83 8.14 -8.85
C TRP A 63 -2.23 6.78 -9.41
N PRO A 64 -3.25 6.13 -8.83
CA PRO A 64 -3.98 6.65 -7.67
C PRO A 64 -3.11 6.72 -6.43
N GLU A 65 -3.34 7.75 -5.63
CA GLU A 65 -2.66 7.94 -4.35
C GLU A 65 -2.85 6.72 -3.46
N VAL A 66 -1.78 6.02 -3.22
CA VAL A 66 -1.81 4.77 -2.49
C VAL A 66 -0.82 4.75 -1.34
N TRP A 67 -1.27 4.18 -0.24
CA TRP A 67 -0.45 3.94 0.93
C TRP A 67 -0.50 2.46 1.25
N ALA A 68 0.24 2.01 2.25
CA ALA A 68 0.21 0.62 2.63
C ALA A 68 0.38 0.44 4.13
N GLY A 69 -0.29 -0.57 4.67
CA GLY A 69 -0.22 -0.86 6.08
C GLY A 69 -1.15 -1.98 6.47
N SER A 70 -1.41 -2.11 7.76
CA SER A 70 -2.28 -3.16 8.24
C SER A 70 -3.53 -2.59 8.88
N VAL A 71 -4.67 -3.20 8.60
CA VAL A 71 -5.95 -2.77 9.15
C VAL A 71 -6.62 -3.92 9.89
N GLY A 72 -6.23 -4.11 11.13
CA GLY A 72 -6.83 -5.17 11.94
C GLY A 72 -6.45 -6.56 11.48
N ARG A 73 -6.98 -6.95 10.32
CA ARG A 73 -6.80 -8.30 9.81
C ARG A 73 -6.20 -8.30 8.41
N THR A 74 -6.08 -7.12 7.82
CA THR A 74 -5.59 -6.99 6.46
C THR A 74 -4.24 -6.30 6.42
N PHE A 75 -3.48 -6.61 5.39
CA PHE A 75 -2.18 -5.98 5.17
C PHE A 75 -1.85 -5.93 3.69
N GLY A 76 -1.49 -4.76 3.21
CA GLY A 76 -1.14 -4.59 1.81
C GLY A 76 -1.19 -3.14 1.40
N TYR A 77 -1.60 -2.88 0.17
CA TYR A 77 -1.68 -1.51 -0.33
C TYR A 77 -3.13 -1.07 -0.51
N PHE A 78 -3.35 0.25 -0.52
CA PHE A 78 -4.70 0.81 -0.64
C PHE A 78 -4.63 2.31 -0.93
N PRO A 79 -5.70 2.89 -1.50
CA PRO A 79 -5.75 4.32 -1.81
C PRO A 79 -5.81 5.15 -0.54
N LYS A 80 -4.85 6.06 -0.41
CA LYS A 80 -4.74 6.91 0.76
C LYS A 80 -6.00 7.75 0.91
N ASP A 81 -6.55 8.11 -0.23
CA ASP A 81 -7.85 8.79 -0.34
C ASP A 81 -8.93 8.12 0.51
N LEU A 82 -8.79 6.83 0.71
CA LEU A 82 -9.83 6.06 1.37
C LEU A 82 -9.61 5.97 2.87
N ILE A 83 -8.59 6.69 3.37
CA ILE A 83 -8.41 6.81 4.81
C ILE A 83 -8.02 8.23 5.21
N GLN A 84 -7.84 8.42 6.50
CA GLN A 84 -7.43 9.68 7.06
C GLN A 84 -6.40 9.46 8.17
N VAL A 85 -5.28 10.16 8.06
CA VAL A 85 -4.26 10.17 9.08
C VAL A 85 -4.81 10.69 10.42
N VAL A 86 -4.75 9.88 11.45
CA VAL A 86 -5.22 10.32 12.74
C VAL A 86 -4.06 10.83 13.57
N HIS A 87 -2.87 10.51 13.13
CA HIS A 87 -1.66 10.93 13.84
C HIS A 87 -0.41 10.62 13.02
N GLU A 88 0.61 11.46 13.15
CA GLU A 88 1.85 11.30 12.40
C GLU A 88 3.00 10.95 13.34
N TYR A 89 3.67 9.84 13.08
CA TYR A 89 4.90 9.52 13.82
C TYR A 89 6.08 10.31 13.28
N THR A 90 6.02 10.65 12.01
CA THR A 90 7.10 11.32 11.35
C THR A 90 6.65 11.85 9.99
N LYS A 91 7.27 12.92 9.55
CA LYS A 91 7.01 13.45 8.22
C LYS A 91 8.14 13.03 7.30
N GLU A 92 8.91 12.04 7.74
CA GLU A 92 10.11 11.65 7.01
C GLU A 92 9.74 10.76 5.82
N GLU A 93 10.44 10.95 4.71
CA GLU A 93 10.12 10.24 3.49
C GLU A 93 11.36 9.64 2.88
N LEU A 94 11.61 8.40 3.23
CA LEU A 94 12.71 7.67 2.64
C LEU A 94 12.24 6.98 1.39
N GLN A 95 12.99 7.13 0.32
CA GLN A 95 12.58 6.55 -0.94
C GLN A 95 13.21 5.18 -1.11
N VAL A 96 12.40 4.18 -0.84
CA VAL A 96 12.80 2.79 -0.96
C VAL A 96 12.14 2.20 -2.21
N PRO A 97 12.95 1.72 -3.17
CA PRO A 97 12.44 1.14 -4.42
C PRO A 97 11.48 -0.01 -4.21
N THR A 98 10.59 -0.17 -5.16
CA THR A 98 9.66 -1.29 -5.17
C THR A 98 10.20 -2.40 -6.07
N ASP A 99 9.99 -3.65 -5.70
CA ASP A 99 10.46 -4.75 -6.53
C ASP A 99 9.39 -5.09 -7.55
N GLU A 100 9.80 -5.65 -8.67
CA GLU A 100 8.87 -5.99 -9.71
C GLU A 100 7.97 -7.16 -9.29
N THR A 101 8.57 -8.23 -8.81
CA THR A 101 7.83 -9.45 -8.56
C THR A 101 7.67 -9.76 -7.08
N ASP A 102 8.10 -8.86 -6.20
CA ASP A 102 7.93 -9.09 -4.77
C ASP A 102 6.48 -8.91 -4.36
N PHE A 103 5.65 -8.45 -5.30
CA PHE A 103 4.25 -8.15 -5.02
C PHE A 103 3.36 -8.61 -6.17
N VAL A 104 3.70 -9.75 -6.75
CA VAL A 104 2.94 -10.28 -7.89
C VAL A 104 2.01 -11.39 -7.44
N CYS A 105 0.97 -11.61 -8.22
CA CYS A 105 -0.03 -12.62 -7.90
C CYS A 105 -0.61 -13.21 -9.19
N PHE A 106 -0.38 -14.50 -9.41
CA PHE A 106 -0.89 -15.15 -10.60
C PHE A 106 -2.33 -15.58 -10.42
N ASP A 107 -3.20 -14.60 -10.58
CA ASP A 107 -4.64 -14.77 -10.47
C ASP A 107 -5.30 -13.43 -10.73
N GLY A 108 -5.76 -13.24 -11.96
CA GLY A 108 -6.34 -11.96 -12.34
C GLY A 108 -5.29 -10.98 -12.80
N GLY A 109 -4.12 -11.49 -13.18
CA GLY A 109 -3.04 -10.66 -13.65
C GLY A 109 -3.08 -10.45 -15.14
N ARG A 110 -1.93 -10.23 -15.75
CA ARG A 110 -1.86 -9.97 -17.17
C ARG A 110 -1.31 -11.17 -17.93
N ASP A 111 -1.77 -11.34 -19.16
CA ASP A 111 -1.24 -12.39 -20.03
C ASP A 111 -0.40 -11.78 -21.12
N ASP A 112 0.13 -10.60 -20.86
CA ASP A 112 0.96 -9.89 -21.83
C ASP A 112 2.37 -10.47 -21.81
N MET A 1 -2.29 3.25 -20.83
CA MET A 1 -2.15 1.78 -20.82
C MET A 1 -0.79 1.39 -20.24
N PRO A 2 -0.67 1.36 -18.90
CA PRO A 2 0.59 1.12 -18.22
C PRO A 2 0.93 -0.37 -18.09
N GLY A 3 0.99 -1.06 -19.21
CA GLY A 3 1.35 -2.47 -19.19
C GLY A 3 0.18 -3.38 -18.91
N GLN A 4 -0.84 -3.29 -19.76
CA GLN A 4 -2.03 -4.15 -19.67
C GLN A 4 -2.70 -4.06 -18.30
N LEU A 5 -3.40 -2.97 -18.05
CA LEU A 5 -4.09 -2.78 -16.78
C LEU A 5 -5.45 -3.46 -16.82
N ASP A 6 -5.48 -4.73 -16.44
CA ASP A 6 -6.73 -5.47 -16.30
C ASP A 6 -7.39 -5.04 -15.00
N PRO A 7 -8.68 -4.64 -15.06
CA PRO A 7 -9.40 -4.06 -13.91
C PRO A 7 -9.47 -4.99 -12.71
N SER A 8 -9.41 -6.29 -12.95
CA SER A 8 -9.50 -7.26 -11.89
C SER A 8 -8.13 -7.53 -11.26
N THR A 9 -7.08 -6.96 -11.85
CA THR A 9 -5.72 -7.21 -11.38
C THR A 9 -5.04 -5.94 -10.93
N GLY A 10 -4.32 -6.04 -9.83
CA GLY A 10 -3.53 -4.93 -9.37
C GLY A 10 -2.07 -5.11 -9.72
N ARG A 11 -1.45 -4.04 -10.18
CA ARG A 11 -0.03 -4.08 -10.52
C ARG A 11 0.77 -3.59 -9.34
N ARG A 12 1.95 -3.05 -9.58
CA ARG A 12 2.73 -2.49 -8.49
C ARG A 12 2.32 -1.05 -8.23
N PHE A 13 2.84 -0.51 -7.14
CA PHE A 13 2.46 0.82 -6.70
C PHE A 13 3.65 1.77 -6.78
N SER A 14 3.85 2.33 -7.97
CA SER A 14 4.95 3.25 -8.23
C SER A 14 6.29 2.50 -8.23
N GLU A 15 7.28 3.08 -8.92
CA GLU A 15 8.59 2.47 -9.04
C GLU A 15 9.37 2.62 -7.74
N HIS A 16 8.93 3.57 -6.92
CA HIS A 16 9.58 3.82 -5.64
C HIS A 16 8.53 4.12 -4.58
N LYS A 17 8.79 3.68 -3.36
CA LYS A 17 7.88 3.89 -2.25
C LYS A 17 8.56 4.76 -1.19
N LEU A 18 7.78 5.52 -0.47
CA LEU A 18 8.29 6.42 0.52
C LEU A 18 8.03 5.87 1.91
N CYS A 19 9.06 5.74 2.72
CA CYS A 19 8.90 5.11 4.02
C CYS A 19 9.47 5.99 5.12
N ALA A 20 9.02 5.76 6.36
CA ALA A 20 9.55 6.46 7.53
C ALA A 20 10.98 6.01 7.80
N ASP A 21 11.35 4.95 7.14
CA ASP A 21 12.65 4.32 7.30
C ASP A 21 13.06 3.69 5.99
N ASP A 22 14.35 3.69 5.71
CA ASP A 22 14.88 3.16 4.46
C ASP A 22 14.62 1.65 4.28
N GLU A 23 14.26 0.99 5.37
CA GLU A 23 13.88 -0.43 5.31
C GLU A 23 12.38 -0.55 5.41
N CYS A 24 11.74 0.61 5.58
CA CYS A 24 10.29 0.73 5.74
C CYS A 24 9.82 -0.09 6.94
N SER A 25 10.68 -0.20 7.94
CA SER A 25 10.36 -1.01 9.11
C SER A 25 9.67 -0.17 10.19
N MET A 26 9.71 1.14 10.02
CA MET A 26 9.12 2.03 11.01
C MET A 26 7.81 2.60 10.49
N LEU A 27 6.81 2.57 11.34
CA LEU A 27 5.52 3.16 11.03
C LEU A 27 5.64 4.64 10.76
N MET A 28 4.93 5.09 9.74
CA MET A 28 4.96 6.49 9.35
C MET A 28 3.84 7.22 10.06
N TYR A 29 2.62 6.85 9.71
CA TYR A 29 1.46 7.47 10.29
C TYR A 29 0.51 6.40 10.81
N ARG A 30 -0.50 6.83 11.52
CA ARG A 30 -1.63 5.99 11.86
C ARG A 30 -2.86 6.63 11.24
N GLY A 31 -3.73 5.83 10.64
CA GLY A 31 -4.82 6.39 9.90
C GLY A 31 -6.14 5.77 10.24
N GLU A 32 -7.20 6.32 9.71
CA GLU A 32 -8.51 5.76 9.87
C GLU A 32 -9.19 5.74 8.52
N ALA A 33 -9.90 4.68 8.23
CA ALA A 33 -10.59 4.58 6.98
C ALA A 33 -11.91 5.33 7.08
N LEU A 34 -12.12 6.25 6.18
CA LEU A 34 -13.33 7.06 6.20
C LEU A 34 -14.30 6.58 5.14
N GLU A 35 -13.84 5.62 4.40
CA GLU A 35 -14.60 5.05 3.32
C GLU A 35 -14.65 3.53 3.45
N ASP A 36 -15.78 2.97 3.05
CA ASP A 36 -15.98 1.52 3.05
C ASP A 36 -15.28 0.94 1.83
N PHE A 37 -14.57 -0.18 1.95
CA PHE A 37 -13.74 -0.64 0.84
C PHE A 37 -13.22 -2.07 1.01
N THR A 38 -13.19 -2.79 -0.11
CA THR A 38 -12.58 -4.11 -0.17
C THR A 38 -11.63 -4.19 -1.37
N GLY A 39 -10.45 -4.74 -1.13
CA GLY A 39 -9.53 -5.00 -2.20
C GLY A 39 -9.34 -6.50 -2.42
N PRO A 40 -9.98 -7.05 -3.46
CA PRO A 40 -9.97 -8.50 -3.75
C PRO A 40 -8.66 -8.95 -4.40
N ASP A 41 -7.81 -7.97 -4.63
CA ASP A 41 -6.56 -8.17 -5.38
C ASP A 41 -5.50 -8.89 -4.54
N CYS A 42 -5.93 -9.53 -3.46
CA CYS A 42 -5.07 -10.37 -2.63
C CYS A 42 -4.10 -9.58 -1.76
N ARG A 43 -3.47 -8.55 -2.32
CA ARG A 43 -2.43 -7.84 -1.60
C ARG A 43 -2.93 -6.48 -1.18
N PHE A 44 -4.23 -6.29 -1.34
CA PHE A 44 -4.88 -5.06 -0.93
C PHE A 44 -5.16 -5.05 0.56
N VAL A 45 -5.37 -3.87 1.09
CA VAL A 45 -5.83 -3.71 2.44
C VAL A 45 -7.32 -3.42 2.43
N ASN A 46 -8.06 -4.20 3.21
CA ASN A 46 -9.48 -3.97 3.34
C ASN A 46 -9.75 -3.22 4.62
N PHE A 47 -10.76 -2.41 4.56
CA PHE A 47 -11.16 -1.56 5.67
C PHE A 47 -12.51 -0.94 5.37
N LYS A 48 -13.05 -0.17 6.29
CA LYS A 48 -14.24 0.59 6.00
C LYS A 48 -14.28 1.84 6.85
N LYS A 49 -15.24 2.71 6.57
CA LYS A 49 -15.37 3.95 7.30
C LYS A 49 -15.53 3.69 8.81
N GLY A 50 -14.56 4.17 9.58
CA GLY A 50 -14.55 3.97 11.01
C GLY A 50 -13.56 2.89 11.45
N ASP A 51 -12.72 2.44 10.52
CA ASP A 51 -11.76 1.39 10.81
C ASP A 51 -10.34 1.97 10.90
N PRO A 52 -9.73 1.92 12.09
CA PRO A 52 -8.36 2.38 12.30
C PRO A 52 -7.34 1.52 11.55
N VAL A 53 -6.51 2.17 10.74
CA VAL A 53 -5.51 1.49 9.93
C VAL A 53 -4.12 2.02 10.26
N TYR A 54 -3.10 1.23 10.00
CA TYR A 54 -1.72 1.65 10.20
C TYR A 54 -1.02 1.84 8.87
N VAL A 55 -0.29 2.94 8.72
CA VAL A 55 0.37 3.23 7.47
C VAL A 55 1.89 3.06 7.62
N TYR A 56 2.42 2.02 6.98
CA TYR A 56 3.84 1.70 7.07
C TYR A 56 4.66 2.50 6.07
N TYR A 57 4.09 2.73 4.89
CA TYR A 57 4.77 3.51 3.87
C TYR A 57 3.81 4.00 2.80
N LYS A 58 4.31 4.91 1.97
CA LYS A 58 3.51 5.57 0.95
C LYS A 58 4.16 5.41 -0.43
N LEU A 59 3.48 5.86 -1.46
CA LEU A 59 4.06 5.88 -2.81
C LEU A 59 4.82 7.18 -3.03
N ALA A 60 5.89 7.12 -3.81
CA ALA A 60 6.70 8.30 -4.10
C ALA A 60 6.05 9.18 -5.15
N ARG A 61 5.03 9.93 -4.71
CA ARG A 61 4.33 10.91 -5.55
C ARG A 61 3.72 10.23 -6.78
N GLY A 62 2.58 9.59 -6.62
CA GLY A 62 1.99 8.87 -7.72
C GLY A 62 0.52 8.60 -7.53
N TRP A 63 -0.28 8.98 -8.51
CA TRP A 63 -1.70 8.69 -8.51
C TRP A 63 -1.95 7.36 -9.24
N PRO A 64 -2.87 6.53 -8.74
CA PRO A 64 -3.70 6.84 -7.57
C PRO A 64 -2.90 6.83 -6.27
N GLU A 65 -3.12 7.86 -5.46
CA GLU A 65 -2.46 7.97 -4.17
C GLU A 65 -2.79 6.75 -3.32
N VAL A 66 -1.77 5.96 -3.09
CA VAL A 66 -1.89 4.70 -2.39
C VAL A 66 -0.90 4.61 -1.25
N TRP A 67 -1.34 3.99 -0.17
CA TRP A 67 -0.48 3.73 0.98
C TRP A 67 -0.51 2.25 1.30
N ALA A 68 0.35 1.79 2.18
CA ALA A 68 0.39 0.40 2.56
C ALA A 68 0.54 0.23 4.05
N GLY A 69 -0.13 -0.77 4.60
CA GLY A 69 -0.06 -1.02 6.03
C GLY A 69 -0.87 -2.22 6.45
N SER A 70 -1.16 -2.30 7.74
CA SER A 70 -1.86 -3.45 8.29
C SER A 70 -3.14 -3.00 8.98
N VAL A 71 -4.21 -3.76 8.77
CA VAL A 71 -5.49 -3.44 9.37
C VAL A 71 -6.19 -4.70 9.85
N GLY A 72 -5.87 -5.12 11.06
CA GLY A 72 -6.50 -6.28 11.66
C GLY A 72 -6.04 -7.58 11.05
N ARG A 73 -6.53 -7.87 9.86
CA ARG A 73 -6.24 -9.14 9.20
C ARG A 73 -5.61 -8.92 7.83
N THR A 74 -5.73 -7.71 7.31
CA THR A 74 -5.26 -7.42 5.97
C THR A 74 -4.02 -6.54 5.98
N PHE A 75 -3.05 -6.94 5.19
CA PHE A 75 -1.80 -6.21 5.04
C PHE A 75 -1.44 -6.13 3.56
N GLY A 76 -1.20 -4.92 3.09
CA GLY A 76 -0.87 -4.71 1.70
C GLY A 76 -1.05 -3.27 1.29
N TYR A 77 -1.54 -3.05 0.07
CA TYR A 77 -1.68 -1.71 -0.47
C TYR A 77 -3.14 -1.28 -0.50
N PHE A 78 -3.38 0.03 -0.51
CA PHE A 78 -4.74 0.57 -0.55
C PHE A 78 -4.72 2.06 -0.91
N PRO A 79 -5.83 2.60 -1.43
CA PRO A 79 -5.90 4.01 -1.80
C PRO A 79 -5.98 4.91 -0.59
N LYS A 80 -4.94 5.74 -0.47
CA LYS A 80 -4.86 6.74 0.58
C LYS A 80 -6.11 7.60 0.61
N ASP A 81 -6.60 7.91 -0.58
CA ASP A 81 -7.86 8.65 -0.77
C ASP A 81 -8.99 8.10 0.10
N LEU A 82 -8.92 6.83 0.43
CA LEU A 82 -10.00 6.18 1.16
C LEU A 82 -9.76 6.19 2.67
N ILE A 83 -8.64 6.77 3.10
CA ILE A 83 -8.42 6.93 4.53
C ILE A 83 -7.98 8.36 4.86
N GLN A 84 -7.84 8.61 6.15
CA GLN A 84 -7.37 9.86 6.67
C GLN A 84 -6.36 9.59 7.79
N VAL A 85 -5.21 10.25 7.73
CA VAL A 85 -4.25 10.19 8.79
C VAL A 85 -4.87 10.66 10.10
N VAL A 86 -4.88 9.79 11.09
CA VAL A 86 -5.53 10.10 12.35
C VAL A 86 -4.48 10.60 13.32
N HIS A 87 -3.25 10.35 12.95
CA HIS A 87 -2.09 10.76 13.72
C HIS A 87 -0.83 10.26 13.03
N GLU A 88 0.31 10.87 13.28
CA GLU A 88 1.52 10.43 12.59
C GLU A 88 2.70 10.31 13.54
N TYR A 89 3.50 9.26 13.34
CA TYR A 89 4.71 9.04 14.13
C TYR A 89 5.85 9.89 13.64
N THR A 90 5.88 10.11 12.34
CA THR A 90 6.89 10.94 11.72
C THR A 90 6.38 11.48 10.39
N LYS A 91 6.91 12.61 9.99
CA LYS A 91 6.63 13.15 8.66
C LYS A 91 7.84 12.95 7.77
N GLU A 92 8.66 11.97 8.13
CA GLU A 92 9.86 11.66 7.37
C GLU A 92 9.54 10.78 6.18
N GLU A 93 10.26 11.01 5.08
CA GLU A 93 9.96 10.35 3.83
C GLU A 93 11.25 9.89 3.15
N LEU A 94 11.56 8.62 3.31
CA LEU A 94 12.71 8.01 2.65
C LEU A 94 12.25 7.28 1.42
N GLN A 95 12.96 7.47 0.32
CA GLN A 95 12.53 6.90 -0.94
C GLN A 95 13.20 5.57 -1.19
N VAL A 96 12.46 4.52 -0.93
CA VAL A 96 12.94 3.15 -1.12
C VAL A 96 12.31 2.57 -2.39
N PRO A 97 13.08 1.93 -3.28
CA PRO A 97 12.56 1.39 -4.53
C PRO A 97 11.67 0.17 -4.32
N THR A 98 10.79 -0.09 -5.29
CA THR A 98 9.92 -1.25 -5.24
C THR A 98 10.45 -2.35 -6.16
N ASP A 99 10.22 -3.61 -5.80
CA ASP A 99 10.65 -4.72 -6.64
C ASP A 99 9.50 -5.19 -7.52
N GLU A 100 9.82 -5.82 -8.64
CA GLU A 100 8.80 -6.18 -9.61
C GLU A 100 7.85 -7.26 -9.08
N THR A 101 8.41 -8.31 -8.50
CA THR A 101 7.60 -9.40 -7.98
C THR A 101 7.31 -9.23 -6.50
N ASP A 102 7.71 -8.08 -5.97
CA ASP A 102 7.61 -7.78 -4.54
C ASP A 102 6.20 -8.07 -4.00
N PHE A 103 5.18 -7.73 -4.79
CA PHE A 103 3.80 -7.96 -4.39
C PHE A 103 3.03 -8.60 -5.53
N VAL A 104 3.22 -9.91 -5.70
CA VAL A 104 2.52 -10.64 -6.75
C VAL A 104 1.67 -11.77 -6.17
N CYS A 105 0.38 -11.69 -6.43
CA CYS A 105 -0.57 -12.70 -5.98
C CYS A 105 -1.77 -12.71 -6.90
N PHE A 106 -1.92 -13.78 -7.67
CA PHE A 106 -2.96 -13.84 -8.68
C PHE A 106 -3.72 -15.16 -8.60
N ASP A 107 -5.03 -15.06 -8.49
CA ASP A 107 -5.90 -16.24 -8.48
C ASP A 107 -6.95 -16.11 -9.58
N GLY A 108 -6.69 -16.75 -10.70
CA GLY A 108 -7.58 -16.64 -11.84
C GLY A 108 -7.45 -15.28 -12.52
N GLY A 109 -6.30 -14.65 -12.28
CA GLY A 109 -6.07 -13.31 -12.81
C GLY A 109 -5.41 -13.34 -14.16
N ARG A 110 -4.50 -12.41 -14.38
CA ARG A 110 -3.79 -12.33 -15.65
C ARG A 110 -2.38 -12.89 -15.50
N ASP A 111 -1.90 -13.54 -16.55
CA ASP A 111 -0.53 -14.02 -16.60
C ASP A 111 0.37 -12.89 -17.11
N ASP A 112 -0.28 -11.87 -17.65
CA ASP A 112 0.39 -10.66 -18.10
C ASP A 112 0.38 -9.63 -16.98
N MET A 1 3.91 -8.91 -24.71
CA MET A 1 4.88 -7.80 -24.71
C MET A 1 5.41 -7.56 -23.30
N PRO A 2 6.73 -7.32 -23.17
CA PRO A 2 7.37 -7.09 -21.88
C PRO A 2 6.92 -5.78 -21.24
N GLY A 3 6.75 -5.80 -19.92
CA GLY A 3 6.29 -4.61 -19.22
C GLY A 3 4.82 -4.37 -19.43
N GLN A 4 4.05 -5.45 -19.51
CA GLN A 4 2.62 -5.35 -19.73
C GLN A 4 1.86 -5.29 -18.41
N LEU A 5 1.40 -4.10 -18.05
CA LEU A 5 0.59 -3.95 -16.86
C LEU A 5 -0.85 -4.25 -17.19
N ASP A 6 -1.23 -5.51 -17.05
CA ASP A 6 -2.62 -5.92 -17.24
C ASP A 6 -3.45 -5.47 -16.04
N PRO A 7 -4.61 -4.85 -16.31
CA PRO A 7 -5.48 -4.29 -15.27
C PRO A 7 -5.88 -5.31 -14.20
N SER A 8 -5.96 -6.57 -14.60
CA SER A 8 -6.37 -7.63 -13.69
C SER A 8 -5.18 -8.14 -12.88
N THR A 9 -4.01 -8.20 -13.52
CA THR A 9 -2.82 -8.74 -12.90
C THR A 9 -2.27 -7.83 -11.83
N GLY A 10 -1.54 -8.40 -10.88
CA GLY A 10 -1.02 -7.63 -9.79
C GLY A 10 0.47 -7.42 -9.86
N ARG A 11 0.89 -6.25 -10.32
CA ARG A 11 2.31 -5.91 -10.39
C ARG A 11 2.65 -4.87 -9.31
N ARG A 12 3.76 -4.16 -9.50
CA ARG A 12 4.22 -3.19 -8.51
C ARG A 12 3.33 -1.96 -8.42
N PHE A 13 3.58 -1.16 -7.39
CA PHE A 13 2.89 0.10 -7.17
C PHE A 13 3.86 1.26 -7.32
N SER A 14 3.59 2.14 -8.27
CA SER A 14 4.49 3.25 -8.60
C SER A 14 5.85 2.69 -9.03
N GLU A 15 6.90 3.47 -8.86
CA GLU A 15 8.24 3.01 -9.17
C GLU A 15 9.02 2.77 -7.88
N HIS A 16 8.94 3.75 -6.98
CA HIS A 16 9.63 3.68 -5.71
C HIS A 16 8.64 3.94 -4.58
N LYS A 17 8.95 3.43 -3.39
CA LYS A 17 8.07 3.60 -2.25
C LYS A 17 8.68 4.61 -1.28
N LEU A 18 7.83 5.31 -0.57
CA LEU A 18 8.28 6.27 0.41
C LEU A 18 8.06 5.70 1.80
N CYS A 19 9.13 5.66 2.58
CA CYS A 19 9.10 5.03 3.88
C CYS A 19 9.60 5.97 4.96
N ALA A 20 9.15 5.74 6.19
CA ALA A 20 9.56 6.54 7.34
C ALA A 20 11.03 6.32 7.66
N ASP A 21 11.62 5.38 6.94
CA ASP A 21 12.97 4.95 7.17
C ASP A 21 13.47 4.23 5.93
N ASP A 22 14.76 4.31 5.67
CA ASP A 22 15.36 3.73 4.46
C ASP A 22 15.28 2.20 4.47
N GLU A 23 15.07 1.62 5.64
CA GLU A 23 14.88 0.18 5.74
C GLU A 23 13.39 -0.09 5.65
N CYS A 24 12.63 0.95 5.99
CA CYS A 24 11.19 0.98 5.82
C CYS A 24 10.50 0.00 6.78
N SER A 25 11.11 -0.19 7.94
CA SER A 25 10.56 -1.10 8.94
C SER A 25 9.89 -0.33 10.08
N MET A 26 9.72 0.97 9.91
CA MET A 26 9.11 1.79 10.95
C MET A 26 7.85 2.47 10.42
N LEU A 27 6.80 2.44 11.23
CA LEU A 27 5.55 3.09 10.91
C LEU A 27 5.73 4.55 10.58
N MET A 28 4.99 5.01 9.59
CA MET A 28 5.05 6.40 9.18
C MET A 28 3.94 7.14 9.88
N TYR A 29 2.71 6.75 9.55
CA TYR A 29 1.55 7.36 10.13
C TYR A 29 0.59 6.26 10.59
N ARG A 30 -0.46 6.66 11.27
CA ARG A 30 -1.58 5.80 11.56
C ARG A 30 -2.82 6.46 10.99
N GLY A 31 -3.71 5.68 10.42
CA GLY A 31 -4.84 6.26 9.73
C GLY A 31 -6.15 5.63 10.13
N GLU A 32 -7.23 6.21 9.68
CA GLU A 32 -8.55 5.66 9.90
C GLU A 32 -9.31 5.72 8.59
N ALA A 33 -10.14 4.73 8.35
CA ALA A 33 -10.83 4.62 7.08
C ALA A 33 -12.02 5.56 7.03
N LEU A 34 -12.07 6.41 6.01
CA LEU A 34 -13.19 7.32 5.83
C LEU A 34 -14.08 6.84 4.72
N GLU A 35 -13.84 5.61 4.36
CA GLU A 35 -14.61 4.97 3.33
C GLU A 35 -14.63 3.48 3.51
N ASP A 36 -15.64 2.88 2.91
CA ASP A 36 -15.75 1.43 2.84
C ASP A 36 -15.19 0.95 1.53
N PHE A 37 -14.29 0.01 1.63
CA PHE A 37 -13.47 -0.37 0.50
C PHE A 37 -12.94 -1.78 0.61
N THR A 38 -13.06 -2.52 -0.48
CA THR A 38 -12.43 -3.82 -0.63
C THR A 38 -11.56 -3.82 -1.85
N GLY A 39 -10.30 -4.11 -1.66
CA GLY A 39 -9.41 -4.28 -2.78
C GLY A 39 -9.28 -5.74 -3.18
N PRO A 40 -9.74 -6.09 -4.38
CA PRO A 40 -9.72 -7.49 -4.86
C PRO A 40 -8.39 -7.89 -5.43
N ASP A 41 -7.50 -6.92 -5.49
CA ASP A 41 -6.20 -7.05 -6.16
C ASP A 41 -5.19 -7.90 -5.40
N CYS A 42 -5.67 -8.75 -4.49
CA CYS A 42 -4.84 -9.81 -3.89
C CYS A 42 -4.00 -9.34 -2.70
N ARG A 43 -3.53 -8.10 -2.72
CA ARG A 43 -2.68 -7.60 -1.64
C ARG A 43 -3.18 -6.26 -1.13
N PHE A 44 -4.37 -5.91 -1.55
CA PHE A 44 -5.02 -4.69 -1.09
C PHE A 44 -5.40 -4.78 0.37
N VAL A 45 -5.53 -3.62 0.98
CA VAL A 45 -6.01 -3.52 2.33
C VAL A 45 -7.49 -3.17 2.30
N ASN A 46 -8.30 -3.96 2.98
CA ASN A 46 -9.71 -3.74 3.00
C ASN A 46 -10.12 -3.16 4.34
N PHE A 47 -11.12 -2.33 4.30
CA PHE A 47 -11.59 -1.62 5.49
C PHE A 47 -12.96 -1.00 5.25
N LYS A 48 -13.61 -0.60 6.33
CA LYS A 48 -14.84 0.16 6.26
C LYS A 48 -14.69 1.41 7.12
N LYS A 49 -15.33 2.50 6.69
CA LYS A 49 -15.18 3.79 7.34
C LYS A 49 -15.35 3.70 8.86
N GLY A 50 -14.31 4.10 9.58
CA GLY A 50 -14.31 3.99 11.02
C GLY A 50 -13.28 2.97 11.51
N ASP A 51 -12.61 2.32 10.57
CA ASP A 51 -11.63 1.28 10.88
C ASP A 51 -10.23 1.87 10.96
N PRO A 52 -9.59 1.78 12.13
CA PRO A 52 -8.21 2.22 12.33
C PRO A 52 -7.20 1.35 11.58
N VAL A 53 -6.37 2.00 10.77
CA VAL A 53 -5.33 1.33 10.01
C VAL A 53 -3.97 1.92 10.38
N TYR A 54 -2.91 1.16 10.17
CA TYR A 54 -1.56 1.68 10.39
C TYR A 54 -0.81 1.72 9.06
N VAL A 55 -0.14 2.82 8.79
CA VAL A 55 0.50 3.01 7.50
C VAL A 55 2.03 2.85 7.62
N TYR A 56 2.54 1.78 7.01
CA TYR A 56 3.97 1.46 7.09
C TYR A 56 4.76 2.27 6.08
N TYR A 57 4.18 2.48 4.91
CA TYR A 57 4.84 3.23 3.85
C TYR A 57 3.83 3.64 2.78
N LYS A 58 4.27 4.42 1.81
CA LYS A 58 3.39 4.88 0.74
C LYS A 58 4.13 4.98 -0.59
N LEU A 59 3.38 5.26 -1.65
CA LEU A 59 3.95 5.42 -2.98
C LEU A 59 4.63 6.79 -3.12
N ALA A 60 5.66 6.85 -3.96
CA ALA A 60 6.39 8.09 -4.18
C ALA A 60 5.68 9.01 -5.16
N ARG A 61 4.82 9.88 -4.61
CA ARG A 61 4.17 10.95 -5.37
C ARG A 61 3.48 10.40 -6.61
N GLY A 62 2.43 9.60 -6.44
CA GLY A 62 1.82 8.96 -7.57
C GLY A 62 0.32 8.80 -7.42
N TRP A 63 -0.35 8.65 -8.56
CA TRP A 63 -1.77 8.41 -8.58
C TRP A 63 -2.09 7.05 -9.16
N PRO A 64 -3.04 6.33 -8.55
CA PRO A 64 -3.81 6.82 -7.39
C PRO A 64 -2.94 6.88 -6.13
N GLU A 65 -3.21 7.88 -5.29
CA GLU A 65 -2.49 8.01 -4.03
C GLU A 65 -2.76 6.79 -3.16
N VAL A 66 -1.73 6.01 -2.98
CA VAL A 66 -1.85 4.74 -2.29
C VAL A 66 -0.84 4.61 -1.17
N TRP A 67 -1.32 4.05 -0.08
CA TRP A 67 -0.51 3.77 1.09
C TRP A 67 -0.50 2.27 1.34
N ALA A 68 0.39 1.80 2.18
CA ALA A 68 0.39 0.41 2.54
C ALA A 68 0.48 0.24 4.05
N GLY A 69 -0.35 -0.63 4.58
CA GLY A 69 -0.41 -0.80 6.00
C GLY A 69 -1.22 -2.00 6.41
N SER A 70 -1.60 -2.05 7.67
CA SER A 70 -2.38 -3.16 8.20
C SER A 70 -3.62 -2.63 8.90
N VAL A 71 -4.73 -3.32 8.68
CA VAL A 71 -5.99 -2.99 9.33
C VAL A 71 -6.72 -4.27 9.71
N GLY A 72 -6.90 -4.49 11.00
CA GLY A 72 -7.59 -5.68 11.46
C GLY A 72 -6.86 -6.95 11.06
N ARG A 73 -7.30 -7.56 9.96
CA ARG A 73 -6.75 -8.84 9.51
C ARG A 73 -6.08 -8.70 8.15
N THR A 74 -6.25 -7.54 7.53
CA THR A 74 -5.72 -7.31 6.19
C THR A 74 -4.48 -6.44 6.20
N PHE A 75 -3.47 -6.89 5.45
CA PHE A 75 -2.22 -6.17 5.32
C PHE A 75 -1.80 -6.11 3.86
N GLY A 76 -1.44 -4.92 3.39
CA GLY A 76 -1.07 -4.74 2.01
C GLY A 76 -1.11 -3.28 1.59
N TYR A 77 -1.61 -3.00 0.40
CA TYR A 77 -1.65 -1.63 -0.12
C TYR A 77 -3.11 -1.15 -0.27
N PHE A 78 -3.33 0.16 -0.29
CA PHE A 78 -4.68 0.71 -0.41
C PHE A 78 -4.65 2.20 -0.76
N PRO A 79 -5.74 2.74 -1.34
CA PRO A 79 -5.84 4.16 -1.67
C PRO A 79 -5.91 5.04 -0.43
N LYS A 80 -4.89 5.87 -0.29
CA LYS A 80 -4.82 6.87 0.76
C LYS A 80 -6.08 7.71 0.80
N ASP A 81 -6.53 8.07 -0.39
CA ASP A 81 -7.79 8.81 -0.58
C ASP A 81 -8.95 8.23 0.23
N LEU A 82 -8.90 6.94 0.52
CA LEU A 82 -9.99 6.27 1.19
C LEU A 82 -9.80 6.23 2.70
N ILE A 83 -8.72 6.85 3.18
CA ILE A 83 -8.54 6.99 4.63
C ILE A 83 -8.11 8.41 5.00
N GLN A 84 -8.01 8.62 6.30
CA GLN A 84 -7.52 9.86 6.88
C GLN A 84 -6.43 9.55 7.89
N VAL A 85 -5.37 10.33 7.88
CA VAL A 85 -4.35 10.28 8.90
C VAL A 85 -4.97 10.54 10.28
N VAL A 86 -4.93 9.57 11.14
CA VAL A 86 -5.57 9.70 12.44
C VAL A 86 -4.53 10.14 13.44
N HIS A 87 -3.27 9.95 13.04
CA HIS A 87 -2.12 10.35 13.83
C HIS A 87 -0.85 9.86 13.16
N GLU A 88 0.07 10.76 12.88
CA GLU A 88 1.29 10.38 12.19
C GLU A 88 2.49 10.41 13.14
N TYR A 89 3.35 9.41 13.03
CA TYR A 89 4.52 9.29 13.91
C TYR A 89 5.66 10.15 13.42
N THR A 90 5.82 10.26 12.12
CA THR A 90 6.92 10.99 11.54
C THR A 90 6.44 11.77 10.32
N LYS A 91 7.15 12.83 10.00
CA LYS A 91 6.85 13.62 8.81
C LYS A 91 7.86 13.30 7.73
N GLU A 92 8.59 12.21 7.93
CA GLU A 92 9.72 11.88 7.08
C GLU A 92 9.30 10.96 5.92
N GLU A 93 9.96 11.14 4.79
CA GLU A 93 9.64 10.40 3.58
C GLU A 93 10.90 10.00 2.84
N LEU A 94 11.39 8.82 3.12
CA LEU A 94 12.57 8.28 2.46
C LEU A 94 12.16 7.43 1.28
N GLN A 95 12.91 7.49 0.20
CA GLN A 95 12.51 6.83 -1.03
C GLN A 95 13.26 5.53 -1.22
N VAL A 96 12.60 4.44 -0.89
CA VAL A 96 13.15 3.10 -1.02
C VAL A 96 12.54 2.43 -2.26
N PRO A 97 13.33 1.72 -3.07
CA PRO A 97 12.81 1.09 -4.28
C PRO A 97 12.04 -0.20 -4.02
N THR A 98 11.11 -0.50 -4.92
CA THR A 98 10.28 -1.70 -4.82
C THR A 98 10.77 -2.74 -5.81
N ASP A 99 10.74 -4.00 -5.42
CA ASP A 99 11.13 -5.08 -6.32
C ASP A 99 9.92 -5.59 -7.07
N GLU A 100 10.13 -6.15 -8.25
CA GLU A 100 9.01 -6.51 -9.11
C GLU A 100 8.18 -7.64 -8.53
N THR A 101 8.84 -8.75 -8.19
CA THR A 101 8.14 -9.92 -7.70
C THR A 101 8.00 -9.93 -6.18
N ASP A 102 8.40 -8.85 -5.54
CA ASP A 102 8.35 -8.77 -4.08
C ASP A 102 6.94 -8.41 -3.59
N PHE A 103 6.05 -8.10 -4.54
CA PHE A 103 4.68 -7.67 -4.22
C PHE A 103 3.73 -8.19 -5.27
N VAL A 104 4.09 -9.32 -5.83
CA VAL A 104 3.41 -9.84 -7.00
C VAL A 104 2.33 -10.84 -6.61
N CYS A 105 1.44 -11.06 -7.53
CA CYS A 105 0.36 -12.03 -7.35
C CYS A 105 -0.05 -12.56 -8.72
N PHE A 106 0.14 -13.85 -8.93
CA PHE A 106 -0.12 -14.45 -10.23
C PHE A 106 -1.54 -14.99 -10.28
N ASP A 107 -2.35 -14.41 -11.15
CA ASP A 107 -3.75 -14.79 -11.25
C ASP A 107 -4.19 -14.81 -12.72
N GLY A 108 -5.18 -15.65 -13.01
CA GLY A 108 -5.73 -15.70 -14.36
C GLY A 108 -4.82 -16.40 -15.35
N GLY A 109 -3.70 -16.92 -14.86
CA GLY A 109 -2.75 -17.57 -15.74
C GLY A 109 -2.08 -16.59 -16.69
N ARG A 110 -1.20 -15.76 -16.15
CA ARG A 110 -0.49 -14.77 -16.95
C ARG A 110 1.01 -14.90 -16.74
N ASP A 111 1.75 -15.04 -17.82
CA ASP A 111 3.20 -15.08 -17.77
C ASP A 111 3.76 -13.67 -17.91
N ASP A 112 2.85 -12.72 -18.03
CA ASP A 112 3.22 -11.32 -18.12
C ASP A 112 3.57 -10.77 -16.75
N MET A 1 1.70 1.49 -17.54
CA MET A 1 0.97 2.13 -18.66
C MET A 1 -0.44 2.51 -18.22
N PRO A 2 -0.83 3.79 -18.39
CA PRO A 2 -2.18 4.25 -18.06
C PRO A 2 -3.25 3.47 -18.81
N GLY A 3 -4.07 2.73 -18.07
CA GLY A 3 -5.10 1.92 -18.69
C GLY A 3 -4.76 0.44 -18.62
N GLN A 4 -3.47 0.14 -18.50
CA GLN A 4 -3.01 -1.23 -18.38
C GLN A 4 -3.15 -1.69 -16.94
N LEU A 5 -4.35 -2.12 -16.57
CA LEU A 5 -4.62 -2.55 -15.21
C LEU A 5 -5.67 -3.65 -15.22
N ASP A 6 -5.21 -4.90 -15.30
CA ASP A 6 -6.11 -6.05 -15.26
C ASP A 6 -6.76 -6.16 -13.89
N PRO A 7 -8.09 -6.36 -13.85
CA PRO A 7 -8.86 -6.32 -12.61
C PRO A 7 -8.22 -7.12 -11.49
N SER A 8 -7.82 -8.34 -11.81
CA SER A 8 -7.18 -9.22 -10.86
C SER A 8 -5.67 -8.97 -10.83
N THR A 9 -5.09 -8.81 -12.01
CA THR A 9 -3.65 -8.68 -12.15
C THR A 9 -3.24 -7.25 -12.41
N GLY A 10 -3.36 -6.44 -11.37
CA GLY A 10 -2.93 -5.08 -11.49
C GLY A 10 -1.44 -4.94 -11.31
N ARG A 11 -0.85 -3.99 -12.03
CA ARG A 11 0.59 -3.79 -12.02
C ARG A 11 1.04 -3.24 -10.67
N ARG A 12 2.31 -3.42 -10.36
CA ARG A 12 2.86 -2.98 -9.09
C ARG A 12 2.78 -1.47 -8.95
N PHE A 13 2.57 -1.01 -7.73
CA PHE A 13 2.40 0.41 -7.45
C PHE A 13 3.74 1.15 -7.45
N SER A 14 3.90 2.05 -8.40
CA SER A 14 5.06 2.94 -8.48
C SER A 14 6.37 2.14 -8.63
N GLU A 15 7.47 2.87 -8.73
CA GLU A 15 8.79 2.25 -8.82
C GLU A 15 9.56 2.48 -7.53
N HIS A 16 9.23 3.58 -6.87
CA HIS A 16 9.81 3.89 -5.56
C HIS A 16 8.70 4.19 -4.58
N LYS A 17 8.94 3.90 -3.32
CA LYS A 17 7.99 4.17 -2.26
C LYS A 17 8.63 5.09 -1.24
N LEU A 18 7.83 5.72 -0.41
CA LEU A 18 8.35 6.58 0.62
C LEU A 18 8.16 5.94 1.96
N CYS A 19 9.21 5.89 2.73
CA CYS A 19 9.17 5.20 3.99
C CYS A 19 9.78 6.05 5.10
N ALA A 20 9.24 5.89 6.30
CA ALA A 20 9.66 6.67 7.47
C ALA A 20 11.11 6.39 7.82
N ASP A 21 11.59 5.27 7.33
CA ASP A 21 12.97 4.86 7.51
C ASP A 21 13.41 4.18 6.23
N ASP A 22 14.71 4.13 5.99
CA ASP A 22 15.24 3.62 4.74
C ASP A 22 15.14 2.09 4.67
N GLU A 23 14.76 1.47 5.78
CA GLU A 23 14.47 0.04 5.80
C GLU A 23 13.01 -0.15 5.48
N CYS A 24 12.27 0.92 5.74
CA CYS A 24 10.84 0.97 5.57
C CYS A 24 10.19 -0.02 6.52
N SER A 25 10.70 -0.02 7.74
CA SER A 25 10.27 -0.93 8.77
C SER A 25 9.57 -0.19 9.91
N MET A 26 9.52 1.14 9.81
CA MET A 26 8.91 1.96 10.85
C MET A 26 7.64 2.63 10.33
N LEU A 27 6.65 2.78 11.20
CA LEU A 27 5.42 3.45 10.85
C LEU A 27 5.62 4.92 10.55
N MET A 28 4.89 5.40 9.55
CA MET A 28 4.96 6.80 9.15
C MET A 28 3.82 7.55 9.79
N TYR A 29 2.62 7.07 9.52
CA TYR A 29 1.42 7.66 10.09
C TYR A 29 0.53 6.54 10.61
N ARG A 30 -0.43 6.92 11.42
CA ARG A 30 -1.51 6.03 11.78
C ARG A 30 -2.78 6.63 11.23
N GLY A 31 -3.67 5.82 10.71
CA GLY A 31 -4.80 6.34 9.99
C GLY A 31 -6.10 5.66 10.35
N GLU A 32 -7.18 6.21 9.85
CA GLU A 32 -8.49 5.61 10.01
C GLU A 32 -9.17 5.62 8.65
N ALA A 33 -9.97 4.61 8.39
CA ALA A 33 -10.62 4.50 7.11
C ALA A 33 -11.77 5.49 7.01
N LEU A 34 -11.83 6.22 5.92
CA LEU A 34 -12.90 7.18 5.69
C LEU A 34 -13.87 6.63 4.69
N GLU A 35 -13.65 5.40 4.37
CA GLU A 35 -14.40 4.76 3.31
C GLU A 35 -14.50 3.27 3.51
N ASP A 36 -15.58 2.70 3.00
CA ASP A 36 -15.74 1.26 2.95
C ASP A 36 -15.11 0.74 1.67
N PHE A 37 -14.36 -0.34 1.79
CA PHE A 37 -13.51 -0.77 0.71
C PHE A 37 -13.06 -2.22 0.87
N THR A 38 -13.15 -2.95 -0.22
CA THR A 38 -12.71 -4.33 -0.26
C THR A 38 -11.52 -4.48 -1.20
N GLY A 39 -10.58 -5.33 -0.82
CA GLY A 39 -9.45 -5.61 -1.67
C GLY A 39 -9.52 -6.98 -2.33
N PRO A 40 -10.23 -7.12 -3.47
CA PRO A 40 -10.32 -8.39 -4.19
C PRO A 40 -9.10 -8.61 -5.08
N ASP A 41 -8.33 -7.53 -5.22
CA ASP A 41 -7.14 -7.51 -6.08
C ASP A 41 -5.99 -8.29 -5.47
N CYS A 42 -6.29 -9.17 -4.53
CA CYS A 42 -5.33 -10.11 -3.97
C CYS A 42 -4.48 -9.48 -2.85
N ARG A 43 -3.99 -8.27 -3.06
CA ARG A 43 -3.07 -7.70 -2.07
C ARG A 43 -3.56 -6.35 -1.57
N PHE A 44 -4.75 -5.98 -1.99
CA PHE A 44 -5.37 -4.77 -1.50
C PHE A 44 -5.88 -4.97 -0.08
N VAL A 45 -5.92 -3.88 0.67
CA VAL A 45 -6.35 -3.90 2.03
C VAL A 45 -7.84 -3.61 2.14
N ASN A 46 -8.56 -4.47 2.83
CA ASN A 46 -9.96 -4.26 3.09
C ASN A 46 -10.11 -3.48 4.38
N PHE A 47 -11.11 -2.63 4.39
CA PHE A 47 -11.47 -1.85 5.57
C PHE A 47 -12.83 -1.19 5.39
N LYS A 48 -13.33 -0.58 6.45
CA LYS A 48 -14.58 0.14 6.42
C LYS A 48 -14.41 1.44 7.18
N LYS A 49 -15.12 2.49 6.74
CA LYS A 49 -14.95 3.80 7.36
C LYS A 49 -15.12 3.73 8.87
N GLY A 50 -14.09 4.15 9.58
CA GLY A 50 -14.08 4.06 11.03
C GLY A 50 -13.05 3.06 11.54
N ASP A 51 -12.69 2.12 10.69
CA ASP A 51 -11.70 1.11 11.02
C ASP A 51 -10.29 1.70 11.02
N PRO A 52 -9.63 1.66 12.18
CA PRO A 52 -8.25 2.15 12.34
C PRO A 52 -7.25 1.32 11.56
N VAL A 53 -6.38 2.00 10.82
CA VAL A 53 -5.38 1.34 10.00
C VAL A 53 -4.01 1.97 10.19
N TYR A 54 -2.96 1.20 9.94
CA TYR A 54 -1.60 1.70 10.04
C TYR A 54 -1.01 1.91 8.66
N VAL A 55 -0.34 3.03 8.45
CA VAL A 55 0.30 3.28 7.17
C VAL A 55 1.82 3.17 7.34
N TYR A 56 2.37 2.09 6.83
CA TYR A 56 3.79 1.80 6.97
C TYR A 56 4.61 2.55 5.93
N TYR A 57 4.01 2.80 4.78
CA TYR A 57 4.68 3.56 3.74
C TYR A 57 3.69 4.01 2.68
N LYS A 58 4.18 4.84 1.76
CA LYS A 58 3.36 5.41 0.70
C LYS A 58 4.08 5.29 -0.64
N LEU A 59 3.36 5.57 -1.73
CA LEU A 59 3.98 5.69 -3.04
C LEU A 59 4.70 7.03 -3.15
N ALA A 60 5.83 7.06 -3.82
CA ALA A 60 6.58 8.29 -3.99
C ALA A 60 5.95 9.20 -5.03
N ARG A 61 4.84 9.83 -4.64
CA ARG A 61 4.16 10.85 -5.44
C ARG A 61 3.69 10.28 -6.78
N GLY A 62 2.47 9.76 -6.82
CA GLY A 62 1.94 9.22 -8.04
C GLY A 62 0.55 8.62 -7.87
N TRP A 63 -0.26 8.73 -8.90
CA TRP A 63 -1.59 8.14 -8.90
C TRP A 63 -1.52 6.68 -9.32
N PRO A 64 -2.30 5.80 -8.67
CA PRO A 64 -3.22 6.17 -7.60
C PRO A 64 -2.51 6.40 -6.28
N GLU A 65 -2.96 7.41 -5.53
CA GLU A 65 -2.41 7.69 -4.21
C GLU A 65 -2.69 6.52 -3.27
N VAL A 66 -1.66 5.76 -3.01
CA VAL A 66 -1.79 4.52 -2.27
C VAL A 66 -0.80 4.44 -1.11
N TRP A 67 -1.29 3.89 -0.02
CA TRP A 67 -0.49 3.61 1.16
C TRP A 67 -0.58 2.11 1.45
N ALA A 68 0.25 1.61 2.34
CA ALA A 68 0.21 0.18 2.64
C ALA A 68 0.38 -0.10 4.12
N GLY A 69 -0.23 -1.19 4.56
CA GLY A 69 -0.17 -1.59 5.95
C GLY A 69 -1.10 -2.76 6.20
N SER A 70 -1.37 -3.05 7.47
CA SER A 70 -2.30 -4.10 7.82
C SER A 70 -3.50 -3.52 8.54
N VAL A 71 -4.69 -4.00 8.19
CA VAL A 71 -5.93 -3.49 8.75
C VAL A 71 -6.89 -4.63 9.05
N GLY A 72 -7.06 -4.94 10.32
CA GLY A 72 -7.98 -5.97 10.73
C GLY A 72 -7.51 -7.35 10.35
N ARG A 73 -8.01 -7.86 9.23
CA ARG A 73 -7.68 -9.20 8.78
C ARG A 73 -6.87 -9.16 7.49
N THR A 74 -6.82 -8.00 6.87
CA THR A 74 -6.17 -7.87 5.58
C THR A 74 -4.95 -6.96 5.63
N PHE A 75 -3.92 -7.38 4.94
CA PHE A 75 -2.69 -6.63 4.84
C PHE A 75 -2.23 -6.54 3.40
N GLY A 76 -1.76 -5.36 3.00
CA GLY A 76 -1.31 -5.16 1.65
C GLY A 76 -1.22 -3.69 1.30
N TYR A 77 -1.88 -3.29 0.22
CA TYR A 77 -1.87 -1.89 -0.22
C TYR A 77 -3.30 -1.36 -0.33
N PHE A 78 -3.47 -0.05 -0.31
CA PHE A 78 -4.80 0.57 -0.38
C PHE A 78 -4.70 2.05 -0.74
N PRO A 79 -5.77 2.64 -1.30
CA PRO A 79 -5.80 4.06 -1.65
C PRO A 79 -5.80 4.95 -0.42
N LYS A 80 -4.82 5.84 -0.37
CA LYS A 80 -4.72 6.85 0.65
C LYS A 80 -6.02 7.62 0.78
N ASP A 81 -6.56 7.94 -0.39
CA ASP A 81 -7.87 8.62 -0.51
C ASP A 81 -8.94 8.00 0.37
N LEU A 82 -8.79 6.72 0.67
CA LEU A 82 -9.82 6.00 1.38
C LEU A 82 -9.58 6.00 2.88
N ILE A 83 -8.51 6.64 3.34
CA ILE A 83 -8.30 6.81 4.77
C ILE A 83 -7.86 8.23 5.11
N GLN A 84 -7.69 8.49 6.39
CA GLN A 84 -7.22 9.76 6.89
C GLN A 84 -6.14 9.53 7.94
N VAL A 85 -5.01 10.21 7.78
CA VAL A 85 -3.96 10.21 8.77
C VAL A 85 -4.50 10.76 10.10
N VAL A 86 -4.61 9.89 11.07
CA VAL A 86 -5.19 10.26 12.35
C VAL A 86 -4.08 10.63 13.31
N HIS A 87 -2.89 10.18 12.96
CA HIS A 87 -1.68 10.40 13.75
C HIS A 87 -0.44 10.27 12.90
N GLU A 88 0.65 10.88 13.34
CA GLU A 88 1.90 10.88 12.59
C GLU A 88 3.06 10.53 13.51
N TYR A 89 3.86 9.58 13.10
CA TYR A 89 5.08 9.26 13.83
C TYR A 89 6.24 10.10 13.37
N THR A 90 6.15 10.59 12.15
CA THR A 90 7.26 11.30 11.54
C THR A 90 6.82 12.04 10.29
N LYS A 91 7.47 13.17 10.04
CA LYS A 91 7.27 13.93 8.82
C LYS A 91 8.27 13.47 7.76
N GLU A 92 8.92 12.35 8.02
CA GLU A 92 10.00 11.89 7.16
C GLU A 92 9.49 10.97 6.07
N GLU A 93 9.99 11.22 4.86
CA GLU A 93 9.62 10.43 3.70
C GLU A 93 10.87 10.05 2.91
N LEU A 94 11.47 8.95 3.30
CA LEU A 94 12.66 8.44 2.64
C LEU A 94 12.28 7.67 1.40
N GLN A 95 13.11 7.73 0.37
CA GLN A 95 12.80 7.04 -0.86
C GLN A 95 13.46 5.69 -0.89
N VAL A 96 12.65 4.69 -0.62
CA VAL A 96 13.06 3.29 -0.64
C VAL A 96 12.36 2.62 -1.82
N PRO A 97 13.04 1.75 -2.57
CA PRO A 97 12.45 1.14 -3.75
C PRO A 97 11.48 0.02 -3.42
N THR A 98 10.48 -0.13 -4.28
CA THR A 98 9.52 -1.22 -4.18
C THR A 98 10.13 -2.47 -4.80
N ASP A 99 9.88 -3.64 -4.20
CA ASP A 99 10.44 -4.87 -4.74
C ASP A 99 9.52 -5.45 -5.78
N GLU A 100 10.04 -6.22 -6.71
CA GLU A 100 9.25 -6.65 -7.86
C GLU A 100 8.13 -7.59 -7.43
N THR A 101 8.49 -8.66 -6.74
CA THR A 101 7.52 -9.68 -6.34
C THR A 101 6.86 -9.35 -5.01
N ASP A 102 7.16 -8.16 -4.49
CA ASP A 102 6.67 -7.73 -3.18
C ASP A 102 5.15 -7.83 -3.11
N PHE A 103 4.49 -7.50 -4.22
CA PHE A 103 3.03 -7.51 -4.28
C PHE A 103 2.54 -8.11 -5.59
N VAL A 104 3.10 -9.25 -5.95
CA VAL A 104 2.72 -9.95 -7.16
C VAL A 104 1.65 -11.00 -6.87
N CYS A 105 0.79 -11.24 -7.84
CA CYS A 105 -0.29 -12.20 -7.69
C CYS A 105 -0.80 -12.60 -9.06
N PHE A 106 -1.15 -13.86 -9.22
CA PHE A 106 -1.59 -14.39 -10.50
C PHE A 106 -2.70 -15.41 -10.33
N ASP A 107 -3.74 -15.26 -11.13
CA ASP A 107 -4.87 -16.19 -11.13
C ASP A 107 -5.03 -16.82 -12.51
N GLY A 108 -4.85 -18.13 -12.57
CA GLY A 108 -4.96 -18.83 -13.84
C GLY A 108 -3.63 -18.87 -14.57
N GLY A 109 -2.55 -18.68 -13.83
CA GLY A 109 -1.22 -18.65 -14.43
C GLY A 109 -1.03 -17.46 -15.34
N ARG A 110 -0.53 -16.37 -14.80
CA ARG A 110 -0.37 -15.15 -15.56
C ARG A 110 1.07 -14.97 -16.04
N ASP A 111 1.22 -14.89 -17.35
CA ASP A 111 2.50 -14.61 -17.97
C ASP A 111 2.68 -13.10 -18.12
N ASP A 112 1.57 -12.38 -18.01
CA ASP A 112 1.58 -10.93 -18.16
C ASP A 112 1.63 -10.26 -16.80
N MET A 1 4.18 -12.61 -26.40
CA MET A 1 3.23 -12.56 -25.26
C MET A 1 1.95 -11.84 -25.67
N PRO A 2 1.00 -12.56 -26.27
CA PRO A 2 -0.27 -11.99 -26.72
C PRO A 2 -1.24 -11.80 -25.56
N GLY A 3 -0.94 -10.83 -24.70
CA GLY A 3 -1.79 -10.56 -23.55
C GLY A 3 -1.70 -11.66 -22.52
N GLN A 4 -0.50 -11.93 -22.03
CA GLN A 4 -0.27 -13.02 -21.11
C GLN A 4 -0.21 -12.51 -19.68
N LEU A 5 -1.37 -12.24 -19.12
CA LEU A 5 -1.46 -11.81 -17.73
C LEU A 5 -2.62 -12.52 -17.06
N ASP A 6 -2.31 -13.57 -16.31
CA ASP A 6 -3.32 -14.34 -15.60
C ASP A 6 -4.11 -13.45 -14.65
N PRO A 7 -5.45 -13.49 -14.77
CA PRO A 7 -6.36 -12.61 -14.01
C PRO A 7 -6.14 -12.66 -12.50
N SER A 8 -5.68 -13.79 -12.01
CA SER A 8 -5.48 -13.98 -10.58
C SER A 8 -4.11 -13.44 -10.16
N THR A 9 -3.10 -13.68 -11.00
CA THR A 9 -1.75 -13.23 -10.70
C THR A 9 -1.62 -11.72 -10.85
N GLY A 10 -1.19 -11.08 -9.76
CA GLY A 10 -1.06 -9.65 -9.77
C GLY A 10 0.38 -9.19 -9.75
N ARG A 11 0.61 -7.94 -10.11
CA ARG A 11 1.95 -7.36 -10.11
C ARG A 11 2.24 -6.68 -8.78
N ARG A 12 3.28 -5.86 -8.77
CA ARG A 12 3.61 -5.05 -7.59
C ARG A 12 2.57 -3.97 -7.36
N PHE A 13 2.60 -3.41 -6.16
CA PHE A 13 1.72 -2.30 -5.82
C PHE A 13 2.24 -1.02 -6.48
N SER A 14 3.56 -0.92 -6.56
CA SER A 14 4.23 0.23 -7.14
C SER A 14 5.73 -0.07 -7.16
N GLU A 15 6.48 0.69 -7.96
CA GLU A 15 7.88 0.39 -8.21
C GLU A 15 8.78 1.05 -7.17
N HIS A 16 8.28 2.07 -6.50
CA HIS A 16 9.03 2.73 -5.43
C HIS A 16 8.08 3.06 -4.29
N LYS A 17 8.53 2.81 -3.07
CA LYS A 17 7.73 3.07 -1.89
C LYS A 17 8.38 4.18 -1.06
N LEU A 18 7.57 5.02 -0.47
CA LEU A 18 8.05 6.10 0.36
C LEU A 18 7.95 5.67 1.82
N CYS A 19 9.06 5.70 2.53
CA CYS A 19 9.10 5.12 3.87
C CYS A 19 9.68 6.08 4.91
N ALA A 20 9.35 5.82 6.17
CA ALA A 20 9.90 6.56 7.31
C ALA A 20 11.32 6.11 7.59
N ASP A 21 11.73 5.09 6.87
CA ASP A 21 13.01 4.44 7.04
C ASP A 21 13.36 3.70 5.75
N ASP A 22 14.63 3.66 5.40
CA ASP A 22 15.04 3.09 4.10
C ASP A 22 14.85 1.58 4.07
N GLU A 23 14.52 0.99 5.21
CA GLU A 23 14.19 -0.42 5.28
C GLU A 23 12.68 -0.58 5.46
N CYS A 24 12.03 0.58 5.62
CA CYS A 24 10.59 0.67 5.81
C CYS A 24 10.13 -0.14 7.01
N SER A 25 10.96 -0.18 8.04
CA SER A 25 10.67 -0.97 9.22
C SER A 25 10.13 -0.09 10.35
N MET A 26 9.77 1.16 10.03
CA MET A 26 9.26 2.07 11.02
C MET A 26 7.96 2.69 10.52
N LEU A 27 6.92 2.65 11.35
CA LEU A 27 5.64 3.26 11.01
C LEU A 27 5.80 4.73 10.69
N MET A 28 5.09 5.16 9.67
CA MET A 28 5.11 6.55 9.25
C MET A 28 3.93 7.26 9.84
N TYR A 29 2.76 6.76 9.50
CA TYR A 29 1.52 7.38 9.90
C TYR A 29 0.63 6.34 10.58
N ARG A 30 -0.35 6.82 11.30
CA ARG A 30 -1.46 6.00 11.77
C ARG A 30 -2.73 6.62 11.22
N GLY A 31 -3.63 5.81 10.72
CA GLY A 31 -4.79 6.33 10.04
C GLY A 31 -6.06 5.65 10.44
N GLU A 32 -7.18 6.18 9.99
CA GLU A 32 -8.46 5.56 10.20
C GLU A 32 -9.18 5.49 8.88
N ALA A 33 -9.95 4.44 8.69
CA ALA A 33 -10.68 4.26 7.46
C ALA A 33 -11.74 5.34 7.33
N LEU A 34 -11.69 6.07 6.25
CA LEU A 34 -12.53 7.21 6.05
C LEU A 34 -13.72 6.81 5.18
N GLU A 35 -13.58 5.67 4.54
CA GLU A 35 -14.53 5.21 3.56
C GLU A 35 -14.62 3.69 3.64
N ASP A 36 -15.72 3.16 3.17
CA ASP A 36 -15.89 1.71 3.10
C ASP A 36 -15.43 1.24 1.73
N PHE A 37 -14.55 0.26 1.73
CA PHE A 37 -13.80 -0.07 0.54
C PHE A 37 -13.40 -1.54 0.52
N THR A 38 -13.36 -2.12 -0.67
CA THR A 38 -13.00 -3.51 -0.83
C THR A 38 -11.65 -3.66 -1.51
N GLY A 39 -10.96 -4.73 -1.18
CA GLY A 39 -9.64 -4.98 -1.72
C GLY A 39 -9.43 -6.45 -1.98
N PRO A 40 -10.00 -6.97 -3.09
CA PRO A 40 -9.89 -8.37 -3.45
C PRO A 40 -8.73 -8.64 -4.40
N ASP A 41 -8.08 -7.56 -4.76
CA ASP A 41 -7.04 -7.56 -5.80
C ASP A 41 -5.71 -8.15 -5.30
N CYS A 42 -5.78 -8.95 -4.24
CA CYS A 42 -4.66 -9.77 -3.78
C CYS A 42 -3.72 -9.03 -2.84
N ARG A 43 -3.36 -7.80 -3.18
CA ARG A 43 -2.41 -7.06 -2.35
C ARG A 43 -3.03 -5.78 -1.86
N PHE A 44 -4.31 -5.63 -2.15
CA PHE A 44 -5.08 -4.49 -1.69
C PHE A 44 -5.51 -4.68 -0.25
N VAL A 45 -5.76 -3.58 0.41
CA VAL A 45 -6.31 -3.58 1.73
C VAL A 45 -7.77 -3.17 1.68
N ASN A 46 -8.63 -3.96 2.29
CA ASN A 46 -10.02 -3.60 2.39
C ASN A 46 -10.37 -3.22 3.80
N PHE A 47 -11.39 -2.41 3.91
CA PHE A 47 -11.80 -1.83 5.19
C PHE A 47 -13.16 -1.17 5.09
N LYS A 48 -13.64 -0.71 6.22
CA LYS A 48 -14.86 0.06 6.29
C LYS A 48 -14.63 1.27 7.16
N LYS A 49 -15.22 2.41 6.77
CA LYS A 49 -15.02 3.67 7.46
C LYS A 49 -15.16 3.50 8.98
N GLY A 50 -14.10 3.88 9.71
CA GLY A 50 -14.08 3.70 11.15
C GLY A 50 -13.08 2.63 11.58
N ASP A 51 -12.45 1.98 10.61
CA ASP A 51 -11.47 0.94 10.89
C ASP A 51 -10.07 1.54 11.03
N PRO A 52 -9.47 1.44 12.22
CA PRO A 52 -8.12 1.96 12.50
C PRO A 52 -7.04 1.22 11.70
N VAL A 53 -6.21 1.99 10.99
CA VAL A 53 -5.15 1.44 10.18
C VAL A 53 -3.80 2.01 10.60
N TYR A 54 -2.73 1.26 10.38
CA TYR A 54 -1.38 1.78 10.53
C TYR A 54 -0.72 1.89 9.17
N VAL A 55 -0.20 3.06 8.82
CA VAL A 55 0.42 3.22 7.51
C VAL A 55 1.94 3.05 7.63
N TYR A 56 2.44 1.98 7.03
CA TYR A 56 3.86 1.64 7.12
C TYR A 56 4.67 2.42 6.13
N TYR A 57 4.10 2.67 4.97
CA TYR A 57 4.77 3.41 3.93
C TYR A 57 3.76 3.89 2.89
N LYS A 58 4.20 4.78 2.03
CA LYS A 58 3.35 5.38 1.03
C LYS A 58 3.87 5.04 -0.35
N LEU A 59 3.05 5.19 -1.37
CA LEU A 59 3.51 4.99 -2.73
C LEU A 59 4.04 6.32 -3.26
N ALA A 60 5.16 6.25 -3.97
CA ALA A 60 5.86 7.46 -4.41
C ALA A 60 5.07 8.27 -5.43
N ARG A 61 4.17 9.12 -4.91
CA ARG A 61 3.43 10.08 -5.72
C ARG A 61 2.60 9.38 -6.79
N GLY A 62 1.42 8.89 -6.40
CA GLY A 62 0.59 8.18 -7.33
C GLY A 62 -0.87 8.46 -7.10
N TRP A 63 -1.49 9.15 -8.05
CA TRP A 63 -2.91 9.47 -7.96
C TRP A 63 -3.74 8.45 -8.73
N PRO A 64 -4.90 8.06 -8.18
CA PRO A 64 -5.40 8.56 -6.89
C PRO A 64 -4.49 8.14 -5.73
N GLU A 65 -4.31 9.07 -4.80
CA GLU A 65 -3.36 8.91 -3.69
C GLU A 65 -3.63 7.62 -2.93
N VAL A 66 -2.62 6.78 -2.91
CA VAL A 66 -2.68 5.46 -2.32
C VAL A 66 -1.49 5.21 -1.40
N TRP A 67 -1.70 4.37 -0.41
CA TRP A 67 -0.72 4.05 0.62
C TRP A 67 -0.73 2.55 0.87
N ALA A 68 0.09 2.10 1.82
CA ALA A 68 0.07 0.71 2.23
C ALA A 68 0.25 0.57 3.73
N GLY A 69 -0.59 -0.24 4.36
CA GLY A 69 -0.55 -0.41 5.78
C GLY A 69 -1.27 -1.66 6.22
N SER A 70 -1.44 -1.83 7.52
CA SER A 70 -2.09 -3.01 8.05
C SER A 70 -3.44 -2.63 8.67
N VAL A 71 -4.43 -3.48 8.40
CA VAL A 71 -5.77 -3.29 8.91
C VAL A 71 -6.28 -4.62 9.46
N GLY A 72 -5.97 -4.88 10.72
CA GLY A 72 -6.34 -6.14 11.33
C GLY A 72 -5.58 -7.31 10.72
N ARG A 73 -6.19 -7.97 9.76
CA ARG A 73 -5.57 -9.12 9.12
C ARG A 73 -5.02 -8.76 7.74
N THR A 74 -5.52 -7.68 7.17
CA THR A 74 -5.15 -7.30 5.83
C THR A 74 -3.98 -6.32 5.82
N PHE A 75 -3.01 -6.63 4.98
CA PHE A 75 -1.84 -5.78 4.79
C PHE A 75 -1.54 -5.68 3.31
N GLY A 76 -1.38 -4.45 2.83
CA GLY A 76 -1.14 -4.21 1.43
C GLY A 76 -1.40 -2.78 1.06
N TYR A 77 -1.75 -2.53 -0.19
CA TYR A 77 -1.93 -1.17 -0.66
C TYR A 77 -3.41 -0.79 -0.73
N PHE A 78 -3.71 0.48 -0.56
CA PHE A 78 -5.08 0.99 -0.58
C PHE A 78 -5.06 2.51 -0.70
N PRO A 79 -6.08 3.11 -1.32
CA PRO A 79 -6.10 4.54 -1.60
C PRO A 79 -6.17 5.37 -0.32
N LYS A 80 -5.16 6.20 -0.12
CA LYS A 80 -5.08 7.14 0.98
C LYS A 80 -6.33 8.00 1.03
N ASP A 81 -6.80 8.37 -0.16
CA ASP A 81 -8.06 9.10 -0.32
C ASP A 81 -9.21 8.47 0.47
N LEU A 82 -9.11 7.18 0.73
CA LEU A 82 -10.17 6.44 1.37
C LEU A 82 -9.93 6.32 2.86
N ILE A 83 -8.86 6.96 3.36
CA ILE A 83 -8.66 7.05 4.81
C ILE A 83 -8.19 8.44 5.20
N GLN A 84 -7.98 8.62 6.49
CA GLN A 84 -7.46 9.84 7.03
C GLN A 84 -6.46 9.52 8.13
N VAL A 85 -5.28 10.13 8.04
CA VAL A 85 -4.28 10.04 9.07
C VAL A 85 -4.83 10.53 10.41
N VAL A 86 -4.84 9.65 11.39
CA VAL A 86 -5.43 9.96 12.67
C VAL A 86 -4.33 10.46 13.59
N HIS A 87 -3.12 10.16 13.18
CA HIS A 87 -1.92 10.59 13.90
C HIS A 87 -0.69 10.01 13.24
N GLU A 88 0.24 10.85 12.84
CA GLU A 88 1.43 10.36 12.19
C GLU A 88 2.61 10.35 13.15
N TYR A 89 3.48 9.37 12.99
CA TYR A 89 4.66 9.24 13.84
C TYR A 89 5.77 10.14 13.35
N THR A 90 5.87 10.29 12.05
CA THR A 90 6.93 11.09 11.47
C THR A 90 6.50 11.60 10.09
N LYS A 91 7.08 12.74 9.71
CA LYS A 91 6.87 13.30 8.39
C LYS A 91 8.09 12.97 7.51
N GLU A 92 8.79 11.90 7.89
CA GLU A 92 9.96 11.46 7.15
C GLU A 92 9.54 10.72 5.88
N GLU A 93 10.13 11.11 4.77
CA GLU A 93 9.75 10.53 3.49
C GLU A 93 10.97 10.12 2.69
N LEU A 94 11.40 8.90 2.91
CA LEU A 94 12.48 8.30 2.15
C LEU A 94 11.92 7.59 0.94
N GLN A 95 12.73 7.38 -0.08
CA GLN A 95 12.26 6.72 -1.28
C GLN A 95 12.97 5.40 -1.47
N VAL A 96 12.30 4.32 -1.10
CA VAL A 96 12.86 2.99 -1.17
C VAL A 96 12.23 2.24 -2.35
N PRO A 97 13.04 1.68 -3.25
CA PRO A 97 12.53 0.97 -4.42
C PRO A 97 12.04 -0.43 -4.08
N THR A 98 11.14 -0.95 -4.89
CA THR A 98 10.63 -2.29 -4.68
C THR A 98 11.37 -3.29 -5.58
N ASP A 99 11.65 -4.47 -5.03
CA ASP A 99 12.21 -5.56 -5.83
C ASP A 99 11.15 -6.05 -6.79
N GLU A 100 11.55 -6.69 -7.87
CA GLU A 100 10.58 -7.22 -8.81
C GLU A 100 9.65 -8.22 -8.14
N THR A 101 10.18 -8.95 -7.16
CA THR A 101 9.41 -9.94 -6.46
C THR A 101 9.03 -9.49 -5.05
N ASP A 102 9.33 -8.23 -4.73
CA ASP A 102 9.03 -7.64 -3.42
C ASP A 102 7.55 -7.86 -3.09
N PHE A 103 6.71 -7.65 -4.09
CA PHE A 103 5.28 -7.85 -3.94
C PHE A 103 4.72 -8.59 -5.15
N VAL A 104 4.81 -9.91 -5.11
CA VAL A 104 4.34 -10.73 -6.21
C VAL A 104 3.15 -11.58 -5.79
N CYS A 105 2.16 -11.65 -6.66
CA CYS A 105 0.94 -12.37 -6.36
C CYS A 105 0.76 -13.54 -7.31
N PHE A 106 0.92 -14.75 -6.79
CA PHE A 106 0.71 -15.96 -7.58
C PHE A 106 -0.33 -16.84 -6.91
N ASP A 107 -1.10 -17.56 -7.71
CA ASP A 107 -2.17 -18.39 -7.18
C ASP A 107 -2.14 -19.78 -7.83
N GLY A 108 -1.47 -20.70 -7.18
CA GLY A 108 -1.40 -22.06 -7.69
C GLY A 108 -0.08 -22.36 -8.36
N GLY A 109 0.56 -21.32 -8.90
CA GLY A 109 1.86 -21.50 -9.51
C GLY A 109 1.99 -20.74 -10.83
N ARG A 110 2.79 -19.68 -10.81
CA ARG A 110 3.05 -18.89 -11.99
C ARG A 110 4.50 -18.43 -11.97
N ASP A 111 5.25 -18.78 -13.00
CA ASP A 111 6.65 -18.37 -13.09
C ASP A 111 6.78 -17.03 -13.80
N ASP A 112 5.78 -16.70 -14.59
CA ASP A 112 5.78 -15.48 -15.38
C ASP A 112 4.42 -15.28 -16.03
N MET A 1 -3.40 3.68 -18.95
CA MET A 1 -3.16 2.23 -18.73
C MET A 1 -3.60 1.44 -19.96
N PRO A 2 -2.70 0.65 -20.55
CA PRO A 2 -2.99 -0.09 -21.78
C PRO A 2 -3.85 -1.33 -21.54
N GLY A 3 -4.10 -1.65 -20.27
CA GLY A 3 -4.88 -2.81 -19.94
C GLY A 3 -4.06 -4.08 -20.06
N GLN A 4 -2.74 -3.91 -20.05
CA GLN A 4 -1.83 -5.02 -20.24
C GLN A 4 -0.71 -4.92 -19.21
N LEU A 5 -0.77 -5.77 -18.20
CA LEU A 5 0.17 -5.75 -17.08
C LEU A 5 0.25 -4.37 -16.44
N ASP A 6 -0.89 -3.91 -15.95
CA ASP A 6 -0.98 -2.64 -15.24
C ASP A 6 -0.53 -2.82 -13.80
N PRO A 7 -0.20 -1.72 -13.11
CA PRO A 7 0.31 -1.78 -11.73
C PRO A 7 -0.54 -2.64 -10.81
N SER A 8 -1.85 -2.52 -10.92
CA SER A 8 -2.76 -3.24 -10.04
C SER A 8 -3.02 -4.66 -10.55
N THR A 9 -2.49 -4.98 -11.73
CA THR A 9 -2.74 -6.29 -12.34
C THR A 9 -1.45 -7.03 -12.63
N GLY A 10 -1.10 -7.97 -11.76
CA GLY A 10 0.09 -8.76 -11.96
C GLY A 10 1.34 -8.07 -11.47
N ARG A 11 1.36 -6.75 -11.57
CA ARG A 11 2.47 -5.95 -11.13
C ARG A 11 2.20 -5.40 -9.73
N ARG A 12 2.92 -4.36 -9.33
CA ARG A 12 2.66 -3.71 -8.06
C ARG A 12 2.56 -2.20 -8.24
N PHE A 13 2.49 -1.49 -7.13
CA PHE A 13 2.37 -0.03 -7.11
C PHE A 13 3.62 0.65 -7.69
N SER A 14 3.77 1.94 -7.37
CA SER A 14 4.89 2.75 -7.83
C SER A 14 6.23 2.04 -7.63
N GLU A 15 7.18 2.32 -8.51
CA GLU A 15 8.49 1.68 -8.48
C GLU A 15 9.31 2.17 -7.30
N HIS A 16 8.83 3.22 -6.63
CA HIS A 16 9.48 3.70 -5.45
C HIS A 16 8.46 3.93 -4.34
N LYS A 17 8.81 3.51 -3.13
CA LYS A 17 7.94 3.66 -1.98
C LYS A 17 8.54 4.67 -1.01
N LEU A 18 7.70 5.48 -0.41
CA LEU A 18 8.15 6.47 0.53
C LEU A 18 7.92 5.95 1.94
N CYS A 19 8.98 5.81 2.69
CA CYS A 19 8.88 5.21 4.02
C CYS A 19 9.50 6.10 5.09
N ALA A 20 9.08 5.88 6.34
CA ALA A 20 9.64 6.59 7.48
C ALA A 20 11.01 6.05 7.82
N ASP A 21 11.38 5.00 7.11
CA ASP A 21 12.62 4.29 7.33
C ASP A 21 13.02 3.61 6.03
N ASP A 22 14.31 3.54 5.77
CA ASP A 22 14.83 2.96 4.53
C ASP A 22 14.45 1.48 4.38
N GLU A 23 14.12 0.82 5.47
CA GLU A 23 13.68 -0.56 5.42
C GLU A 23 12.17 -0.61 5.49
N CYS A 24 11.59 0.59 5.61
CA CYS A 24 10.16 0.78 5.79
C CYS A 24 9.68 0.02 7.02
N SER A 25 10.52 -0.04 8.03
CA SER A 25 10.24 -0.78 9.24
C SER A 25 9.65 0.14 10.31
N MET A 26 9.53 1.43 9.99
CA MET A 26 9.00 2.39 10.94
C MET A 26 7.71 3.00 10.42
N LEU A 27 6.69 2.99 11.26
CA LEU A 27 5.42 3.62 10.93
C LEU A 27 5.56 5.09 10.64
N MET A 28 4.80 5.54 9.65
CA MET A 28 4.83 6.93 9.23
C MET A 28 3.62 7.62 9.80
N TYR A 29 2.47 7.01 9.55
CA TYR A 29 1.21 7.53 10.02
C TYR A 29 0.42 6.45 10.72
N ARG A 30 -0.49 6.90 11.54
CA ARG A 30 -1.55 6.06 12.01
C ARG A 30 -2.81 6.59 11.36
N GLY A 31 -3.65 5.70 10.87
CA GLY A 31 -4.78 6.15 10.10
C GLY A 31 -6.05 5.45 10.48
N GLU A 32 -7.13 5.92 9.92
CA GLU A 32 -8.40 5.29 10.10
C GLU A 32 -9.05 5.20 8.73
N ALA A 33 -9.77 4.13 8.48
CA ALA A 33 -10.43 3.98 7.21
C ALA A 33 -11.50 5.05 7.09
N LEU A 34 -11.45 5.79 6.00
CA LEU A 34 -12.28 6.95 5.83
C LEU A 34 -13.49 6.57 4.99
N GLU A 35 -13.36 5.48 4.25
CA GLU A 35 -14.40 5.06 3.34
C GLU A 35 -14.59 3.57 3.41
N ASP A 36 -15.73 3.15 2.91
CA ASP A 36 -16.03 1.73 2.75
C ASP A 36 -15.34 1.24 1.48
N PHE A 37 -14.39 0.33 1.62
CA PHE A 37 -13.58 -0.07 0.48
C PHE A 37 -13.07 -1.51 0.61
N THR A 38 -13.31 -2.29 -0.41
CA THR A 38 -12.83 -3.65 -0.43
C THR A 38 -11.69 -3.82 -1.43
N GLY A 39 -10.53 -4.16 -0.93
CA GLY A 39 -9.44 -4.58 -1.79
C GLY A 39 -9.34 -6.10 -1.80
N PRO A 40 -10.02 -6.76 -2.74
CA PRO A 40 -10.15 -8.21 -2.79
C PRO A 40 -9.15 -8.88 -3.72
N ASP A 41 -8.37 -8.06 -4.38
CA ASP A 41 -7.57 -8.49 -5.52
C ASP A 41 -6.52 -9.54 -5.14
N CYS A 42 -6.13 -9.56 -3.86
CA CYS A 42 -5.26 -10.61 -3.28
C CYS A 42 -4.41 -10.03 -2.16
N ARG A 43 -3.79 -8.90 -2.43
CA ARG A 43 -2.83 -8.31 -1.50
C ARG A 43 -3.20 -6.87 -1.21
N PHE A 44 -4.29 -6.47 -1.85
CA PHE A 44 -4.97 -5.23 -1.53
C PHE A 44 -5.52 -5.27 -0.11
N VAL A 45 -5.76 -4.11 0.45
CA VAL A 45 -6.34 -4.00 1.77
C VAL A 45 -7.82 -3.66 1.66
N ASN A 46 -8.64 -4.39 2.40
CA ASN A 46 -10.04 -4.06 2.54
C ASN A 46 -10.30 -3.53 3.94
N PHE A 47 -11.15 -2.53 3.98
CA PHE A 47 -11.52 -1.85 5.21
C PHE A 47 -12.84 -1.12 5.01
N LYS A 48 -13.34 -0.48 6.04
CA LYS A 48 -14.49 0.37 5.89
C LYS A 48 -14.42 1.50 6.90
N LYS A 49 -15.11 2.60 6.62
CA LYS A 49 -14.98 3.82 7.40
C LYS A 49 -15.16 3.56 8.90
N GLY A 50 -14.10 3.86 9.66
CA GLY A 50 -14.13 3.65 11.09
C GLY A 50 -13.19 2.53 11.55
N ASP A 51 -12.41 1.99 10.61
CA ASP A 51 -11.46 0.93 10.92
C ASP A 51 -10.06 1.50 11.11
N PRO A 52 -9.52 1.42 12.33
CA PRO A 52 -8.15 1.88 12.63
C PRO A 52 -7.08 1.07 11.87
N VAL A 53 -6.19 1.77 11.20
CA VAL A 53 -5.14 1.15 10.41
C VAL A 53 -3.82 1.92 10.54
N TYR A 54 -2.70 1.21 10.39
CA TYR A 54 -1.39 1.84 10.51
C TYR A 54 -0.72 1.90 9.14
N VAL A 55 -0.19 3.07 8.76
CA VAL A 55 0.40 3.24 7.45
C VAL A 55 1.94 3.12 7.54
N TYR A 56 2.47 2.07 6.92
CA TYR A 56 3.90 1.78 7.00
C TYR A 56 4.68 2.60 5.98
N TYR A 57 4.08 2.82 4.82
CA TYR A 57 4.75 3.57 3.77
C TYR A 57 3.75 4.09 2.73
N LYS A 58 4.24 4.99 1.89
CA LYS A 58 3.42 5.65 0.88
C LYS A 58 4.02 5.42 -0.51
N LEU A 59 3.29 5.82 -1.54
CA LEU A 59 3.82 5.81 -2.89
C LEU A 59 4.56 7.11 -3.18
N ALA A 60 5.67 7.03 -3.91
CA ALA A 60 6.44 8.21 -4.24
C ALA A 60 5.76 9.05 -5.31
N ARG A 61 4.76 9.82 -4.88
CA ARG A 61 4.06 10.77 -5.74
C ARG A 61 3.41 10.08 -6.93
N GLY A 62 2.23 9.53 -6.70
CA GLY A 62 1.54 8.84 -7.77
C GLY A 62 0.04 8.81 -7.55
N TRP A 63 -0.71 8.85 -8.64
CA TRP A 63 -2.16 8.79 -8.58
C TRP A 63 -2.67 7.69 -9.50
N PRO A 64 -3.73 6.96 -9.09
CA PRO A 64 -4.45 7.18 -7.82
C PRO A 64 -3.56 7.01 -6.59
N GLU A 65 -3.70 7.95 -5.65
CA GLU A 65 -2.88 7.95 -4.44
C GLU A 65 -3.12 6.70 -3.61
N VAL A 66 -2.06 5.96 -3.41
CA VAL A 66 -2.12 4.69 -2.72
C VAL A 66 -1.07 4.62 -1.62
N TRP A 67 -1.43 3.97 -0.53
CA TRP A 67 -0.53 3.68 0.58
C TRP A 67 -0.56 2.20 0.87
N ALA A 68 0.17 1.77 1.86
CA ALA A 68 0.10 0.39 2.32
C ALA A 68 0.28 0.32 3.82
N GLY A 69 -0.51 -0.52 4.45
CA GLY A 69 -0.49 -0.64 5.88
C GLY A 69 -1.27 -1.84 6.35
N SER A 70 -1.50 -1.93 7.65
CA SER A 70 -2.28 -3.01 8.19
C SER A 70 -3.56 -2.50 8.82
N VAL A 71 -4.66 -3.18 8.56
CA VAL A 71 -5.95 -2.78 9.09
C VAL A 71 -6.58 -3.95 9.84
N GLY A 72 -6.18 -4.11 11.09
CA GLY A 72 -6.72 -5.18 11.92
C GLY A 72 -6.30 -6.57 11.47
N ARG A 73 -6.82 -6.97 10.32
CA ARG A 73 -6.62 -8.32 9.80
C ARG A 73 -6.04 -8.31 8.40
N THR A 74 -6.02 -7.15 7.77
CA THR A 74 -5.55 -7.02 6.40
C THR A 74 -4.23 -6.29 6.33
N PHE A 75 -3.38 -6.72 5.43
CA PHE A 75 -2.09 -6.08 5.20
C PHE A 75 -1.78 -6.05 3.70
N GLY A 76 -1.52 -4.87 3.18
CA GLY A 76 -1.23 -4.72 1.77
C GLY A 76 -1.37 -3.29 1.31
N TYR A 77 -1.69 -3.11 0.04
CA TYR A 77 -1.78 -1.77 -0.54
C TYR A 77 -3.24 -1.33 -0.70
N PHE A 78 -3.47 -0.02 -0.70
CA PHE A 78 -4.83 0.53 -0.79
C PHE A 78 -4.78 2.04 -1.05
N PRO A 79 -5.88 2.64 -1.52
CA PRO A 79 -5.97 4.08 -1.78
C PRO A 79 -5.84 4.90 -0.50
N LYS A 80 -4.81 5.73 -0.48
CA LYS A 80 -4.58 6.69 0.58
C LYS A 80 -5.82 7.54 0.82
N ASP A 81 -6.41 7.96 -0.29
CA ASP A 81 -7.67 8.72 -0.28
C ASP A 81 -8.77 8.06 0.55
N LEU A 82 -8.71 6.76 0.71
CA LEU A 82 -9.80 6.05 1.36
C LEU A 82 -9.53 5.85 2.84
N ILE A 83 -8.47 6.46 3.34
CA ILE A 83 -8.26 6.54 4.78
C ILE A 83 -7.90 7.97 5.19
N GLN A 84 -7.99 8.21 6.48
CA GLN A 84 -7.67 9.50 7.05
C GLN A 84 -6.55 9.33 8.09
N VAL A 85 -5.50 10.10 7.91
CA VAL A 85 -4.41 10.17 8.86
C VAL A 85 -4.90 10.61 10.23
N VAL A 86 -4.86 9.71 11.18
CA VAL A 86 -5.36 9.99 12.51
C VAL A 86 -4.19 10.43 13.39
N HIS A 87 -3.00 10.18 12.89
CA HIS A 87 -1.78 10.52 13.62
C HIS A 87 -0.54 10.36 12.74
N GLU A 88 0.51 11.14 13.02
CA GLU A 88 1.78 11.01 12.31
C GLU A 88 2.88 10.69 13.30
N TYR A 89 3.64 9.62 13.05
CA TYR A 89 4.79 9.30 13.88
C TYR A 89 5.99 10.16 13.52
N THR A 90 6.04 10.59 12.28
CA THR A 90 7.21 11.24 11.76
C THR A 90 6.92 11.97 10.44
N LYS A 91 7.65 13.05 10.21
CA LYS A 91 7.56 13.79 8.96
C LYS A 91 8.61 13.26 7.98
N GLU A 92 9.16 12.10 8.31
CA GLU A 92 10.25 11.51 7.52
C GLU A 92 9.74 10.88 6.24
N GLU A 93 10.51 11.05 5.18
CA GLU A 93 10.19 10.46 3.89
C GLU A 93 11.44 9.96 3.19
N LEU A 94 11.66 8.67 3.29
CA LEU A 94 12.74 8.01 2.59
C LEU A 94 12.21 7.33 1.36
N GLN A 95 12.90 7.47 0.25
CA GLN A 95 12.43 6.89 -0.99
C GLN A 95 13.14 5.58 -1.25
N VAL A 96 12.47 4.50 -0.95
CA VAL A 96 13.01 3.16 -1.11
C VAL A 96 12.45 2.55 -2.38
N PRO A 97 13.27 1.90 -3.22
CA PRO A 97 12.79 1.27 -4.45
C PRO A 97 11.99 0.02 -4.15
N THR A 98 10.95 -0.19 -4.94
CA THR A 98 10.06 -1.33 -4.75
C THR A 98 10.49 -2.49 -5.65
N ASP A 99 10.35 -3.71 -5.16
CA ASP A 99 10.67 -4.87 -5.96
C ASP A 99 9.44 -5.30 -6.75
N GLU A 100 9.65 -5.97 -7.87
CA GLU A 100 8.56 -6.24 -8.79
C GLU A 100 7.50 -7.13 -8.16
N THR A 101 7.91 -8.28 -7.66
CA THR A 101 6.97 -9.29 -7.20
C THR A 101 6.83 -9.32 -5.68
N ASP A 102 7.45 -8.36 -5.00
CA ASP A 102 7.39 -8.31 -3.55
C ASP A 102 5.97 -8.02 -3.06
N PHE A 103 5.14 -7.49 -3.95
CA PHE A 103 3.79 -7.07 -3.59
C PHE A 103 2.77 -7.56 -4.61
N VAL A 104 3.07 -8.68 -5.25
CA VAL A 104 2.18 -9.24 -6.27
C VAL A 104 1.43 -10.44 -5.73
N CYS A 105 0.73 -11.14 -6.60
CA CYS A 105 0.00 -12.34 -6.20
C CYS A 105 -0.11 -13.31 -7.37
N PHE A 106 0.58 -14.44 -7.25
CA PHE A 106 0.46 -15.49 -8.25
C PHE A 106 -0.35 -16.64 -7.68
N ASP A 107 -0.70 -17.60 -8.53
CA ASP A 107 -1.56 -18.72 -8.14
C ASP A 107 -2.81 -18.24 -7.40
N GLY A 108 -3.82 -17.84 -8.16
CA GLY A 108 -5.01 -17.27 -7.57
C GLY A 108 -4.95 -15.76 -7.54
N GLY A 109 -4.10 -15.20 -8.39
CA GLY A 109 -3.92 -13.76 -8.42
C GLY A 109 -4.89 -13.06 -9.36
N ARG A 110 -4.39 -12.06 -10.05
CA ARG A 110 -5.23 -11.24 -10.92
C ARG A 110 -5.54 -11.92 -12.24
N ASP A 111 -6.74 -12.47 -12.35
CA ASP A 111 -7.26 -12.93 -13.64
C ASP A 111 -7.65 -11.72 -14.47
N ASP A 112 -7.90 -10.62 -13.77
CA ASP A 112 -8.23 -9.36 -14.40
C ASP A 112 -7.16 -8.34 -14.11
N MET A 1 13.69 -8.76 -25.39
CA MET A 1 12.65 -9.78 -25.11
C MET A 1 12.73 -10.27 -23.65
N PRO A 2 13.90 -10.71 -23.14
CA PRO A 2 14.01 -11.14 -21.74
C PRO A 2 13.74 -10.01 -20.77
N GLY A 3 12.55 -10.01 -20.18
CA GLY A 3 12.18 -8.95 -19.26
C GLY A 3 11.37 -7.86 -19.94
N GLN A 4 10.60 -8.25 -20.96
CA GLN A 4 9.74 -7.32 -21.68
C GLN A 4 8.69 -6.74 -20.74
N LEU A 5 8.74 -5.41 -20.56
CA LEU A 5 7.74 -4.72 -19.75
C LEU A 5 6.40 -4.72 -20.45
N ASP A 6 5.39 -5.22 -19.77
CA ASP A 6 4.03 -5.24 -20.31
C ASP A 6 3.19 -4.13 -19.72
N PRO A 7 2.28 -3.58 -20.52
CA PRO A 7 1.40 -2.49 -20.10
C PRO A 7 0.58 -2.84 -18.86
N SER A 8 0.04 -4.05 -18.83
CA SER A 8 -0.75 -4.50 -17.70
C SER A 8 0.14 -5.08 -16.60
N THR A 9 1.13 -5.88 -16.99
CA THR A 9 2.04 -6.48 -16.02
C THR A 9 3.36 -5.76 -15.99
N GLY A 10 3.37 -4.60 -15.36
CA GLY A 10 4.57 -3.83 -15.27
C GLY A 10 5.30 -4.04 -13.97
N ARG A 11 5.65 -2.96 -13.31
CA ARG A 11 6.31 -3.03 -12.02
C ARG A 11 5.27 -3.09 -10.90
N ARG A 12 5.69 -2.87 -9.67
CA ARG A 12 4.77 -2.86 -8.55
C ARG A 12 3.95 -1.56 -8.53
N PHE A 13 3.27 -1.33 -7.42
CA PHE A 13 2.49 -0.10 -7.20
C PHE A 13 3.23 1.15 -7.66
N SER A 14 4.51 1.23 -7.34
CA SER A 14 5.34 2.35 -7.75
C SER A 14 6.78 1.85 -7.92
N GLU A 15 7.61 2.61 -8.63
CA GLU A 15 9.01 2.22 -8.83
C GLU A 15 9.80 2.44 -7.55
N HIS A 16 9.40 3.46 -6.79
CA HIS A 16 10.02 3.73 -5.50
C HIS A 16 8.91 3.95 -4.48
N LYS A 17 9.13 3.49 -3.26
CA LYS A 17 8.15 3.67 -2.21
C LYS A 17 8.70 4.65 -1.17
N LEU A 18 7.80 5.37 -0.53
CA LEU A 18 8.18 6.32 0.49
C LEU A 18 7.98 5.69 1.85
N CYS A 19 9.04 5.66 2.64
CA CYS A 19 9.00 5.00 3.93
C CYS A 19 9.47 5.93 5.04
N ALA A 20 9.08 5.61 6.27
CA ALA A 20 9.48 6.39 7.44
C ALA A 20 10.93 6.10 7.81
N ASP A 21 11.45 5.07 7.19
CA ASP A 21 12.85 4.69 7.34
C ASP A 21 13.26 3.93 6.08
N ASP A 22 14.55 3.92 5.78
CA ASP A 22 15.05 3.37 4.52
C ASP A 22 14.88 1.84 4.44
N GLU A 23 14.35 1.24 5.50
CA GLU A 23 14.09 -0.20 5.51
C GLU A 23 12.60 -0.46 5.49
N CYS A 24 11.83 0.62 5.62
CA CYS A 24 10.37 0.58 5.61
C CYS A 24 9.83 -0.32 6.72
N SER A 25 10.48 -0.28 7.87
CA SER A 25 10.06 -1.10 9.00
C SER A 25 9.45 -0.21 10.09
N MET A 26 9.56 1.10 9.91
CA MET A 26 8.99 2.05 10.85
C MET A 26 7.70 2.63 10.31
N LEU A 27 6.68 2.66 11.15
CA LEU A 27 5.41 3.26 10.80
C LEU A 27 5.56 4.74 10.49
N MET A 28 4.78 5.17 9.50
CA MET A 28 4.81 6.56 9.07
C MET A 28 3.67 7.30 9.72
N TYR A 29 2.48 6.77 9.53
CA TYR A 29 1.28 7.35 10.10
C TYR A 29 0.40 6.25 10.66
N ARG A 30 -0.53 6.66 11.48
CA ARG A 30 -1.64 5.83 11.86
C ARG A 30 -2.86 6.45 11.23
N GLY A 31 -3.76 5.66 10.71
CA GLY A 31 -4.86 6.22 9.96
C GLY A 31 -6.19 5.64 10.35
N GLU A 32 -7.24 6.24 9.85
CA GLU A 32 -8.57 5.73 10.04
C GLU A 32 -9.27 5.76 8.70
N ALA A 33 -10.10 4.78 8.45
CA ALA A 33 -10.79 4.70 7.18
C ALA A 33 -11.97 5.65 7.16
N LEU A 34 -12.06 6.47 6.14
CA LEU A 34 -13.18 7.41 6.01
C LEU A 34 -14.15 6.91 4.97
N GLU A 35 -13.96 5.68 4.63
CA GLU A 35 -14.74 5.04 3.61
C GLU A 35 -14.76 3.54 3.82
N ASP A 36 -15.81 2.91 3.37
CA ASP A 36 -15.90 1.45 3.37
C ASP A 36 -15.46 0.94 2.01
N PHE A 37 -14.64 -0.09 2.02
CA PHE A 37 -13.95 -0.51 0.82
C PHE A 37 -13.40 -1.93 0.97
N THR A 38 -13.52 -2.71 -0.09
CA THR A 38 -12.98 -4.07 -0.08
C THR A 38 -12.03 -4.27 -1.25
N GLY A 39 -10.90 -4.89 -0.97
CA GLY A 39 -9.98 -5.26 -2.01
C GLY A 39 -9.69 -6.75 -1.98
N PRO A 40 -10.43 -7.54 -2.76
CA PRO A 40 -10.28 -9.01 -2.80
C PRO A 40 -9.07 -9.42 -3.63
N ASP A 41 -8.44 -8.42 -4.19
CA ASP A 41 -7.36 -8.58 -5.16
C ASP A 41 -6.06 -9.10 -4.52
N CYS A 42 -6.19 -9.72 -3.35
CA CYS A 42 -5.10 -10.44 -2.65
C CYS A 42 -4.08 -9.49 -2.02
N ARG A 43 -3.70 -8.43 -2.71
CA ARG A 43 -2.63 -7.59 -2.22
C ARG A 43 -3.20 -6.28 -1.72
N PHE A 44 -4.52 -6.17 -1.83
CA PHE A 44 -5.24 -4.99 -1.39
C PHE A 44 -5.54 -5.04 0.09
N VAL A 45 -5.84 -3.88 0.63
CA VAL A 45 -6.34 -3.77 1.97
C VAL A 45 -7.82 -3.37 1.94
N ASN A 46 -8.61 -4.00 2.80
CA ASN A 46 -10.00 -3.62 2.94
C ASN A 46 -10.25 -3.04 4.31
N PHE A 47 -11.29 -2.25 4.39
CA PHE A 47 -11.65 -1.56 5.61
C PHE A 47 -13.05 -0.97 5.51
N LYS A 48 -13.52 -0.43 6.63
CA LYS A 48 -14.79 0.25 6.68
C LYS A 48 -14.63 1.52 7.50
N LYS A 49 -15.29 2.60 7.06
CA LYS A 49 -15.10 3.91 7.68
C LYS A 49 -15.18 3.82 9.20
N GLY A 50 -14.08 4.20 9.85
CA GLY A 50 -13.96 4.08 11.29
C GLY A 50 -12.93 3.04 11.69
N ASP A 51 -12.50 2.24 10.72
CA ASP A 51 -11.52 1.19 10.96
C ASP A 51 -10.11 1.78 11.07
N PRO A 52 -9.47 1.59 12.22
CA PRO A 52 -8.11 2.07 12.46
C PRO A 52 -7.07 1.30 11.67
N VAL A 53 -6.30 2.01 10.85
CA VAL A 53 -5.27 1.42 10.02
C VAL A 53 -3.90 1.93 10.43
N TYR A 54 -2.87 1.15 10.17
CA TYR A 54 -1.50 1.59 10.36
C TYR A 54 -0.75 1.58 9.04
N VAL A 55 -0.15 2.71 8.69
CA VAL A 55 0.46 2.85 7.38
C VAL A 55 1.99 2.77 7.51
N TYR A 56 2.56 1.75 6.88
CA TYR A 56 3.99 1.47 6.97
C TYR A 56 4.77 2.26 5.95
N TYR A 57 4.16 2.45 4.78
CA TYR A 57 4.81 3.17 3.70
C TYR A 57 3.77 3.64 2.69
N LYS A 58 4.20 4.46 1.74
CA LYS A 58 3.32 4.99 0.72
C LYS A 58 4.05 5.12 -0.60
N LEU A 59 3.34 5.46 -1.67
CA LEU A 59 3.97 5.61 -2.99
C LEU A 59 4.67 6.95 -3.12
N ALA A 60 5.75 6.98 -3.88
CA ALA A 60 6.48 8.22 -4.12
C ALA A 60 5.74 9.11 -5.10
N ARG A 61 4.83 9.92 -4.57
CA ARG A 61 4.06 10.89 -5.34
C ARG A 61 3.35 10.21 -6.52
N GLY A 62 2.31 9.44 -6.21
CA GLY A 62 1.67 8.67 -7.25
C GLY A 62 0.16 8.78 -7.19
N TRP A 63 -0.45 8.94 -8.36
CA TRP A 63 -1.89 8.98 -8.47
C TRP A 63 -2.38 7.80 -9.30
N PRO A 64 -3.44 7.11 -8.85
CA PRO A 64 -4.19 7.47 -7.64
C PRO A 64 -3.35 7.30 -6.38
N GLU A 65 -3.50 8.25 -5.46
CA GLU A 65 -2.79 8.22 -4.19
C GLU A 65 -3.10 6.94 -3.44
N VAL A 66 -2.09 6.15 -3.28
CA VAL A 66 -2.20 4.85 -2.66
C VAL A 66 -1.19 4.69 -1.54
N TRP A 67 -1.65 4.11 -0.45
CA TRP A 67 -0.83 3.86 0.71
C TRP A 67 -0.91 2.37 1.05
N ALA A 68 -0.02 1.91 1.90
CA ALA A 68 -0.02 0.51 2.29
C ALA A 68 0.17 0.36 3.79
N GLY A 69 -0.63 -0.52 4.38
CA GLY A 69 -0.57 -0.72 5.80
C GLY A 69 -1.27 -1.98 6.23
N SER A 70 -1.53 -2.09 7.52
CA SER A 70 -2.21 -3.26 8.06
C SER A 70 -3.51 -2.85 8.72
N VAL A 71 -4.56 -3.63 8.49
CA VAL A 71 -5.88 -3.31 9.01
C VAL A 71 -6.56 -4.58 9.50
N GLY A 72 -6.40 -4.89 10.78
CA GLY A 72 -6.99 -6.07 11.34
C GLY A 72 -6.25 -7.33 10.95
N ARG A 73 -6.56 -7.85 9.77
CA ARG A 73 -5.93 -9.07 9.30
C ARG A 73 -5.28 -8.87 7.93
N THR A 74 -5.70 -7.83 7.23
CA THR A 74 -5.20 -7.58 5.90
C THR A 74 -4.02 -6.64 5.91
N PHE A 75 -3.11 -6.91 5.00
CA PHE A 75 -1.92 -6.08 4.80
C PHE A 75 -1.63 -5.99 3.31
N GLY A 76 -1.46 -4.78 2.81
CA GLY A 76 -1.22 -4.59 1.40
C GLY A 76 -1.44 -3.16 0.97
N TYR A 77 -1.88 -2.96 -0.27
CA TYR A 77 -2.03 -1.63 -0.82
C TYR A 77 -3.50 -1.21 -0.86
N PHE A 78 -3.76 0.09 -0.81
CA PHE A 78 -5.12 0.62 -0.83
C PHE A 78 -5.10 2.12 -1.11
N PRO A 79 -6.24 2.70 -1.53
CA PRO A 79 -6.33 4.13 -1.82
C PRO A 79 -6.23 4.99 -0.57
N LYS A 80 -5.18 5.79 -0.55
CA LYS A 80 -4.93 6.78 0.49
C LYS A 80 -6.18 7.65 0.69
N ASP A 81 -6.76 8.03 -0.44
CA ASP A 81 -8.02 8.78 -0.48
C ASP A 81 -9.13 8.18 0.40
N LEU A 82 -9.06 6.89 0.65
CA LEU A 82 -10.14 6.21 1.35
C LEU A 82 -9.88 6.15 2.86
N ILE A 83 -8.78 6.75 3.30
CA ILE A 83 -8.52 6.90 4.72
C ILE A 83 -8.08 8.32 5.07
N GLN A 84 -7.86 8.55 6.35
CA GLN A 84 -7.34 9.80 6.85
C GLN A 84 -6.30 9.52 7.92
N VAL A 85 -5.17 10.20 7.82
CA VAL A 85 -4.14 10.16 8.83
C VAL A 85 -4.71 10.57 10.18
N VAL A 86 -4.71 9.67 11.12
CA VAL A 86 -5.26 9.94 12.44
C VAL A 86 -4.13 10.36 13.36
N HIS A 87 -2.92 10.07 12.91
CA HIS A 87 -1.71 10.45 13.65
C HIS A 87 -0.47 10.18 12.81
N GLU A 88 0.56 10.98 13.04
CA GLU A 88 1.82 10.84 12.30
C GLU A 88 2.93 10.47 13.26
N TYR A 89 3.66 9.41 12.95
CA TYR A 89 4.86 9.07 13.71
C TYR A 89 6.04 9.91 13.27
N THR A 90 6.00 10.33 12.02
CA THR A 90 7.14 11.02 11.43
C THR A 90 6.76 11.75 10.15
N LYS A 91 7.45 12.84 9.89
CA LYS A 91 7.29 13.59 8.65
C LYS A 91 8.21 13.02 7.58
N GLU A 92 8.90 11.95 7.95
CA GLU A 92 9.92 11.37 7.09
C GLU A 92 9.33 10.67 5.87
N GLU A 93 9.86 11.03 4.72
CA GLU A 93 9.47 10.40 3.46
C GLU A 93 10.71 9.96 2.70
N LEU A 94 11.22 8.81 3.08
CA LEU A 94 12.42 8.27 2.46
C LEU A 94 12.05 7.47 1.23
N GLN A 95 12.82 7.66 0.17
CA GLN A 95 12.55 6.96 -1.07
C GLN A 95 13.32 5.65 -1.09
N VAL A 96 12.60 4.58 -0.84
CA VAL A 96 13.15 3.25 -0.86
C VAL A 96 12.61 2.51 -2.09
N PRO A 97 13.48 2.07 -2.99
CA PRO A 97 13.08 1.39 -4.24
C PRO A 97 12.23 0.17 -4.00
N THR A 98 11.46 -0.17 -5.02
CA THR A 98 10.63 -1.37 -4.98
C THR A 98 11.27 -2.47 -5.81
N ASP A 99 11.18 -3.69 -5.33
CA ASP A 99 11.67 -4.84 -6.10
C ASP A 99 10.56 -5.35 -6.99
N GLU A 100 10.89 -6.19 -7.95
CA GLU A 100 9.88 -6.83 -8.76
C GLU A 100 9.06 -7.79 -7.94
N THR A 101 9.74 -8.59 -7.13
CA THR A 101 9.09 -9.60 -6.33
C THR A 101 8.74 -9.03 -4.96
N ASP A 102 8.94 -7.72 -4.81
CA ASP A 102 8.71 -7.02 -3.56
C ASP A 102 7.32 -7.36 -3.04
N PHE A 103 6.34 -7.28 -3.95
CA PHE A 103 4.96 -7.60 -3.64
C PHE A 103 4.35 -8.37 -4.80
N VAL A 104 4.67 -9.66 -4.87
CA VAL A 104 4.19 -10.49 -5.96
C VAL A 104 3.06 -11.40 -5.51
N CYS A 105 2.01 -11.41 -6.31
CA CYS A 105 0.83 -12.20 -6.03
C CYS A 105 0.21 -12.66 -7.35
N PHE A 106 0.47 -13.91 -7.70
CA PHE A 106 -0.02 -14.46 -8.95
C PHE A 106 -0.67 -15.82 -8.72
N ASP A 107 -1.61 -16.18 -9.57
CA ASP A 107 -2.33 -17.44 -9.44
C ASP A 107 -2.59 -18.05 -10.81
N GLY A 108 -1.78 -19.05 -11.15
CA GLY A 108 -1.90 -19.70 -12.45
C GLY A 108 -1.36 -18.84 -13.56
N GLY A 109 -0.46 -17.94 -13.19
CA GLY A 109 0.09 -16.99 -14.14
C GLY A 109 0.06 -15.58 -13.59
N ARG A 110 0.69 -14.65 -14.28
CA ARG A 110 0.74 -13.26 -13.84
C ARG A 110 -0.65 -12.66 -13.78
N ASP A 111 -1.00 -12.14 -12.62
CA ASP A 111 -2.21 -11.38 -12.45
C ASP A 111 -1.85 -9.90 -12.49
N ASP A 112 -0.56 -9.64 -12.31
CA ASP A 112 -0.01 -8.31 -12.22
C ASP A 112 1.48 -8.40 -11.95
N MET A 1 4.41 -21.24 -19.05
CA MET A 1 3.36 -21.69 -18.11
C MET A 1 3.29 -20.75 -16.91
N PRO A 2 2.07 -20.48 -16.42
CA PRO A 2 1.86 -19.61 -15.24
C PRO A 2 2.66 -20.08 -14.02
N GLY A 3 3.09 -19.13 -13.22
CA GLY A 3 3.91 -19.45 -12.06
C GLY A 3 5.28 -18.84 -12.18
N GLN A 4 5.50 -18.11 -13.25
CA GLN A 4 6.77 -17.45 -13.49
C GLN A 4 6.63 -15.94 -13.32
N LEU A 5 7.52 -15.33 -12.57
CA LEU A 5 7.50 -13.88 -12.39
C LEU A 5 8.26 -13.23 -13.54
N ASP A 6 7.58 -13.09 -14.66
CA ASP A 6 8.15 -12.48 -15.85
C ASP A 6 8.39 -11.00 -15.61
N PRO A 7 9.53 -10.48 -16.08
CA PRO A 7 9.89 -9.06 -15.94
C PRO A 7 8.87 -8.14 -16.58
N SER A 8 8.13 -8.67 -17.54
CA SER A 8 7.10 -7.91 -18.23
C SER A 8 5.82 -7.84 -17.39
N THR A 9 5.69 -8.80 -16.48
CA THR A 9 4.56 -8.82 -15.57
C THR A 9 4.97 -8.31 -14.20
N GLY A 10 4.93 -7.00 -14.05
CA GLY A 10 5.38 -6.40 -12.81
C GLY A 10 4.38 -6.57 -11.70
N ARG A 11 4.49 -7.69 -10.99
CA ARG A 11 3.59 -7.99 -9.88
C ARG A 11 4.02 -7.25 -8.62
N ARG A 12 3.81 -5.94 -8.64
CA ARG A 12 4.12 -5.10 -7.49
C ARG A 12 3.09 -3.99 -7.36
N PHE A 13 3.31 -3.10 -6.42
CA PHE A 13 2.45 -1.95 -6.22
C PHE A 13 3.01 -0.73 -6.95
N SER A 14 4.34 -0.62 -6.95
CA SER A 14 5.03 0.48 -7.60
C SER A 14 6.53 0.19 -7.59
N GLU A 15 7.31 0.97 -8.33
CA GLU A 15 8.74 0.72 -8.46
C GLU A 15 9.52 1.28 -7.27
N HIS A 16 8.99 2.32 -6.65
CA HIS A 16 9.62 2.90 -5.48
C HIS A 16 8.58 3.17 -4.40
N LYS A 17 8.99 3.03 -3.16
CA LYS A 17 8.11 3.21 -2.02
C LYS A 17 8.67 4.26 -1.07
N LEU A 18 7.82 5.13 -0.59
CA LEU A 18 8.21 6.13 0.38
C LEU A 18 7.98 5.59 1.77
N CYS A 19 9.04 5.41 2.50
CA CYS A 19 8.97 4.76 3.79
C CYS A 19 9.37 5.72 4.90
N ALA A 20 8.78 5.51 6.09
CA ALA A 20 9.13 6.28 7.28
C ALA A 20 10.61 6.12 7.58
N ASP A 21 11.10 4.94 7.29
CA ASP A 21 12.51 4.61 7.44
C ASP A 21 12.93 3.79 6.23
N ASP A 22 14.22 3.83 5.90
CA ASP A 22 14.74 3.25 4.65
C ASP A 22 14.59 1.72 4.60
N GLU A 23 14.19 1.11 5.71
CA GLU A 23 13.95 -0.33 5.73
C GLU A 23 12.46 -0.61 5.65
N CYS A 24 11.68 0.45 5.81
CA CYS A 24 10.22 0.41 5.71
C CYS A 24 9.60 -0.45 6.81
N SER A 25 10.36 -0.72 7.86
CA SER A 25 9.87 -1.54 8.95
C SER A 25 9.36 -0.66 10.10
N MET A 26 9.15 0.62 9.81
CA MET A 26 8.68 1.55 10.81
C MET A 26 7.43 2.25 10.31
N LEU A 27 6.46 2.38 11.20
CA LEU A 27 5.21 3.07 10.89
C LEU A 27 5.43 4.54 10.63
N MET A 28 4.75 5.06 9.63
CA MET A 28 4.85 6.45 9.28
C MET A 28 3.64 7.21 9.80
N TYR A 29 2.47 6.68 9.49
CA TYR A 29 1.24 7.29 9.89
C TYR A 29 0.35 6.27 10.61
N ARG A 30 -0.61 6.79 11.33
CA ARG A 30 -1.72 6.00 11.82
C ARG A 30 -2.98 6.65 11.27
N GLY A 31 -3.87 5.85 10.71
CA GLY A 31 -4.98 6.41 9.98
C GLY A 31 -6.29 5.77 10.35
N GLU A 32 -7.37 6.32 9.83
CA GLU A 32 -8.66 5.69 9.98
C GLU A 32 -9.37 5.74 8.64
N ALA A 33 -10.11 4.71 8.33
CA ALA A 33 -10.74 4.61 7.04
C ALA A 33 -12.01 5.45 7.00
N LEU A 34 -12.13 6.28 5.98
CA LEU A 34 -13.29 7.16 5.84
C LEU A 34 -14.20 6.66 4.76
N GLU A 35 -13.96 5.44 4.39
CA GLU A 35 -14.74 4.82 3.34
C GLU A 35 -14.78 3.31 3.49
N ASP A 36 -15.90 2.76 3.06
CA ASP A 36 -16.10 1.32 2.97
C ASP A 36 -15.40 0.81 1.72
N PHE A 37 -14.38 -0.03 1.86
CA PHE A 37 -13.57 -0.42 0.72
C PHE A 37 -12.93 -1.80 0.88
N THR A 38 -13.07 -2.62 -0.13
CA THR A 38 -12.49 -3.94 -0.11
C THR A 38 -11.31 -4.05 -1.07
N GLY A 39 -10.13 -4.27 -0.53
CA GLY A 39 -8.99 -4.60 -1.33
C GLY A 39 -8.67 -6.09 -1.22
N PRO A 40 -9.24 -6.92 -2.10
CA PRO A 40 -9.14 -8.38 -2.01
C PRO A 40 -8.16 -9.01 -3.00
N ASP A 41 -7.59 -8.17 -3.84
CA ASP A 41 -6.88 -8.64 -5.05
C ASP A 41 -5.66 -9.52 -4.74
N CYS A 42 -5.10 -9.37 -3.53
CA CYS A 42 -3.95 -10.15 -3.05
C CYS A 42 -3.16 -9.34 -2.03
N ARG A 43 -2.79 -8.14 -2.43
CA ARG A 43 -1.87 -7.33 -1.65
C ARG A 43 -2.53 -6.03 -1.28
N PHE A 44 -3.78 -5.91 -1.65
CA PHE A 44 -4.60 -4.78 -1.30
C PHE A 44 -5.07 -4.87 0.15
N VAL A 45 -5.44 -3.75 0.71
CA VAL A 45 -6.00 -3.68 2.03
C VAL A 45 -7.50 -3.43 1.99
N ASN A 46 -8.25 -4.18 2.77
CA ASN A 46 -9.67 -3.94 2.93
C ASN A 46 -9.95 -3.36 4.30
N PHE A 47 -10.88 -2.44 4.29
CA PHE A 47 -11.28 -1.72 5.49
C PHE A 47 -12.63 -1.06 5.24
N LYS A 48 -13.18 -0.40 6.22
CA LYS A 48 -14.39 0.36 6.01
C LYS A 48 -14.40 1.57 6.92
N LYS A 49 -15.28 2.53 6.63
CA LYS A 49 -15.25 3.80 7.35
C LYS A 49 -15.43 3.59 8.85
N GLY A 50 -14.46 4.09 9.62
CA GLY A 50 -14.48 3.93 11.05
C GLY A 50 -13.35 3.01 11.53
N ASP A 51 -12.81 2.23 10.61
CA ASP A 51 -11.76 1.26 10.94
C ASP A 51 -10.40 1.95 11.01
N PRO A 52 -9.79 1.97 12.19
CA PRO A 52 -8.44 2.52 12.39
C PRO A 52 -7.34 1.65 11.77
N VAL A 53 -6.58 2.25 10.88
CA VAL A 53 -5.54 1.57 10.12
C VAL A 53 -4.17 2.12 10.50
N TYR A 54 -3.12 1.33 10.26
CA TYR A 54 -1.77 1.82 10.47
C TYR A 54 -1.02 1.83 9.13
N VAL A 55 -0.37 2.95 8.82
CA VAL A 55 0.28 3.11 7.53
C VAL A 55 1.81 3.11 7.69
N TYR A 56 2.46 2.11 7.09
CA TYR A 56 3.91 1.98 7.16
C TYR A 56 4.59 2.88 6.13
N TYR A 57 4.05 2.87 4.91
CA TYR A 57 4.70 3.56 3.80
C TYR A 57 3.69 3.84 2.69
N LYS A 58 4.16 4.42 1.59
CA LYS A 58 3.29 4.78 0.48
C LYS A 58 4.07 4.84 -0.84
N LEU A 59 3.36 5.01 -1.94
CA LEU A 59 3.99 5.08 -3.26
C LEU A 59 4.57 6.48 -3.49
N ALA A 60 5.73 6.53 -4.13
CA ALA A 60 6.45 7.78 -4.34
C ALA A 60 5.79 8.68 -5.39
N ARG A 61 5.00 9.63 -4.90
CA ARG A 61 4.40 10.68 -5.73
C ARG A 61 3.56 10.10 -6.86
N GLY A 62 2.31 9.80 -6.57
CA GLY A 62 1.39 9.30 -7.57
C GLY A 62 -0.05 9.43 -7.13
N TRP A 63 -0.78 10.34 -7.73
CA TRP A 63 -2.17 10.59 -7.36
C TRP A 63 -3.11 9.78 -8.24
N PRO A 64 -4.19 9.22 -7.68
CA PRO A 64 -4.49 9.29 -6.25
C PRO A 64 -3.47 8.51 -5.41
N GLU A 65 -3.02 9.13 -4.33
CA GLU A 65 -1.97 8.57 -3.52
C GLU A 65 -2.39 7.22 -2.95
N VAL A 66 -1.53 6.24 -3.12
CA VAL A 66 -1.75 4.94 -2.54
C VAL A 66 -0.79 4.69 -1.40
N TRP A 67 -1.34 4.19 -0.32
CA TRP A 67 -0.59 3.95 0.90
C TRP A 67 -0.58 2.46 1.18
N ALA A 68 0.25 2.03 2.11
CA ALA A 68 0.28 0.65 2.50
C ALA A 68 0.46 0.51 4.00
N GLY A 69 -0.30 -0.40 4.58
CA GLY A 69 -0.23 -0.59 6.01
C GLY A 69 -0.93 -1.87 6.44
N SER A 70 -1.19 -1.96 7.73
CA SER A 70 -1.86 -3.13 8.28
C SER A 70 -3.19 -2.71 8.91
N VAL A 71 -4.22 -3.50 8.66
CA VAL A 71 -5.56 -3.20 9.16
C VAL A 71 -6.21 -4.47 9.68
N GLY A 72 -5.94 -4.77 10.95
CA GLY A 72 -6.49 -5.96 11.57
C GLY A 72 -5.88 -7.23 11.02
N ARG A 73 -6.42 -7.70 9.91
CA ARG A 73 -5.99 -8.96 9.32
C ARG A 73 -5.27 -8.72 7.99
N THR A 74 -5.43 -7.54 7.42
CA THR A 74 -4.86 -7.26 6.12
C THR A 74 -3.61 -6.41 6.22
N PHE A 75 -2.71 -6.65 5.28
CA PHE A 75 -1.49 -5.88 5.14
C PHE A 75 -1.16 -5.72 3.66
N GLY A 76 -1.05 -4.49 3.21
CA GLY A 76 -0.76 -4.25 1.82
C GLY A 76 -1.08 -2.82 1.40
N TYR A 77 -1.38 -2.62 0.12
CA TYR A 77 -1.57 -1.28 -0.42
C TYR A 77 -3.06 -0.95 -0.56
N PHE A 78 -3.36 0.36 -0.55
CA PHE A 78 -4.73 0.86 -0.64
C PHE A 78 -4.70 2.37 -0.89
N PRO A 79 -5.79 2.96 -1.40
CA PRO A 79 -5.85 4.40 -1.67
C PRO A 79 -5.89 5.22 -0.39
N LYS A 80 -4.90 6.11 -0.27
CA LYS A 80 -4.82 7.08 0.81
C LYS A 80 -6.12 7.86 0.91
N ASP A 81 -6.62 8.22 -0.25
CA ASP A 81 -7.92 8.91 -0.40
C ASP A 81 -9.02 8.27 0.45
N LEU A 82 -8.93 6.97 0.66
CA LEU A 82 -10.00 6.23 1.31
C LEU A 82 -9.82 6.19 2.83
N ILE A 83 -8.75 6.81 3.31
CA ILE A 83 -8.55 6.94 4.74
C ILE A 83 -8.17 8.37 5.12
N GLN A 84 -8.00 8.61 6.40
CA GLN A 84 -7.52 9.87 6.92
C GLN A 84 -6.53 9.60 8.04
N VAL A 85 -5.39 10.28 7.96
CA VAL A 85 -4.39 10.24 9.01
C VAL A 85 -4.99 10.68 10.34
N VAL A 86 -4.98 9.79 11.31
CA VAL A 86 -5.52 10.09 12.61
C VAL A 86 -4.40 10.55 13.53
N HIS A 87 -3.18 10.26 13.06
CA HIS A 87 -1.95 10.67 13.76
C HIS A 87 -0.76 10.12 12.98
N GLU A 88 0.42 10.69 13.16
CA GLU A 88 1.58 10.19 12.44
C GLU A 88 2.81 10.09 13.33
N TYR A 89 3.65 9.10 13.04
CA TYR A 89 4.89 8.87 13.76
C TYR A 89 6.00 9.74 13.22
N THR A 90 5.99 9.95 11.91
CA THR A 90 6.98 10.77 11.27
C THR A 90 6.40 11.43 10.03
N LYS A 91 6.97 12.56 9.66
CA LYS A 91 6.63 13.24 8.42
C LYS A 91 7.74 13.02 7.41
N GLU A 92 8.47 11.92 7.61
CA GLU A 92 9.58 11.58 6.73
C GLU A 92 9.12 10.73 5.57
N GLU A 93 9.76 10.94 4.43
CA GLU A 93 9.45 10.18 3.23
C GLU A 93 10.73 9.73 2.55
N LEU A 94 11.26 8.63 3.03
CA LEU A 94 12.47 8.05 2.45
C LEU A 94 12.09 7.24 1.23
N GLN A 95 12.79 7.44 0.15
CA GLN A 95 12.44 6.77 -1.07
C GLN A 95 13.25 5.49 -1.21
N VAL A 96 12.62 4.40 -0.86
CA VAL A 96 13.23 3.08 -0.95
C VAL A 96 12.70 2.36 -2.19
N PRO A 97 13.56 1.80 -3.03
CA PRO A 97 13.12 1.10 -4.23
C PRO A 97 12.62 -0.30 -3.92
N THR A 98 11.70 -0.78 -4.73
CA THR A 98 11.18 -2.13 -4.57
C THR A 98 12.02 -3.11 -5.38
N ASP A 99 12.23 -4.29 -4.84
CA ASP A 99 12.93 -5.34 -5.57
C ASP A 99 11.97 -5.99 -6.55
N GLU A 100 12.47 -6.84 -7.43
CA GLU A 100 11.63 -7.49 -8.41
C GLU A 100 10.64 -8.43 -7.72
N THR A 101 11.14 -9.21 -6.77
CA THR A 101 10.30 -10.17 -6.07
C THR A 101 9.78 -9.62 -4.75
N ASP A 102 10.03 -8.33 -4.52
CA ASP A 102 9.69 -7.68 -3.26
C ASP A 102 8.24 -7.96 -2.85
N PHE A 103 7.34 -8.00 -3.84
CA PHE A 103 5.91 -8.23 -3.56
C PHE A 103 5.30 -9.20 -4.55
N VAL A 104 5.95 -10.34 -4.77
CA VAL A 104 5.46 -11.31 -5.75
C VAL A 104 4.11 -11.88 -5.33
N CYS A 105 3.23 -11.97 -6.30
CA CYS A 105 1.91 -12.56 -6.09
C CYS A 105 1.35 -12.98 -7.43
N PHE A 106 0.79 -14.17 -7.47
CA PHE A 106 0.24 -14.71 -8.69
C PHE A 106 -1.28 -14.84 -8.58
N ASP A 107 -1.95 -13.82 -9.03
CA ASP A 107 -3.40 -13.73 -8.93
C ASP A 107 -4.04 -13.91 -10.30
N GLY A 108 -4.29 -15.16 -10.65
CA GLY A 108 -4.85 -15.47 -11.96
C GLY A 108 -3.81 -15.45 -13.04
N GLY A 109 -2.56 -15.22 -12.65
CA GLY A 109 -1.47 -15.14 -13.60
C GLY A 109 -1.69 -14.03 -14.61
N ARG A 110 -1.09 -14.18 -15.78
CA ARG A 110 -1.26 -13.25 -16.87
C ARG A 110 -1.37 -14.00 -18.18
N ASP A 111 -2.07 -13.41 -19.14
CA ASP A 111 -2.20 -14.00 -20.46
C ASP A 111 -1.05 -13.57 -21.34
N ASP A 112 -0.41 -12.48 -20.96
CA ASP A 112 0.77 -11.99 -21.66
C ASP A 112 2.02 -12.43 -20.91
N MET A 1 9.53 -8.87 -16.01
CA MET A 1 10.69 -9.77 -15.78
C MET A 1 12.03 -9.10 -16.14
N PRO A 2 12.23 -8.65 -17.41
CA PRO A 2 13.52 -8.09 -17.83
C PRO A 2 13.63 -6.58 -17.56
N GLY A 3 13.36 -6.18 -16.33
CA GLY A 3 13.44 -4.78 -15.97
C GLY A 3 12.23 -3.99 -16.43
N GLN A 4 11.23 -4.70 -16.90
CA GLN A 4 10.03 -4.06 -17.43
C GLN A 4 8.79 -4.83 -17.00
N LEU A 5 7.76 -4.07 -16.61
CA LEU A 5 6.46 -4.63 -16.27
C LEU A 5 5.39 -4.04 -17.18
N ASP A 6 4.42 -4.85 -17.57
CA ASP A 6 3.32 -4.36 -18.40
C ASP A 6 2.31 -3.60 -17.55
N PRO A 7 2.03 -2.34 -17.92
CA PRO A 7 1.13 -1.46 -17.15
C PRO A 7 -0.28 -2.00 -17.05
N SER A 8 -0.69 -2.80 -18.03
CA SER A 8 -2.03 -3.35 -18.05
C SER A 8 -2.13 -4.53 -17.08
N THR A 9 -0.99 -5.09 -16.72
CA THR A 9 -0.92 -6.19 -15.78
C THR A 9 0.08 -5.89 -14.70
N GLY A 10 -0.03 -4.70 -14.12
CA GLY A 10 0.95 -4.28 -13.17
C GLY A 10 0.64 -4.74 -11.77
N ARG A 11 1.46 -5.64 -11.25
CA ARG A 11 1.27 -6.16 -9.91
C ARG A 11 2.09 -5.37 -8.91
N ARG A 12 1.69 -4.12 -8.70
CA ARG A 12 2.34 -3.21 -7.77
C ARG A 12 1.51 -1.94 -7.60
N PHE A 13 2.12 -0.95 -6.99
CA PHE A 13 1.46 0.33 -6.73
C PHE A 13 2.19 1.46 -7.42
N SER A 14 3.51 1.40 -7.41
CA SER A 14 4.34 2.40 -8.06
C SER A 14 5.76 1.86 -8.18
N GLU A 15 6.66 2.62 -8.77
CA GLU A 15 8.05 2.18 -8.92
C GLU A 15 8.84 2.47 -7.65
N HIS A 16 8.56 3.59 -7.02
CA HIS A 16 9.26 3.97 -5.80
C HIS A 16 8.25 4.17 -4.67
N LYS A 17 8.62 3.79 -3.46
CA LYS A 17 7.76 3.96 -2.30
C LYS A 17 8.48 4.79 -1.24
N LEU A 18 7.71 5.48 -0.43
CA LEU A 18 8.25 6.35 0.59
C LEU A 18 7.98 5.76 1.96
N CYS A 19 9.01 5.61 2.76
CA CYS A 19 8.86 5.00 4.06
C CYS A 19 9.46 5.88 5.16
N ALA A 20 9.05 5.63 6.39
CA ALA A 20 9.60 6.34 7.55
C ALA A 20 10.99 5.82 7.87
N ASP A 21 11.40 4.84 7.10
CA ASP A 21 12.66 4.16 7.28
C ASP A 21 13.05 3.53 5.94
N ASP A 22 14.34 3.50 5.65
CA ASP A 22 14.84 2.99 4.37
C ASP A 22 14.56 1.49 4.21
N GLU A 23 14.28 0.82 5.32
CA GLU A 23 13.90 -0.58 5.28
C GLU A 23 12.39 -0.68 5.50
N CYS A 24 11.78 0.50 5.59
CA CYS A 24 10.36 0.67 5.86
C CYS A 24 9.96 -0.07 7.13
N SER A 25 10.91 -0.18 8.06
CA SER A 25 10.71 -0.96 9.28
C SER A 25 10.21 -0.07 10.41
N MET A 26 9.70 1.10 10.07
CA MET A 26 9.16 2.02 11.05
C MET A 26 7.86 2.62 10.54
N LEU A 27 6.84 2.61 11.38
CA LEU A 27 5.57 3.23 11.06
C LEU A 27 5.73 4.70 10.78
N MET A 28 5.01 5.16 9.76
CA MET A 28 5.05 6.55 9.36
C MET A 28 3.95 7.29 10.09
N TYR A 29 2.72 6.94 9.74
CA TYR A 29 1.58 7.58 10.33
C TYR A 29 0.60 6.50 10.81
N ARG A 30 -0.39 6.91 11.56
CA ARG A 30 -1.53 6.08 11.88
C ARG A 30 -2.75 6.72 11.24
N GLY A 31 -3.66 5.91 10.73
CA GLY A 31 -4.77 6.44 9.97
C GLY A 31 -6.08 5.74 10.25
N GLU A 32 -7.13 6.29 9.72
CA GLU A 32 -8.46 5.70 9.84
C GLU A 32 -9.11 5.71 8.47
N ALA A 33 -9.91 4.72 8.19
CA ALA A 33 -10.55 4.62 6.90
C ALA A 33 -11.75 5.55 6.85
N LEU A 34 -11.80 6.40 5.84
CA LEU A 34 -12.92 7.33 5.67
C LEU A 34 -13.83 6.88 4.57
N GLU A 35 -13.69 5.61 4.28
CA GLU A 35 -14.44 5.00 3.22
C GLU A 35 -14.47 3.49 3.40
N ASP A 36 -15.52 2.89 2.89
CA ASP A 36 -15.65 1.44 2.91
C ASP A 36 -15.22 0.88 1.57
N PHE A 37 -14.35 -0.12 1.62
CA PHE A 37 -13.64 -0.57 0.44
C PHE A 37 -13.09 -1.98 0.63
N THR A 38 -13.25 -2.81 -0.38
CA THR A 38 -12.75 -4.17 -0.31
C THR A 38 -11.62 -4.38 -1.32
N GLY A 39 -10.43 -4.62 -0.80
CA GLY A 39 -9.32 -5.03 -1.64
C GLY A 39 -8.98 -6.49 -1.43
N PRO A 40 -9.60 -7.39 -2.20
CA PRO A 40 -9.42 -8.84 -2.07
C PRO A 40 -8.51 -9.44 -3.13
N ASP A 41 -8.06 -8.58 -4.01
CA ASP A 41 -7.45 -8.99 -5.28
C ASP A 41 -6.16 -9.82 -5.12
N CYS A 42 -5.48 -9.70 -3.98
CA CYS A 42 -4.27 -10.48 -3.70
C CYS A 42 -3.48 -9.88 -2.54
N ARG A 43 -3.13 -8.61 -2.67
CA ARG A 43 -2.26 -7.95 -1.70
C ARG A 43 -2.86 -6.62 -1.28
N PHE A 44 -4.10 -6.45 -1.66
CA PHE A 44 -4.86 -5.26 -1.33
C PHE A 44 -5.35 -5.31 0.10
N VAL A 45 -5.72 -4.16 0.62
CA VAL A 45 -6.31 -4.03 1.93
C VAL A 45 -7.81 -3.78 1.81
N ASN A 46 -8.57 -4.38 2.71
CA ASN A 46 -10.00 -4.12 2.82
C ASN A 46 -10.31 -3.55 4.18
N PHE A 47 -11.18 -2.55 4.17
CA PHE A 47 -11.57 -1.83 5.37
C PHE A 47 -12.92 -1.16 5.20
N LYS A 48 -13.47 -0.63 6.27
CA LYS A 48 -14.68 0.15 6.22
C LYS A 48 -14.49 1.43 7.02
N LYS A 49 -15.13 2.52 6.58
CA LYS A 49 -14.94 3.82 7.23
C LYS A 49 -15.08 3.72 8.75
N GLY A 50 -14.04 4.16 9.45
CA GLY A 50 -13.97 3.99 10.89
C GLY A 50 -12.89 3.00 11.29
N ASP A 51 -12.42 2.23 10.31
CA ASP A 51 -11.39 1.23 10.52
C ASP A 51 -10.05 1.86 10.87
N PRO A 52 -9.52 1.53 12.05
CA PRO A 52 -8.18 1.97 12.47
C PRO A 52 -7.08 1.20 11.75
N VAL A 53 -6.21 1.93 11.07
CA VAL A 53 -5.13 1.31 10.31
C VAL A 53 -3.81 2.06 10.50
N TYR A 54 -2.72 1.32 10.43
CA TYR A 54 -1.39 1.89 10.56
C TYR A 54 -0.74 2.00 9.18
N VAL A 55 -0.20 3.16 8.85
CA VAL A 55 0.38 3.37 7.54
C VAL A 55 1.90 3.17 7.61
N TYR A 56 2.36 2.10 6.97
CA TYR A 56 3.77 1.72 7.03
C TYR A 56 4.60 2.46 6.00
N TYR A 57 4.01 2.73 4.84
CA TYR A 57 4.71 3.46 3.80
C TYR A 57 3.73 4.03 2.79
N LYS A 58 4.25 4.91 1.93
CA LYS A 58 3.47 5.61 0.94
C LYS A 58 4.10 5.45 -0.43
N LEU A 59 3.43 5.94 -1.46
CA LEU A 59 4.01 5.98 -2.80
C LEU A 59 4.78 7.28 -2.99
N ALA A 60 5.84 7.24 -3.78
CA ALA A 60 6.63 8.44 -4.03
C ALA A 60 5.96 9.32 -5.07
N ARG A 61 4.86 9.93 -4.66
CA ARG A 61 4.10 10.86 -5.49
C ARG A 61 3.58 10.16 -6.74
N GLY A 62 2.43 9.53 -6.60
CA GLY A 62 1.84 8.81 -7.72
C GLY A 62 0.34 8.65 -7.57
N TRP A 63 -0.39 9.04 -8.60
CA TRP A 63 -1.83 8.95 -8.60
C TRP A 63 -2.27 7.65 -9.29
N PRO A 64 -3.28 6.95 -8.75
CA PRO A 64 -4.00 7.38 -7.54
C PRO A 64 -3.16 7.22 -6.29
N GLU A 65 -3.28 8.19 -5.38
CA GLU A 65 -2.56 8.16 -4.11
C GLU A 65 -2.87 6.88 -3.35
N VAL A 66 -1.84 6.11 -3.12
CA VAL A 66 -1.95 4.81 -2.48
C VAL A 66 -0.96 4.68 -1.33
N TRP A 67 -1.42 4.03 -0.27
CA TRP A 67 -0.58 3.74 0.88
C TRP A 67 -0.67 2.26 1.19
N ALA A 68 0.10 1.79 2.15
CA ALA A 68 0.04 0.40 2.55
C ALA A 68 0.27 0.25 4.04
N GLY A 69 -0.38 -0.76 4.61
CA GLY A 69 -0.26 -1.01 6.02
C GLY A 69 -1.22 -2.09 6.46
N SER A 70 -1.39 -2.24 7.76
CA SER A 70 -2.29 -3.24 8.29
C SER A 70 -3.54 -2.59 8.86
N VAL A 71 -4.69 -3.19 8.57
CA VAL A 71 -5.96 -2.71 9.09
C VAL A 71 -6.66 -3.84 9.84
N GLY A 72 -6.28 -4.02 11.09
CA GLY A 72 -6.91 -5.02 11.93
C GLY A 72 -6.56 -6.44 11.54
N ARG A 73 -6.99 -6.85 10.36
CA ARG A 73 -6.88 -8.24 9.93
C ARG A 73 -6.14 -8.37 8.59
N THR A 74 -6.06 -7.28 7.86
CA THR A 74 -5.46 -7.31 6.53
C THR A 74 -4.23 -6.43 6.45
N PHE A 75 -3.31 -6.83 5.59
CA PHE A 75 -2.08 -6.09 5.35
C PHE A 75 -1.77 -6.06 3.86
N GLY A 76 -1.55 -4.87 3.34
CA GLY A 76 -1.26 -4.72 1.92
C GLY A 76 -1.41 -3.28 1.48
N TYR A 77 -1.67 -3.09 0.19
CA TYR A 77 -1.78 -1.74 -0.37
C TYR A 77 -3.23 -1.33 -0.55
N PHE A 78 -3.48 -0.02 -0.60
CA PHE A 78 -4.83 0.51 -0.75
C PHE A 78 -4.77 2.01 -1.06
N PRO A 79 -5.86 2.58 -1.59
CA PRO A 79 -5.92 4.01 -1.90
C PRO A 79 -5.92 4.86 -0.64
N LYS A 80 -4.90 5.70 -0.53
CA LYS A 80 -4.78 6.66 0.55
C LYS A 80 -6.02 7.54 0.63
N ASP A 81 -6.50 7.90 -0.55
CA ASP A 81 -7.77 8.63 -0.70
C ASP A 81 -8.90 8.06 0.14
N LEU A 82 -8.80 6.78 0.47
CA LEU A 82 -9.85 6.11 1.18
C LEU A 82 -9.59 6.10 2.69
N ILE A 83 -8.48 6.70 3.13
CA ILE A 83 -8.24 6.87 4.56
C ILE A 83 -7.78 8.29 4.89
N GLN A 84 -7.63 8.55 6.18
CA GLN A 84 -7.15 9.80 6.68
C GLN A 84 -6.19 9.54 7.84
N VAL A 85 -5.04 10.21 7.82
CA VAL A 85 -4.10 10.16 8.93
C VAL A 85 -4.79 10.64 10.21
N VAL A 86 -4.82 9.79 11.21
CA VAL A 86 -5.49 10.10 12.45
C VAL A 86 -4.48 10.63 13.45
N HIS A 87 -3.23 10.35 13.11
CA HIS A 87 -2.08 10.77 13.92
C HIS A 87 -0.81 10.20 13.31
N GLU A 88 0.15 11.05 13.04
CA GLU A 88 1.37 10.59 12.39
C GLU A 88 2.54 10.57 13.35
N TYR A 89 3.37 9.54 13.25
CA TYR A 89 4.55 9.40 14.10
C TYR A 89 5.69 10.28 13.62
N THR A 90 5.88 10.33 12.31
CA THR A 90 6.96 11.06 11.72
C THR A 90 6.52 11.70 10.42
N LYS A 91 7.24 12.73 10.01
CA LYS A 91 7.02 13.35 8.72
C LYS A 91 8.15 12.96 7.77
N GLU A 92 8.87 11.91 8.14
CA GLU A 92 10.00 11.46 7.35
C GLU A 92 9.55 10.65 6.14
N GLU A 93 10.23 10.85 5.03
CA GLU A 93 9.87 10.22 3.77
C GLU A 93 11.12 9.75 3.05
N LEU A 94 11.51 8.53 3.32
CA LEU A 94 12.66 7.94 2.68
C LEU A 94 12.24 7.25 1.40
N GLN A 95 12.99 7.47 0.34
CA GLN A 95 12.63 6.96 -0.96
C GLN A 95 13.24 5.58 -1.16
N VAL A 96 12.40 4.59 -1.00
CA VAL A 96 12.79 3.20 -1.18
C VAL A 96 12.18 2.68 -2.48
N PRO A 97 12.94 1.98 -3.31
CA PRO A 97 12.41 1.42 -4.55
C PRO A 97 11.62 0.15 -4.32
N THR A 98 10.69 -0.11 -5.21
CA THR A 98 9.89 -1.33 -5.14
C THR A 98 10.53 -2.41 -6.01
N ASP A 99 10.41 -3.66 -5.59
CA ASP A 99 10.93 -4.76 -6.40
C ASP A 99 9.84 -5.25 -7.34
N GLU A 100 10.24 -5.86 -8.43
CA GLU A 100 9.26 -6.42 -9.35
C GLU A 100 8.40 -7.47 -8.66
N THR A 101 9.04 -8.28 -7.83
CA THR A 101 8.36 -9.38 -7.16
C THR A 101 7.90 -8.98 -5.76
N ASP A 102 8.07 -7.72 -5.42
CA ASP A 102 7.71 -7.20 -4.10
C ASP A 102 6.23 -7.49 -3.82
N PHE A 103 5.41 -7.44 -4.86
CA PHE A 103 3.97 -7.66 -4.72
C PHE A 103 3.41 -8.51 -5.86
N VAL A 104 4.13 -9.58 -6.20
CA VAL A 104 3.66 -10.51 -7.22
C VAL A 104 2.75 -11.57 -6.61
N CYS A 105 1.94 -12.19 -7.46
CA CYS A 105 1.06 -13.25 -7.02
C CYS A 105 1.28 -14.48 -7.89
N PHE A 106 2.05 -15.42 -7.37
CA PHE A 106 2.45 -16.60 -8.14
C PHE A 106 1.25 -17.51 -8.36
N ASP A 107 1.25 -18.23 -9.48
CA ASP A 107 0.12 -19.07 -9.90
C ASP A 107 -1.21 -18.31 -9.85
N GLY A 108 -1.63 -17.81 -10.99
CA GLY A 108 -2.83 -17.01 -11.07
C GLY A 108 -2.55 -15.58 -11.47
N GLY A 109 -1.34 -15.12 -11.15
CA GLY A 109 -0.94 -13.78 -11.52
C GLY A 109 -0.28 -13.73 -12.87
N ARG A 110 0.08 -12.53 -13.32
CA ARG A 110 0.69 -12.36 -14.62
C ARG A 110 2.20 -12.19 -14.50
N ASP A 111 2.93 -12.70 -15.48
CA ASP A 111 4.38 -12.57 -15.50
C ASP A 111 4.81 -11.61 -16.61
N ASP A 112 3.89 -10.78 -17.04
CA ASP A 112 4.17 -9.79 -18.06
C ASP A 112 4.50 -8.45 -17.43
N MET A 1 -4.28 -0.12 -28.13
CA MET A 1 -3.21 0.67 -27.49
C MET A 1 -2.70 -0.03 -26.24
N PRO A 2 -1.39 -0.31 -26.17
CA PRO A 2 -0.76 -0.88 -24.98
C PRO A 2 -0.24 0.21 -24.03
N GLY A 3 0.33 -0.21 -22.92
CA GLY A 3 0.91 0.75 -21.99
C GLY A 3 -0.04 1.13 -20.87
N GLN A 4 -1.24 0.58 -20.89
CA GLN A 4 -2.23 0.86 -19.86
C GLN A 4 -2.10 -0.13 -18.70
N LEU A 5 -1.21 0.20 -17.78
CA LEU A 5 -0.97 -0.65 -16.62
C LEU A 5 -1.50 0.03 -15.36
N ASP A 6 -2.59 -0.49 -14.81
CA ASP A 6 -3.11 0.02 -13.56
C ASP A 6 -2.14 -0.32 -12.44
N PRO A 7 -1.75 0.72 -11.66
CA PRO A 7 -0.72 0.60 -10.63
C PRO A 7 -0.96 -0.54 -9.66
N SER A 8 -2.22 -0.82 -9.40
CA SER A 8 -2.59 -1.80 -8.40
C SER A 8 -2.63 -3.22 -8.97
N THR A 9 -2.66 -3.35 -10.28
CA THR A 9 -2.80 -4.67 -10.91
C THR A 9 -1.47 -5.18 -11.46
N GLY A 10 -1.07 -6.34 -10.97
CA GLY A 10 0.12 -7.00 -11.48
C GLY A 10 1.41 -6.33 -11.04
N ARG A 11 1.77 -5.26 -11.72
CA ARG A 11 2.96 -4.52 -11.39
C ARG A 11 2.77 -3.76 -10.08
N ARG A 12 3.86 -3.23 -9.53
CA ARG A 12 3.80 -2.57 -8.24
C ARG A 12 3.26 -1.16 -8.35
N PHE A 13 2.49 -0.78 -7.33
CA PHE A 13 1.95 0.57 -7.16
C PHE A 13 2.82 1.64 -7.81
N SER A 14 4.05 1.75 -7.34
CA SER A 14 5.01 2.69 -7.87
C SER A 14 6.37 2.03 -7.85
N GLU A 15 7.31 2.56 -8.63
CA GLU A 15 8.63 1.97 -8.72
C GLU A 15 9.52 2.46 -7.59
N HIS A 16 9.01 3.42 -6.83
CA HIS A 16 9.66 3.87 -5.61
C HIS A 16 8.61 4.14 -4.54
N LYS A 17 8.96 3.89 -3.29
CA LYS A 17 8.05 4.12 -2.18
C LYS A 17 8.68 5.09 -1.19
N LEU A 18 7.85 5.79 -0.44
CA LEU A 18 8.32 6.71 0.56
C LEU A 18 8.06 6.16 1.95
N CYS A 19 9.10 6.04 2.73
CA CYS A 19 9.00 5.36 4.01
C CYS A 19 9.61 6.19 5.15
N ALA A 20 9.23 5.83 6.39
CA ALA A 20 9.76 6.46 7.59
C ALA A 20 11.14 5.91 7.91
N ASP A 21 11.52 4.93 7.11
CA ASP A 21 12.75 4.20 7.29
C ASP A 21 13.18 3.69 5.93
N ASP A 22 14.48 3.63 5.66
CA ASP A 22 14.97 3.30 4.32
C ASP A 22 14.79 1.80 4.03
N GLU A 23 14.28 1.06 5.02
CA GLU A 23 13.91 -0.33 4.81
C GLU A 23 12.40 -0.46 4.93
N CYS A 24 11.76 0.68 5.22
CA CYS A 24 10.32 0.79 5.40
C CYS A 24 9.83 -0.12 6.52
N SER A 25 10.66 -0.29 7.54
CA SER A 25 10.32 -1.14 8.65
C SER A 25 9.83 -0.32 9.85
N MET A 26 9.62 0.98 9.63
CA MET A 26 9.12 1.84 10.68
C MET A 26 7.82 2.50 10.24
N LEU A 27 6.81 2.41 11.09
CA LEU A 27 5.54 3.07 10.84
C LEU A 27 5.72 4.56 10.61
N MET A 28 4.99 5.06 9.64
CA MET A 28 5.05 6.45 9.28
C MET A 28 3.94 7.20 9.97
N TYR A 29 2.72 6.81 9.64
CA TYR A 29 1.55 7.41 10.24
C TYR A 29 0.63 6.32 10.77
N ARG A 30 -0.37 6.74 11.51
CA ARG A 30 -1.50 5.89 11.82
C ARG A 30 -2.72 6.53 11.17
N GLY A 31 -3.58 5.73 10.59
CA GLY A 31 -4.67 6.27 9.82
C GLY A 31 -5.99 5.70 10.24
N GLU A 32 -7.06 6.23 9.69
CA GLU A 32 -8.37 5.68 9.88
C GLU A 32 -9.06 5.70 8.53
N ALA A 33 -9.83 4.67 8.25
CA ALA A 33 -10.50 4.58 6.98
C ALA A 33 -11.72 5.48 6.97
N LEU A 34 -11.79 6.40 6.01
CA LEU A 34 -12.92 7.29 5.91
C LEU A 34 -13.81 6.87 4.78
N GLU A 35 -13.68 5.63 4.45
CA GLU A 35 -14.43 5.05 3.37
C GLU A 35 -14.60 3.56 3.56
N ASP A 36 -15.74 3.07 3.12
CA ASP A 36 -16.01 1.64 3.09
C ASP A 36 -15.47 1.07 1.80
N PHE A 37 -14.70 0.01 1.89
CA PHE A 37 -13.95 -0.45 0.74
C PHE A 37 -13.48 -1.90 0.90
N THR A 38 -13.59 -2.64 -0.18
CA THR A 38 -13.13 -4.01 -0.21
C THR A 38 -11.98 -4.16 -1.19
N GLY A 39 -10.96 -4.91 -0.77
CA GLY A 39 -9.86 -5.19 -1.63
C GLY A 39 -9.76 -6.68 -1.94
N PRO A 40 -10.53 -7.16 -2.90
CA PRO A 40 -10.62 -8.59 -3.24
C PRO A 40 -9.68 -8.99 -4.35
N ASP A 41 -8.99 -8.01 -4.89
CA ASP A 41 -8.27 -8.15 -6.15
C ASP A 41 -7.12 -9.16 -6.07
N CYS A 42 -6.68 -9.46 -4.85
CA CYS A 42 -5.58 -10.41 -4.65
C CYS A 42 -5.26 -10.53 -3.16
N ARG A 43 -4.75 -9.44 -2.61
CA ARG A 43 -4.30 -9.39 -1.21
C ARG A 43 -4.49 -7.99 -0.65
N PHE A 44 -5.21 -7.25 -1.44
CA PHE A 44 -5.62 -5.88 -1.17
C PHE A 44 -6.21 -5.73 0.24
N VAL A 45 -6.06 -4.53 0.79
CA VAL A 45 -6.54 -4.25 2.12
C VAL A 45 -8.01 -3.86 2.09
N ASN A 46 -8.79 -4.51 2.95
CA ASN A 46 -10.18 -4.19 3.13
C ASN A 46 -10.33 -3.37 4.39
N PHE A 47 -11.29 -2.47 4.38
CA PHE A 47 -11.59 -1.65 5.54
C PHE A 47 -12.94 -0.97 5.40
N LYS A 48 -13.35 -0.27 6.44
CA LYS A 48 -14.61 0.44 6.44
C LYS A 48 -14.44 1.75 7.20
N LYS A 49 -15.22 2.77 6.81
CA LYS A 49 -15.08 4.08 7.42
C LYS A 49 -15.26 4.01 8.94
N GLY A 50 -14.21 4.37 9.66
CA GLY A 50 -14.21 4.32 11.10
C GLY A 50 -13.26 3.26 11.65
N ASP A 51 -12.50 2.63 10.76
CA ASP A 51 -11.55 1.59 11.16
C ASP A 51 -10.13 2.14 11.17
N PRO A 52 -9.46 2.09 12.33
CA PRO A 52 -8.06 2.53 12.46
C PRO A 52 -7.08 1.63 11.71
N VAL A 53 -6.32 2.24 10.82
CA VAL A 53 -5.34 1.55 10.01
C VAL A 53 -3.93 2.05 10.35
N TYR A 54 -2.92 1.25 10.09
CA TYR A 54 -1.55 1.69 10.28
C TYR A 54 -0.83 1.76 8.94
N VAL A 55 -0.15 2.87 8.69
CA VAL A 55 0.47 3.12 7.40
C VAL A 55 2.00 2.96 7.50
N TYR A 56 2.51 1.91 6.86
CA TYR A 56 3.93 1.57 6.92
C TYR A 56 4.75 2.40 5.96
N TYR A 57 4.17 2.71 4.80
CA TYR A 57 4.88 3.47 3.78
C TYR A 57 3.88 4.07 2.79
N LYS A 58 4.38 4.97 1.94
CA LYS A 58 3.57 5.64 0.94
C LYS A 58 4.19 5.50 -0.44
N LEU A 59 3.47 5.94 -1.46
CA LEU A 59 3.99 5.99 -2.83
C LEU A 59 4.78 7.28 -3.05
N ALA A 60 5.85 7.19 -3.83
CA ALA A 60 6.66 8.37 -4.13
C ALA A 60 6.02 9.24 -5.21
N ARG A 61 5.08 10.09 -4.78
CA ARG A 61 4.40 11.04 -5.65
C ARG A 61 3.73 10.33 -6.81
N GLY A 62 2.57 9.74 -6.56
CA GLY A 62 1.89 8.98 -7.59
C GLY A 62 0.39 8.91 -7.39
N TRP A 63 -0.34 8.96 -8.49
CA TRP A 63 -1.79 8.87 -8.45
C TRP A 63 -2.28 7.65 -9.23
N PRO A 64 -3.39 7.04 -8.78
CA PRO A 64 -4.11 7.47 -7.57
C PRO A 64 -3.27 7.25 -6.32
N GLU A 65 -3.39 8.18 -5.38
CA GLU A 65 -2.61 8.13 -4.15
C GLU A 65 -2.93 6.86 -3.37
N VAL A 66 -1.90 6.07 -3.20
CA VAL A 66 -2.01 4.76 -2.59
C VAL A 66 -1.00 4.59 -1.48
N TRP A 67 -1.42 3.91 -0.42
CA TRP A 67 -0.54 3.60 0.70
C TRP A 67 -0.65 2.10 0.99
N ALA A 68 0.09 1.63 1.97
CA ALA A 68 -0.01 0.25 2.38
C ALA A 68 0.12 0.13 3.88
N GLY A 69 -0.64 -0.78 4.45
CA GLY A 69 -0.67 -0.92 5.88
C GLY A 69 -1.50 -2.10 6.31
N SER A 70 -1.75 -2.17 7.60
CA SER A 70 -2.53 -3.26 8.16
C SER A 70 -3.79 -2.72 8.82
N VAL A 71 -4.90 -3.42 8.62
CA VAL A 71 -6.16 -3.05 9.21
C VAL A 71 -6.77 -4.28 9.88
N GLY A 72 -6.36 -4.53 11.11
CA GLY A 72 -6.84 -5.69 11.84
C GLY A 72 -6.39 -6.99 11.22
N ARG A 73 -7.20 -7.52 10.31
CA ARG A 73 -6.93 -8.80 9.69
C ARG A 73 -6.35 -8.62 8.28
N THR A 74 -6.55 -7.46 7.71
CA THR A 74 -6.15 -7.21 6.35
C THR A 74 -4.82 -6.46 6.27
N PHE A 75 -3.96 -6.93 5.38
CA PHE A 75 -2.67 -6.30 5.15
C PHE A 75 -2.28 -6.45 3.68
N GLY A 76 -1.78 -5.37 3.09
CA GLY A 76 -1.36 -5.40 1.71
C GLY A 76 -1.18 -4.01 1.15
N TYR A 77 -2.16 -3.54 0.39
CA TYR A 77 -2.10 -2.21 -0.22
C TYR A 77 -3.50 -1.65 -0.42
N PHE A 78 -3.62 -0.33 -0.50
CA PHE A 78 -4.92 0.32 -0.67
C PHE A 78 -4.78 1.81 -1.01
N PRO A 79 -5.84 2.44 -1.52
CA PRO A 79 -5.84 3.87 -1.83
C PRO A 79 -5.80 4.73 -0.58
N LYS A 80 -4.74 5.52 -0.49
CA LYS A 80 -4.58 6.53 0.55
C LYS A 80 -5.82 7.40 0.64
N ASP A 81 -6.34 7.74 -0.54
CA ASP A 81 -7.59 8.50 -0.68
C ASP A 81 -8.71 7.99 0.22
N LEU A 82 -8.71 6.71 0.51
CA LEU A 82 -9.81 6.09 1.22
C LEU A 82 -9.58 6.06 2.72
N ILE A 83 -8.48 6.64 3.17
CA ILE A 83 -8.23 6.79 4.60
C ILE A 83 -7.78 8.21 4.94
N GLN A 84 -7.69 8.48 6.23
CA GLN A 84 -7.23 9.75 6.75
C GLN A 84 -6.21 9.50 7.85
N VAL A 85 -5.11 10.24 7.80
CA VAL A 85 -4.12 10.21 8.85
C VAL A 85 -4.77 10.59 10.19
N VAL A 86 -4.77 9.66 11.11
CA VAL A 86 -5.42 9.89 12.40
C VAL A 86 -4.37 10.31 13.40
N HIS A 87 -3.14 10.09 13.00
CA HIS A 87 -1.97 10.43 13.80
C HIS A 87 -0.73 10.07 13.00
N GLU A 88 0.39 10.70 13.28
CA GLU A 88 1.60 10.35 12.55
C GLU A 88 2.82 10.31 13.45
N TYR A 89 3.65 9.29 13.25
CA TYR A 89 4.87 9.11 14.01
C TYR A 89 5.96 10.04 13.49
N THR A 90 6.01 10.17 12.18
CA THR A 90 6.99 11.03 11.54
C THR A 90 6.44 11.50 10.20
N LYS A 91 6.82 12.71 9.81
CA LYS A 91 6.43 13.22 8.50
C LYS A 91 7.60 13.08 7.53
N GLU A 92 8.45 12.11 7.81
CA GLU A 92 9.64 11.89 6.98
C GLU A 92 9.29 11.05 5.76
N GLU A 93 10.02 11.28 4.69
CA GLU A 93 9.80 10.57 3.44
C GLU A 93 11.11 10.11 2.83
N LEU A 94 11.48 8.88 3.13
CA LEU A 94 12.65 8.27 2.52
C LEU A 94 12.22 7.52 1.27
N GLN A 95 12.93 7.70 0.18
CA GLN A 95 12.55 7.06 -1.07
C GLN A 95 13.28 5.74 -1.24
N VAL A 96 12.56 4.69 -0.95
CA VAL A 96 13.07 3.34 -1.06
C VAL A 96 12.50 2.70 -2.32
N PRO A 97 13.33 2.08 -3.15
CA PRO A 97 12.86 1.47 -4.40
C PRO A 97 12.08 0.19 -4.17
N THR A 98 11.11 -0.05 -5.03
CA THR A 98 10.25 -1.22 -4.90
C THR A 98 10.83 -2.40 -5.66
N ASP A 99 10.69 -3.59 -5.09
CA ASP A 99 11.18 -4.81 -5.73
C ASP A 99 10.09 -5.40 -6.60
N GLU A 100 10.47 -6.23 -7.56
CA GLU A 100 9.48 -6.87 -8.41
C GLU A 100 8.63 -7.84 -7.60
N THR A 101 9.28 -8.54 -6.67
CA THR A 101 8.59 -9.52 -5.86
C THR A 101 8.13 -8.90 -4.54
N ASP A 102 8.33 -7.59 -4.41
CA ASP A 102 7.94 -6.87 -3.21
C ASP A 102 6.46 -7.07 -2.96
N PHE A 103 5.68 -6.98 -4.04
CA PHE A 103 4.25 -7.16 -3.96
C PHE A 103 3.74 -8.00 -5.12
N VAL A 104 4.30 -9.19 -5.26
CA VAL A 104 3.86 -10.13 -6.27
C VAL A 104 2.56 -10.80 -5.85
N CYS A 105 1.63 -10.88 -6.78
CA CYS A 105 0.34 -11.48 -6.53
C CYS A 105 0.40 -12.97 -6.81
N PHE A 106 -0.24 -13.75 -5.96
CA PHE A 106 -0.21 -15.19 -6.08
C PHE A 106 -1.51 -15.68 -6.70
N ASP A 107 -1.57 -16.95 -7.04
CA ASP A 107 -2.75 -17.54 -7.65
C ASP A 107 -3.99 -17.26 -6.81
N GLY A 108 -5.05 -16.80 -7.47
CA GLY A 108 -6.26 -16.43 -6.76
C GLY A 108 -6.52 -14.93 -6.84
N GLY A 109 -5.62 -14.21 -7.50
CA GLY A 109 -5.79 -12.78 -7.65
C GLY A 109 -5.30 -12.27 -8.99
N ARG A 110 -5.33 -10.96 -9.17
CA ARG A 110 -4.89 -10.33 -10.40
C ARG A 110 -3.38 -10.11 -10.38
N ASP A 111 -2.66 -10.93 -11.14
CA ASP A 111 -1.21 -10.84 -11.22
C ASP A 111 -0.77 -10.18 -12.52
N ASP A 112 -1.74 -9.69 -13.29
CA ASP A 112 -1.44 -9.03 -14.56
C ASP A 112 -1.95 -7.59 -14.54
N MET A 1 5.77 -15.26 -22.93
CA MET A 1 5.45 -13.85 -23.21
C MET A 1 5.60 -13.01 -21.95
N PRO A 2 6.74 -12.30 -21.82
CA PRO A 2 7.03 -11.49 -20.64
C PRO A 2 6.44 -10.09 -20.73
N GLY A 3 6.28 -9.43 -19.58
CA GLY A 3 5.81 -8.06 -19.57
C GLY A 3 4.38 -7.93 -20.05
N GLN A 4 3.47 -8.62 -19.39
CA GLN A 4 2.06 -8.58 -19.75
C GLN A 4 1.20 -8.21 -18.55
N LEU A 5 0.21 -7.37 -18.76
CA LEU A 5 -0.70 -7.00 -17.69
C LEU A 5 -1.89 -7.96 -17.71
N ASP A 6 -1.69 -9.11 -17.11
CA ASP A 6 -2.71 -10.17 -17.11
C ASP A 6 -3.72 -9.94 -15.99
N PRO A 7 -5.02 -10.11 -16.29
CA PRO A 7 -6.10 -9.89 -15.33
C PRO A 7 -6.00 -10.75 -14.07
N SER A 8 -5.30 -11.87 -14.17
CA SER A 8 -5.21 -12.80 -13.06
C SER A 8 -4.11 -12.41 -12.07
N THR A 9 -3.15 -11.61 -12.54
CA THR A 9 -2.03 -11.22 -11.71
C THR A 9 -1.89 -9.71 -11.61
N GLY A 10 -2.00 -9.20 -10.39
CA GLY A 10 -1.83 -7.80 -10.17
C GLY A 10 -0.37 -7.44 -10.02
N ARG A 11 -0.04 -6.18 -10.29
CA ARG A 11 1.34 -5.72 -10.20
C ARG A 11 1.53 -4.86 -8.96
N ARG A 12 2.69 -4.23 -8.85
CA ARG A 12 2.95 -3.36 -7.71
C ARG A 12 2.17 -2.06 -7.80
N PHE A 13 2.51 -1.13 -6.93
CA PHE A 13 1.79 0.13 -6.80
C PHE A 13 2.41 1.18 -7.73
N SER A 14 3.70 1.43 -7.52
CA SER A 14 4.42 2.40 -8.33
C SER A 14 5.90 2.02 -8.34
N GLU A 15 6.75 2.93 -8.81
CA GLU A 15 8.17 2.63 -8.96
C GLU A 15 8.87 2.69 -7.61
N HIS A 16 8.83 3.83 -6.96
CA HIS A 16 9.50 3.99 -5.67
C HIS A 16 8.47 4.26 -4.59
N LYS A 17 8.75 3.79 -3.40
CA LYS A 17 7.85 3.95 -2.28
C LYS A 17 8.50 4.78 -1.18
N LEU A 18 7.71 5.64 -0.57
CA LEU A 18 8.19 6.54 0.45
C LEU A 18 7.95 5.91 1.81
N CYS A 19 8.98 5.78 2.60
CA CYS A 19 8.86 5.08 3.87
C CYS A 19 9.48 5.88 4.99
N ALA A 20 9.02 5.62 6.21
CA ALA A 20 9.56 6.26 7.41
C ALA A 20 10.91 5.68 7.75
N ASP A 21 11.27 4.64 7.01
CA ASP A 21 12.50 3.91 7.20
C ASP A 21 12.95 3.38 5.85
N ASP A 22 14.25 3.33 5.62
CA ASP A 22 14.77 2.97 4.29
C ASP A 22 14.53 1.49 3.98
N GLU A 23 14.03 0.74 4.96
CA GLU A 23 13.62 -0.63 4.74
C GLU A 23 12.11 -0.73 4.86
N CYS A 24 11.50 0.43 5.11
CA CYS A 24 10.06 0.57 5.27
C CYS A 24 9.55 -0.29 6.43
N SER A 25 10.35 -0.41 7.47
CA SER A 25 9.97 -1.25 8.60
C SER A 25 9.48 -0.41 9.78
N MET A 26 9.31 0.89 9.59
CA MET A 26 8.80 1.75 10.64
C MET A 26 7.52 2.43 10.21
N LEU A 27 6.55 2.48 11.11
CA LEU A 27 5.30 3.17 10.87
C LEU A 27 5.51 4.65 10.58
N MET A 28 4.75 5.16 9.64
CA MET A 28 4.84 6.55 9.26
C MET A 28 3.74 7.32 9.95
N TYR A 29 2.52 6.92 9.67
CA TYR A 29 1.35 7.57 10.23
C TYR A 29 0.45 6.51 10.85
N ARG A 30 -0.49 6.97 11.65
CA ARG A 30 -1.61 6.18 12.07
C ARG A 30 -2.82 6.74 11.35
N GLY A 31 -3.63 5.89 10.78
CA GLY A 31 -4.68 6.38 9.94
C GLY A 31 -6.03 5.81 10.30
N GLU A 32 -7.06 6.33 9.68
CA GLU A 32 -8.38 5.79 9.83
C GLU A 32 -9.03 5.74 8.47
N ALA A 33 -9.85 4.74 8.24
CA ALA A 33 -10.49 4.59 6.95
C ALA A 33 -11.67 5.53 6.85
N LEU A 34 -11.75 6.28 5.77
CA LEU A 34 -12.84 7.23 5.58
C LEU A 34 -13.82 6.71 4.57
N GLU A 35 -13.69 5.44 4.30
CA GLU A 35 -14.48 4.81 3.29
C GLU A 35 -14.59 3.30 3.49
N ASP A 36 -15.70 2.78 3.01
CA ASP A 36 -15.97 1.34 2.99
C ASP A 36 -15.35 0.75 1.74
N PHE A 37 -14.41 -0.16 1.92
CA PHE A 37 -13.63 -0.65 0.79
C PHE A 37 -13.05 -2.02 1.04
N THR A 38 -13.13 -2.89 0.05
CA THR A 38 -12.57 -4.22 0.14
C THR A 38 -11.70 -4.51 -1.08
N GLY A 39 -10.55 -5.10 -0.84
CA GLY A 39 -9.70 -5.53 -1.93
C GLY A 39 -9.40 -7.02 -1.85
N PRO A 40 -10.17 -7.85 -2.57
CA PRO A 40 -10.00 -9.30 -2.59
C PRO A 40 -8.79 -9.73 -3.40
N ASP A 41 -8.16 -8.73 -3.98
CA ASP A 41 -7.07 -8.90 -4.95
C ASP A 41 -5.77 -9.46 -4.35
N CYS A 42 -5.88 -10.13 -3.20
CA CYS A 42 -4.79 -10.96 -2.65
C CYS A 42 -3.80 -10.15 -1.81
N ARG A 43 -3.51 -8.92 -2.22
CA ARG A 43 -2.49 -8.13 -1.53
C ARG A 43 -3.01 -6.73 -1.23
N PHE A 44 -4.27 -6.55 -1.53
CA PHE A 44 -4.99 -5.32 -1.18
C PHE A 44 -5.33 -5.29 0.30
N VAL A 45 -5.66 -4.10 0.77
CA VAL A 45 -6.14 -3.91 2.12
C VAL A 45 -7.64 -3.64 2.10
N ASN A 46 -8.35 -4.23 3.04
CA ASN A 46 -9.78 -3.99 3.19
C ASN A 46 -10.03 -3.20 4.46
N PHE A 47 -11.03 -2.35 4.43
CA PHE A 47 -11.39 -1.56 5.58
C PHE A 47 -12.78 -0.93 5.43
N LYS A 48 -13.23 -0.31 6.51
CA LYS A 48 -14.52 0.36 6.54
C LYS A 48 -14.36 1.68 7.27
N LYS A 49 -15.10 2.70 6.84
CA LYS A 49 -14.91 4.04 7.39
C LYS A 49 -15.07 4.04 8.91
N GLY A 50 -14.05 4.55 9.60
CA GLY A 50 -14.05 4.56 11.04
C GLY A 50 -13.05 3.59 11.64
N ASP A 51 -12.53 2.70 10.79
CA ASP A 51 -11.59 1.68 11.24
C ASP A 51 -10.17 2.21 11.20
N PRO A 52 -9.51 2.22 12.35
CA PRO A 52 -8.10 2.64 12.48
C PRO A 52 -7.15 1.73 11.71
N VAL A 53 -6.31 2.35 10.90
CA VAL A 53 -5.30 1.65 10.12
C VAL A 53 -3.91 2.14 10.54
N TYR A 54 -2.91 1.32 10.32
CA TYR A 54 -1.54 1.72 10.59
C TYR A 54 -0.73 1.69 9.31
N VAL A 55 -0.20 2.84 8.92
CA VAL A 55 0.41 2.98 7.62
C VAL A 55 1.94 2.91 7.74
N TYR A 56 2.51 1.84 7.17
CA TYR A 56 3.94 1.58 7.28
C TYR A 56 4.72 2.38 6.25
N TYR A 57 4.13 2.59 5.10
CA TYR A 57 4.76 3.36 4.05
C TYR A 57 3.75 3.77 2.99
N LYS A 58 4.20 4.57 2.04
CA LYS A 58 3.34 5.11 1.01
C LYS A 58 4.10 5.22 -0.31
N LEU A 59 3.41 5.58 -1.38
CA LEU A 59 4.07 5.72 -2.68
C LEU A 59 4.61 7.12 -2.91
N ALA A 60 5.62 7.23 -3.78
CA ALA A 60 6.28 8.49 -4.06
C ALA A 60 5.48 9.35 -5.03
N ARG A 61 4.37 9.91 -4.54
CA ARG A 61 3.55 10.86 -5.29
C ARG A 61 3.13 10.30 -6.65
N GLY A 62 2.24 9.32 -6.63
CA GLY A 62 1.85 8.67 -7.87
C GLY A 62 0.41 8.23 -7.85
N TRP A 63 -0.19 8.16 -9.03
CA TRP A 63 -1.56 7.71 -9.18
C TRP A 63 -1.63 6.32 -9.80
N PRO A 64 -2.56 5.48 -9.31
CA PRO A 64 -3.50 5.85 -8.24
C PRO A 64 -2.81 6.03 -6.90
N GLU A 65 -3.28 7.00 -6.12
CA GLU A 65 -2.70 7.30 -4.82
C GLU A 65 -2.87 6.13 -3.87
N VAL A 66 -1.76 5.52 -3.54
CA VAL A 66 -1.78 4.32 -2.74
C VAL A 66 -0.87 4.41 -1.53
N TRP A 67 -1.38 3.90 -0.43
CA TRP A 67 -0.63 3.77 0.80
C TRP A 67 -0.67 2.32 1.23
N ALA A 68 0.22 1.90 2.11
CA ALA A 68 0.23 0.53 2.56
C ALA A 68 0.31 0.44 4.08
N GLY A 69 -0.51 -0.43 4.63
CA GLY A 69 -0.56 -0.59 6.07
C GLY A 69 -1.35 -1.81 6.46
N SER A 70 -1.52 -2.02 7.76
CA SER A 70 -2.27 -3.16 8.24
C SER A 70 -3.57 -2.72 8.88
N VAL A 71 -4.63 -3.46 8.59
CA VAL A 71 -5.95 -3.18 9.12
C VAL A 71 -6.61 -4.48 9.57
N GLY A 72 -6.52 -4.75 10.86
CA GLY A 72 -7.11 -5.95 11.41
C GLY A 72 -6.51 -7.22 10.84
N ARG A 73 -7.20 -7.82 9.87
CA ARG A 73 -6.76 -9.08 9.31
C ARG A 73 -6.08 -8.88 7.96
N THR A 74 -6.14 -7.66 7.43
CA THR A 74 -5.63 -7.39 6.10
C THR A 74 -4.41 -6.48 6.11
N PHE A 75 -3.44 -6.82 5.27
CA PHE A 75 -2.24 -6.03 5.10
C PHE A 75 -1.81 -6.07 3.63
N GLY A 76 -1.49 -4.90 3.09
CA GLY A 76 -1.11 -4.82 1.70
C GLY A 76 -1.19 -3.39 1.19
N TYR A 77 -1.79 -3.18 0.03
CA TYR A 77 -1.87 -1.86 -0.57
C TYR A 77 -3.31 -1.40 -0.71
N PHE A 78 -3.53 -0.09 -0.77
CA PHE A 78 -4.88 0.47 -0.87
C PHE A 78 -4.81 1.95 -1.23
N PRO A 79 -5.91 2.54 -1.74
CA PRO A 79 -5.97 3.96 -2.10
C PRO A 79 -5.95 4.85 -0.86
N LYS A 80 -4.94 5.72 -0.79
CA LYS A 80 -4.78 6.62 0.33
C LYS A 80 -6.00 7.53 0.47
N ASP A 81 -6.58 7.85 -0.66
CA ASP A 81 -7.83 8.62 -0.76
C ASP A 81 -8.94 8.03 0.12
N LEU A 82 -8.83 6.75 0.42
CA LEU A 82 -9.87 6.06 1.15
C LEU A 82 -9.59 6.03 2.65
N ILE A 83 -8.50 6.68 3.07
CA ILE A 83 -8.23 6.84 4.50
C ILE A 83 -7.77 8.27 4.82
N GLN A 84 -7.62 8.53 6.10
CA GLN A 84 -7.13 9.80 6.59
C GLN A 84 -6.11 9.56 7.70
N VAL A 85 -4.98 10.22 7.61
CA VAL A 85 -4.00 10.24 8.68
C VAL A 85 -4.65 10.76 9.97
N VAL A 86 -4.74 9.92 10.96
CA VAL A 86 -5.40 10.29 12.20
C VAL A 86 -4.35 10.78 13.18
N HIS A 87 -3.12 10.46 12.85
CA HIS A 87 -1.96 10.86 13.64
C HIS A 87 -0.70 10.39 12.92
N GLU A 88 0.43 10.99 13.19
CA GLU A 88 1.65 10.51 12.58
C GLU A 88 2.78 10.33 13.58
N TYR A 89 3.54 9.27 13.38
CA TYR A 89 4.73 9.01 14.18
C TYR A 89 5.90 9.84 13.71
N THR A 90 5.98 10.01 12.40
CA THR A 90 7.08 10.69 11.79
C THR A 90 6.60 11.52 10.60
N LYS A 91 7.21 12.66 10.40
CA LYS A 91 6.97 13.44 9.20
C LYS A 91 8.12 13.25 8.24
N GLU A 92 8.90 12.20 8.51
CA GLU A 92 10.07 11.89 7.70
C GLU A 92 9.70 10.98 6.54
N GLU A 93 10.32 11.21 5.40
CA GLU A 93 9.97 10.51 4.18
C GLU A 93 11.22 10.06 3.44
N LEU A 94 11.51 8.79 3.53
CA LEU A 94 12.61 8.19 2.78
C LEU A 94 12.10 7.58 1.50
N GLN A 95 12.89 7.65 0.44
CA GLN A 95 12.46 7.09 -0.83
C GLN A 95 13.13 5.75 -1.06
N VAL A 96 12.39 4.70 -0.83
CA VAL A 96 12.87 3.35 -1.00
C VAL A 96 12.30 2.75 -2.29
N PRO A 97 13.13 2.13 -3.13
CA PRO A 97 12.66 1.51 -4.36
C PRO A 97 11.96 0.18 -4.10
N THR A 98 11.02 -0.15 -4.95
CA THR A 98 10.21 -1.35 -4.79
C THR A 98 10.99 -2.61 -5.15
N ASP A 99 10.57 -3.74 -4.59
CA ASP A 99 11.15 -5.03 -4.95
C ASP A 99 10.28 -5.67 -6.00
N GLU A 100 10.83 -6.56 -6.78
CA GLU A 100 10.06 -7.24 -7.81
C GLU A 100 9.02 -8.16 -7.19
N THR A 101 9.30 -8.66 -6.01
CA THR A 101 8.46 -9.68 -5.40
C THR A 101 7.93 -9.25 -4.03
N ASP A 102 8.17 -8.00 -3.63
CA ASP A 102 7.76 -7.52 -2.31
C ASP A 102 6.27 -7.75 -2.09
N PHE A 103 5.46 -7.54 -3.13
CA PHE A 103 4.02 -7.73 -3.02
C PHE A 103 3.47 -8.52 -4.20
N VAL A 104 3.99 -9.73 -4.38
CA VAL A 104 3.47 -10.65 -5.37
C VAL A 104 2.48 -11.61 -4.72
N CYS A 105 1.36 -11.83 -5.37
CA CYS A 105 0.29 -12.64 -4.79
C CYS A 105 -0.52 -13.33 -5.87
N PHE A 106 -0.52 -14.66 -5.85
CA PHE A 106 -1.23 -15.45 -6.83
C PHE A 106 -1.69 -16.78 -6.23
N ASP A 107 -2.92 -17.18 -6.56
CA ASP A 107 -3.49 -18.42 -6.04
C ASP A 107 -3.65 -19.44 -7.15
N GLY A 108 -3.24 -20.67 -6.88
CA GLY A 108 -3.33 -21.72 -7.87
C GLY A 108 -2.19 -21.69 -8.86
N GLY A 109 -1.19 -20.86 -8.57
CA GLY A 109 -0.07 -20.68 -9.46
C GLY A 109 -0.45 -19.97 -10.75
N ARG A 110 0.55 -19.47 -11.46
CA ARG A 110 0.32 -18.79 -12.73
C ARG A 110 1.38 -19.21 -13.74
N ASP A 111 0.95 -19.45 -14.97
CA ASP A 111 1.88 -19.82 -16.04
C ASP A 111 2.15 -18.63 -16.94
N ASP A 112 1.48 -17.53 -16.67
CA ASP A 112 1.57 -16.33 -17.51
C ASP A 112 2.84 -15.56 -17.18
N MET A 1 11.55 -22.36 -12.72
CA MET A 1 11.22 -20.93 -12.59
C MET A 1 12.03 -20.30 -11.46
N PRO A 2 12.99 -19.43 -11.80
CA PRO A 2 13.84 -18.76 -10.83
C PRO A 2 13.29 -17.40 -10.41
N GLY A 3 12.00 -17.36 -10.06
CA GLY A 3 11.37 -16.11 -9.70
C GLY A 3 11.15 -15.22 -10.89
N GLN A 4 10.65 -15.80 -11.96
CA GLN A 4 10.38 -15.03 -13.18
C GLN A 4 9.04 -14.31 -13.06
N LEU A 5 9.06 -13.16 -12.42
CA LEU A 5 7.86 -12.34 -12.30
C LEU A 5 7.54 -11.74 -13.67
N ASP A 6 6.44 -12.19 -14.25
CA ASP A 6 6.03 -11.73 -15.58
C ASP A 6 5.86 -10.21 -15.59
N PRO A 7 6.71 -9.51 -16.37
CA PRO A 7 6.71 -8.05 -16.42
C PRO A 7 5.39 -7.46 -16.90
N SER A 8 4.71 -8.20 -17.77
CA SER A 8 3.43 -7.76 -18.31
C SER A 8 2.39 -7.74 -17.19
N THR A 9 2.42 -8.77 -16.35
CA THR A 9 1.53 -8.85 -15.21
C THR A 9 2.22 -8.39 -13.95
N GLY A 10 3.05 -7.36 -14.06
CA GLY A 10 3.72 -6.88 -12.90
C GLY A 10 2.85 -5.94 -12.10
N ARG A 11 1.97 -6.54 -11.31
CA ARG A 11 1.04 -5.77 -10.51
C ARG A 11 1.70 -5.21 -9.27
N ARG A 12 1.77 -3.89 -9.19
CA ARG A 12 2.32 -3.23 -8.03
C ARG A 12 1.56 -1.94 -7.72
N PHE A 13 2.21 -1.04 -7.02
CA PHE A 13 1.61 0.22 -6.62
C PHE A 13 2.33 1.40 -7.27
N SER A 14 3.65 1.36 -7.22
CA SER A 14 4.48 2.39 -7.83
C SER A 14 5.92 1.89 -7.96
N GLU A 15 6.78 2.69 -8.56
CA GLU A 15 8.17 2.29 -8.76
C GLU A 15 8.96 2.41 -7.46
N HIS A 16 8.75 3.52 -6.77
CA HIS A 16 9.46 3.78 -5.53
C HIS A 16 8.45 4.08 -4.42
N LYS A 17 8.73 3.57 -3.24
CA LYS A 17 7.85 3.79 -2.11
C LYS A 17 8.52 4.66 -1.06
N LEU A 18 7.74 5.51 -0.43
CA LEU A 18 8.24 6.41 0.59
C LEU A 18 8.05 5.77 1.95
N CYS A 19 9.11 5.69 2.71
CA CYS A 19 9.06 5.04 4.00
C CYS A 19 9.65 5.93 5.09
N ALA A 20 9.21 5.71 6.33
CA ALA A 20 9.74 6.43 7.48
C ALA A 20 11.19 6.04 7.73
N ASP A 21 11.52 4.85 7.27
CA ASP A 21 12.87 4.31 7.33
C ASP A 21 13.18 3.67 5.99
N ASP A 22 14.44 3.65 5.60
CA ASP A 22 14.82 3.08 4.32
C ASP A 22 14.64 1.55 4.33
N GLU A 23 14.20 1.03 5.48
CA GLU A 23 13.90 -0.38 5.63
C GLU A 23 12.39 -0.59 5.55
N CYS A 24 11.67 0.52 5.63
CA CYS A 24 10.21 0.56 5.64
C CYS A 24 9.62 -0.32 6.74
N SER A 25 10.31 -0.41 7.86
CA SER A 25 9.87 -1.26 8.95
C SER A 25 9.29 -0.43 10.10
N MET A 26 9.12 0.87 9.86
CA MET A 26 8.62 1.75 10.89
C MET A 26 7.42 2.52 10.39
N LEU A 27 6.41 2.64 11.24
CA LEU A 27 5.19 3.35 10.91
C LEU A 27 5.43 4.80 10.57
N MET A 28 4.70 5.26 9.57
CA MET A 28 4.77 6.65 9.15
C MET A 28 3.56 7.38 9.65
N TYR A 29 2.41 6.79 9.41
CA TYR A 29 1.14 7.33 9.85
C TYR A 29 0.35 6.28 10.59
N ARG A 30 -0.59 6.74 11.38
CA ARG A 30 -1.65 5.92 11.86
C ARG A 30 -2.92 6.52 11.30
N GLY A 31 -3.78 5.71 10.74
CA GLY A 31 -4.91 6.23 10.04
C GLY A 31 -6.20 5.56 10.41
N GLU A 32 -7.28 6.10 9.92
CA GLU A 32 -8.57 5.50 10.10
C GLU A 32 -9.23 5.47 8.73
N ALA A 33 -9.97 4.42 8.46
CA ALA A 33 -10.62 4.30 7.18
C ALA A 33 -11.70 5.37 7.07
N LEU A 34 -11.68 6.09 5.98
CA LEU A 34 -12.52 7.23 5.79
C LEU A 34 -13.74 6.82 4.98
N GLU A 35 -13.58 5.73 4.24
CA GLU A 35 -14.58 5.29 3.30
C GLU A 35 -14.66 3.77 3.30
N ASP A 36 -15.81 3.27 2.91
CA ASP A 36 -16.03 1.84 2.79
C ASP A 36 -15.35 1.31 1.53
N PHE A 37 -14.81 0.11 1.61
CA PHE A 37 -13.92 -0.38 0.57
C PHE A 37 -13.59 -1.87 0.77
N THR A 38 -13.15 -2.54 -0.28
CA THR A 38 -12.62 -3.89 -0.17
C THR A 38 -11.54 -4.16 -1.21
N GLY A 39 -10.37 -4.54 -0.74
CA GLY A 39 -9.34 -5.04 -1.61
C GLY A 39 -9.06 -6.51 -1.33
N PRO A 40 -9.69 -7.41 -2.09
CA PRO A 40 -9.58 -8.87 -1.88
C PRO A 40 -8.44 -9.50 -2.66
N ASP A 41 -7.80 -8.67 -3.46
CA ASP A 41 -6.76 -9.10 -4.41
C ASP A 41 -5.46 -9.54 -3.73
N CYS A 42 -5.52 -9.88 -2.44
CA CYS A 42 -4.38 -10.43 -1.69
C CYS A 42 -3.34 -9.37 -1.35
N ARG A 43 -2.99 -8.50 -2.29
CA ARG A 43 -1.93 -7.54 -2.07
C ARG A 43 -2.56 -6.26 -1.56
N PHE A 44 -3.87 -6.28 -1.58
CA PHE A 44 -4.68 -5.15 -1.19
C PHE A 44 -5.01 -5.19 0.29
N VAL A 45 -5.43 -4.05 0.78
CA VAL A 45 -6.01 -3.93 2.09
C VAL A 45 -7.51 -3.70 1.98
N ASN A 46 -8.28 -4.32 2.86
CA ASN A 46 -9.70 -4.06 2.94
C ASN A 46 -10.05 -3.46 4.28
N PHE A 47 -10.92 -2.48 4.22
CA PHE A 47 -11.36 -1.72 5.38
C PHE A 47 -12.62 -0.97 5.03
N LYS A 48 -13.22 -0.33 6.00
CA LYS A 48 -14.34 0.56 5.73
C LYS A 48 -14.37 1.66 6.77
N LYS A 49 -15.06 2.75 6.47
CA LYS A 49 -15.06 3.94 7.31
C LYS A 49 -15.19 3.61 8.81
N GLY A 50 -14.20 4.05 9.58
CA GLY A 50 -14.21 3.79 11.01
C GLY A 50 -13.26 2.68 11.43
N ASP A 51 -12.44 2.21 10.49
CA ASP A 51 -11.51 1.12 10.77
C ASP A 51 -10.08 1.65 10.87
N PRO A 52 -9.47 1.52 12.05
CA PRO A 52 -8.09 1.96 12.29
C PRO A 52 -7.07 1.21 11.44
N VAL A 53 -6.25 1.96 10.71
CA VAL A 53 -5.22 1.40 9.88
C VAL A 53 -3.86 1.92 10.34
N TYR A 54 -2.81 1.13 10.16
CA TYR A 54 -1.46 1.60 10.44
C TYR A 54 -0.67 1.64 9.13
N VAL A 55 -0.24 2.84 8.74
CA VAL A 55 0.43 2.99 7.45
C VAL A 55 1.95 2.92 7.65
N TYR A 56 2.54 1.83 7.14
CA TYR A 56 3.97 1.56 7.32
C TYR A 56 4.79 2.32 6.30
N TYR A 57 4.24 2.45 5.10
CA TYR A 57 4.89 3.19 4.04
C TYR A 57 3.85 3.71 3.05
N LYS A 58 4.28 4.56 2.16
CA LYS A 58 3.37 5.17 1.21
C LYS A 58 4.05 5.31 -0.16
N LEU A 59 3.29 5.70 -1.17
CA LEU A 59 3.84 5.89 -2.51
C LEU A 59 4.50 7.26 -2.64
N ALA A 60 5.50 7.35 -3.50
CA ALA A 60 6.23 8.58 -3.72
C ALA A 60 5.40 9.60 -4.51
N ARG A 61 4.60 10.36 -3.77
CA ARG A 61 3.71 11.41 -4.30
C ARG A 61 3.19 11.12 -5.71
N GLY A 62 2.24 10.19 -5.79
CA GLY A 62 1.68 9.83 -7.07
C GLY A 62 0.19 9.62 -6.98
N TRP A 63 -0.49 9.60 -8.12
CA TRP A 63 -1.91 9.35 -8.16
C TRP A 63 -2.21 8.19 -9.12
N PRO A 64 -3.16 7.31 -8.77
CA PRO A 64 -3.99 7.42 -7.55
C PRO A 64 -3.15 7.34 -6.26
N GLU A 65 -3.47 8.21 -5.30
CA GLU A 65 -2.77 8.22 -4.02
C GLU A 65 -3.05 6.92 -3.29
N VAL A 66 -2.01 6.16 -3.12
CA VAL A 66 -2.10 4.85 -2.52
C VAL A 66 -1.09 4.71 -1.39
N TRP A 67 -1.52 4.06 -0.33
CA TRP A 67 -0.69 3.79 0.82
C TRP A 67 -0.71 2.31 1.13
N ALA A 68 0.10 1.88 2.09
CA ALA A 68 0.11 0.48 2.48
C ALA A 68 0.27 0.33 3.98
N GLY A 69 -0.50 -0.59 4.54
CA GLY A 69 -0.46 -0.80 5.97
C GLY A 69 -1.22 -2.04 6.37
N SER A 70 -1.51 -2.16 7.66
CA SER A 70 -2.22 -3.32 8.17
C SER A 70 -3.53 -2.89 8.81
N VAL A 71 -4.59 -3.65 8.53
CA VAL A 71 -5.91 -3.33 9.04
C VAL A 71 -6.63 -4.60 9.46
N GLY A 72 -6.62 -4.87 10.75
CA GLY A 72 -7.29 -6.04 11.27
C GLY A 72 -6.55 -7.32 10.93
N ARG A 73 -6.78 -7.84 9.74
CA ARG A 73 -6.18 -9.10 9.33
C ARG A 73 -5.41 -8.94 8.02
N THR A 74 -5.62 -7.82 7.35
CA THR A 74 -5.02 -7.62 6.05
C THR A 74 -3.84 -6.67 6.11
N PHE A 75 -2.95 -6.83 5.14
CA PHE A 75 -1.78 -5.99 4.99
C PHE A 75 -1.42 -5.91 3.51
N GLY A 76 -1.28 -4.70 3.00
CA GLY A 76 -0.98 -4.51 1.60
C GLY A 76 -1.23 -3.10 1.14
N TYR A 77 -1.55 -2.93 -0.13
CA TYR A 77 -1.70 -1.62 -0.72
C TYR A 77 -3.17 -1.23 -0.80
N PHE A 78 -3.47 0.07 -0.78
CA PHE A 78 -4.83 0.56 -0.82
C PHE A 78 -4.85 2.06 -1.11
N PRO A 79 -5.99 2.60 -1.56
CA PRO A 79 -6.13 4.03 -1.84
C PRO A 79 -6.09 4.86 -0.57
N LYS A 80 -5.06 5.68 -0.47
CA LYS A 80 -4.85 6.55 0.68
C LYS A 80 -6.07 7.44 0.89
N ASP A 81 -6.62 7.93 -0.21
CA ASP A 81 -7.79 8.80 -0.16
C ASP A 81 -9.01 8.10 0.45
N LEU A 82 -8.90 6.81 0.67
CA LEU A 82 -9.97 6.09 1.31
C LEU A 82 -9.74 5.99 2.81
N ILE A 83 -8.70 6.66 3.29
CA ILE A 83 -8.49 6.77 4.73
C ILE A 83 -8.14 8.19 5.12
N GLN A 84 -8.18 8.43 6.42
CA GLN A 84 -7.82 9.70 6.99
C GLN A 84 -6.70 9.51 8.00
N VAL A 85 -5.64 10.27 7.82
CA VAL A 85 -4.52 10.30 8.73
C VAL A 85 -4.96 10.72 10.13
N VAL A 86 -4.92 9.80 11.07
CA VAL A 86 -5.34 10.10 12.42
C VAL A 86 -4.13 10.46 13.26
N HIS A 87 -2.96 10.15 12.71
CA HIS A 87 -1.70 10.44 13.39
C HIS A 87 -0.51 10.26 12.44
N GLU A 88 0.53 11.06 12.63
CA GLU A 88 1.77 10.89 11.87
C GLU A 88 2.93 10.74 12.83
N TYR A 89 3.61 9.60 12.75
CA TYR A 89 4.77 9.36 13.59
C TYR A 89 5.96 10.21 13.18
N THR A 90 6.02 10.53 11.90
CA THR A 90 7.16 11.24 11.37
C THR A 90 6.85 11.86 10.01
N LYS A 91 7.48 13.00 9.75
CA LYS A 91 7.39 13.66 8.46
C LYS A 91 8.44 13.10 7.51
N GLU A 92 9.11 12.03 7.93
CA GLU A 92 10.20 11.45 7.15
C GLU A 92 9.68 10.70 5.95
N GLU A 93 10.27 10.97 4.79
CA GLU A 93 9.82 10.35 3.55
C GLU A 93 11.02 9.86 2.72
N LEU A 94 11.50 8.70 3.07
CA LEU A 94 12.62 8.08 2.36
C LEU A 94 12.11 7.33 1.14
N GLN A 95 12.78 7.50 0.02
CA GLN A 95 12.35 6.84 -1.19
C GLN A 95 13.07 5.52 -1.35
N VAL A 96 12.39 4.47 -0.99
CA VAL A 96 12.93 3.12 -1.06
C VAL A 96 12.33 2.40 -2.27
N PRO A 97 13.17 1.97 -3.22
CA PRO A 97 12.73 1.26 -4.42
C PRO A 97 11.91 0.01 -4.10
N THR A 98 11.00 -0.30 -4.99
CA THR A 98 10.16 -1.48 -4.83
C THR A 98 10.66 -2.61 -5.72
N ASP A 99 10.53 -3.84 -5.26
CA ASP A 99 10.93 -5.00 -6.04
C ASP A 99 9.78 -5.45 -6.94
N GLU A 100 10.11 -6.18 -7.99
CA GLU A 100 9.09 -6.73 -8.88
C GLU A 100 8.20 -7.73 -8.15
N THR A 101 8.79 -8.46 -7.22
CA THR A 101 8.08 -9.46 -6.46
C THR A 101 7.80 -8.98 -5.05
N ASP A 102 8.07 -7.70 -4.82
CA ASP A 102 7.93 -7.08 -3.50
C ASP A 102 6.55 -7.39 -2.92
N PHE A 103 5.53 -7.27 -3.75
CA PHE A 103 4.15 -7.52 -3.33
C PHE A 103 3.42 -8.32 -4.40
N VAL A 104 3.70 -9.61 -4.47
CA VAL A 104 3.11 -10.47 -5.49
C VAL A 104 2.32 -11.60 -4.88
N CYS A 105 1.17 -11.88 -5.47
CA CYS A 105 0.33 -13.00 -5.05
C CYS A 105 0.02 -13.86 -6.27
N PHE A 106 -0.31 -15.12 -6.03
CA PHE A 106 -0.64 -16.04 -7.11
C PHE A 106 -1.93 -16.79 -6.79
N ASP A 107 -2.91 -16.68 -7.68
CA ASP A 107 -4.18 -17.36 -7.52
C ASP A 107 -4.61 -17.96 -8.84
N GLY A 108 -4.12 -19.16 -9.13
CA GLY A 108 -4.41 -19.81 -10.39
C GLY A 108 -3.51 -19.33 -11.51
N GLY A 109 -2.51 -18.55 -11.14
CA GLY A 109 -1.60 -17.98 -12.11
C GLY A 109 -1.41 -16.49 -11.88
N ARG A 110 -1.12 -15.76 -12.95
CA ARG A 110 -0.98 -14.32 -12.87
C ARG A 110 -2.35 -13.67 -13.05
N ASP A 111 -3.01 -13.37 -11.93
CA ASP A 111 -4.32 -12.75 -11.97
C ASP A 111 -4.21 -11.30 -12.44
N ASP A 112 -3.00 -10.75 -12.34
CA ASP A 112 -2.71 -9.38 -12.75
C ASP A 112 -3.52 -8.38 -11.91
N MET A 1 6.19 -2.57 -28.17
CA MET A 1 6.03 -3.48 -27.01
C MET A 1 4.96 -2.95 -26.06
N PRO A 2 3.83 -3.66 -25.94
CA PRO A 2 2.70 -3.20 -25.13
C PRO A 2 2.97 -3.32 -23.63
N GLY A 3 3.90 -4.19 -23.27
CA GLY A 3 4.23 -4.38 -21.87
C GLY A 3 3.55 -5.60 -21.30
N GLN A 4 2.30 -5.81 -21.72
CA GLN A 4 1.49 -6.95 -21.29
C GLN A 4 1.30 -6.94 -19.78
N LEU A 5 0.48 -6.01 -19.31
CA LEU A 5 0.17 -5.92 -17.89
C LEU A 5 -1.30 -6.26 -17.65
N ASP A 6 -1.52 -7.36 -16.96
CA ASP A 6 -2.87 -7.77 -16.60
C ASP A 6 -3.37 -6.93 -15.42
N PRO A 7 -4.63 -6.44 -15.49
CA PRO A 7 -5.23 -5.66 -14.41
C PRO A 7 -5.11 -6.33 -13.04
N SER A 8 -5.35 -7.64 -13.00
CA SER A 8 -5.31 -8.39 -11.76
C SER A 8 -3.88 -8.82 -11.44
N THR A 9 -3.10 -9.01 -12.49
CA THR A 9 -1.75 -9.52 -12.35
C THR A 9 -0.75 -8.61 -13.06
N GLY A 10 -0.61 -7.41 -12.53
CA GLY A 10 0.30 -6.47 -13.15
C GLY A 10 1.57 -6.31 -12.35
N ARG A 11 2.13 -5.11 -12.39
CA ARG A 11 3.35 -4.82 -11.65
C ARG A 11 3.03 -4.38 -10.24
N ARG A 12 4.03 -3.90 -9.51
CA ARG A 12 3.82 -3.41 -8.17
C ARG A 12 3.28 -1.98 -8.20
N PHE A 13 2.93 -1.49 -7.03
CA PHE A 13 2.39 -0.16 -6.87
C PHE A 13 3.46 0.90 -7.12
N SER A 14 3.28 1.64 -8.22
CA SER A 14 4.24 2.67 -8.63
C SER A 14 5.60 2.03 -8.95
N GLU A 15 6.62 2.85 -8.99
CA GLU A 15 7.98 2.36 -9.20
C GLU A 15 8.70 2.29 -7.86
N HIS A 16 8.71 3.41 -7.14
CA HIS A 16 9.41 3.53 -5.87
C HIS A 16 8.39 3.75 -4.76
N LYS A 17 8.75 3.39 -3.53
CA LYS A 17 7.87 3.60 -2.39
C LYS A 17 8.53 4.50 -1.35
N LEU A 18 7.73 5.25 -0.62
CA LEU A 18 8.22 6.18 0.37
C LEU A 18 7.91 5.66 1.76
N CYS A 19 8.95 5.48 2.56
CA CYS A 19 8.79 4.90 3.88
C CYS A 19 9.27 5.87 4.95
N ALA A 20 8.75 5.70 6.18
CA ALA A 20 9.18 6.49 7.33
C ALA A 20 10.61 6.18 7.68
N ASP A 21 11.07 5.08 7.13
CA ASP A 21 12.39 4.54 7.39
C ASP A 21 12.92 3.89 6.11
N ASP A 22 14.22 3.99 5.89
CA ASP A 22 14.86 3.48 4.67
C ASP A 22 14.78 1.95 4.55
N GLU A 23 14.36 1.28 5.61
CA GLU A 23 14.09 -0.15 5.56
C GLU A 23 12.58 -0.39 5.61
N CYS A 24 11.86 0.71 5.70
CA CYS A 24 10.40 0.72 5.87
C CYS A 24 10.01 -0.06 7.13
N SER A 25 10.88 -0.03 8.13
CA SER A 25 10.66 -0.77 9.36
C SER A 25 9.95 0.09 10.40
N MET A 26 9.59 1.31 10.02
CA MET A 26 8.97 2.25 10.94
C MET A 26 7.67 2.80 10.36
N LEU A 27 6.67 2.94 11.23
CA LEU A 27 5.42 3.57 10.87
C LEU A 27 5.59 5.06 10.60
N MET A 28 4.84 5.55 9.63
CA MET A 28 4.90 6.96 9.29
C MET A 28 3.69 7.68 9.86
N TYR A 29 2.52 7.11 9.63
CA TYR A 29 1.30 7.64 10.18
C TYR A 29 0.48 6.51 10.77
N ARG A 30 -0.45 6.86 11.61
CA ARG A 30 -1.49 5.96 12.02
C ARG A 30 -2.76 6.50 11.41
N GLY A 31 -3.58 5.65 10.84
CA GLY A 31 -4.72 6.15 10.11
C GLY A 31 -6.01 5.49 10.52
N GLU A 32 -7.10 6.03 10.01
CA GLU A 32 -8.39 5.43 10.22
C GLU A 32 -9.06 5.29 8.87
N ALA A 33 -9.76 4.19 8.68
CA ALA A 33 -10.47 3.97 7.45
C ALA A 33 -11.55 5.02 7.31
N LEU A 34 -11.51 5.77 6.23
CA LEU A 34 -12.40 6.90 6.05
C LEU A 34 -13.54 6.51 5.12
N GLU A 35 -13.39 5.39 4.45
CA GLU A 35 -14.31 4.98 3.44
C GLU A 35 -14.45 3.46 3.43
N ASP A 36 -15.60 3.01 2.96
CA ASP A 36 -15.85 1.58 2.79
C ASP A 36 -15.25 1.11 1.49
N PHE A 37 -14.49 0.04 1.56
CA PHE A 37 -13.65 -0.33 0.45
C PHE A 37 -13.13 -1.77 0.52
N THR A 38 -13.07 -2.38 -0.66
CA THR A 38 -12.39 -3.66 -0.83
C THR A 38 -11.48 -3.58 -2.05
N GLY A 39 -10.27 -4.06 -1.89
CA GLY A 39 -9.36 -4.15 -3.00
C GLY A 39 -9.23 -5.57 -3.50
N PRO A 40 -9.72 -5.84 -4.71
CA PRO A 40 -9.72 -7.19 -5.30
C PRO A 40 -8.39 -7.54 -5.93
N ASP A 41 -7.50 -6.57 -5.94
CA ASP A 41 -6.23 -6.67 -6.68
C ASP A 41 -5.22 -7.59 -5.98
N CYS A 42 -5.70 -8.43 -5.07
CA CYS A 42 -4.88 -9.49 -4.47
C CYS A 42 -3.93 -8.95 -3.40
N ARG A 43 -3.31 -7.80 -3.63
CA ARG A 43 -2.33 -7.27 -2.68
C ARG A 43 -2.83 -5.98 -2.08
N PHE A 44 -4.10 -5.72 -2.31
CA PHE A 44 -4.77 -4.57 -1.77
C PHE A 44 -5.06 -4.74 -0.29
N VAL A 45 -5.33 -3.63 0.36
CA VAL A 45 -5.81 -3.61 1.72
C VAL A 45 -7.30 -3.34 1.71
N ASN A 46 -8.03 -4.10 2.50
CA ASN A 46 -9.45 -3.88 2.65
C ASN A 46 -9.73 -3.25 3.99
N PHE A 47 -10.72 -2.40 3.99
CA PHE A 47 -11.11 -1.67 5.20
C PHE A 47 -12.44 -0.97 4.97
N LYS A 48 -13.16 -0.70 6.04
CA LYS A 48 -14.36 0.08 5.96
C LYS A 48 -14.31 1.21 6.97
N LYS A 49 -14.97 2.32 6.64
CA LYS A 49 -14.88 3.55 7.42
C LYS A 49 -15.10 3.32 8.91
N GLY A 50 -14.13 3.76 9.72
CA GLY A 50 -14.24 3.64 11.16
C GLY A 50 -13.27 2.64 11.75
N ASP A 51 -12.46 2.03 10.90
CA ASP A 51 -11.47 1.05 11.35
C ASP A 51 -10.09 1.67 11.39
N PRO A 52 -9.48 1.73 12.58
CA PRO A 52 -8.10 2.22 12.74
C PRO A 52 -7.07 1.33 12.02
N VAL A 53 -6.32 1.93 11.12
CA VAL A 53 -5.37 1.21 10.29
C VAL A 53 -3.96 1.76 10.47
N TYR A 54 -2.95 0.95 10.16
CA TYR A 54 -1.56 1.36 10.29
C TYR A 54 -0.95 1.55 8.91
N VAL A 55 -0.31 2.70 8.69
CA VAL A 55 0.30 2.99 7.42
C VAL A 55 1.82 3.10 7.59
N TYR A 56 2.53 2.12 7.02
CA TYR A 56 3.97 2.05 7.13
C TYR A 56 4.65 2.94 6.11
N TYR A 57 4.11 2.95 4.90
CA TYR A 57 4.71 3.68 3.80
C TYR A 57 3.67 3.99 2.73
N LYS A 58 4.14 4.58 1.63
CA LYS A 58 3.25 4.98 0.55
C LYS A 58 3.99 5.00 -0.77
N LEU A 59 3.27 5.23 -1.85
CA LEU A 59 3.86 5.29 -3.18
C LEU A 59 4.55 6.64 -3.37
N ALA A 60 5.66 6.65 -4.10
CA ALA A 60 6.41 7.87 -4.34
C ALA A 60 5.71 8.78 -5.34
N ARG A 61 4.89 9.70 -4.82
CA ARG A 61 4.21 10.72 -5.61
C ARG A 61 3.40 10.09 -6.75
N GLY A 62 2.21 9.60 -6.44
CA GLY A 62 1.44 8.90 -7.45
C GLY A 62 -0.05 9.00 -7.21
N TRP A 63 -0.77 9.41 -8.24
CA TRP A 63 -2.21 9.49 -8.17
C TRP A 63 -2.83 8.31 -8.93
N PRO A 64 -3.89 7.69 -8.39
CA PRO A 64 -4.52 8.11 -7.13
C PRO A 64 -3.59 7.89 -5.92
N GLU A 65 -3.60 8.85 -5.01
CA GLU A 65 -2.78 8.78 -3.81
C GLU A 65 -3.05 7.50 -3.05
N VAL A 66 -2.02 6.71 -2.92
CA VAL A 66 -2.10 5.37 -2.35
C VAL A 66 -1.07 5.17 -1.26
N TRP A 67 -1.51 4.52 -0.20
CA TRP A 67 -0.68 4.21 0.95
C TRP A 67 -0.64 2.70 1.14
N ALA A 68 0.21 2.23 2.03
CA ALA A 68 0.31 0.80 2.28
C ALA A 68 0.60 0.50 3.75
N GLY A 69 0.03 -0.61 4.21
CA GLY A 69 0.21 -1.01 5.58
C GLY A 69 -0.64 -2.21 5.92
N SER A 70 -0.84 -2.46 7.20
CA SER A 70 -1.64 -3.58 7.65
C SER A 70 -2.93 -3.09 8.28
N VAL A 71 -4.04 -3.74 7.92
CA VAL A 71 -5.35 -3.34 8.41
C VAL A 71 -6.19 -4.58 8.71
N GLY A 72 -6.46 -4.81 9.99
CA GLY A 72 -7.23 -5.96 10.40
C GLY A 72 -6.52 -7.26 10.06
N ARG A 73 -6.92 -7.87 8.95
CA ARG A 73 -6.32 -9.12 8.52
C ARG A 73 -5.53 -8.93 7.24
N THR A 74 -5.80 -7.85 6.53
CA THR A 74 -5.20 -7.61 5.23
C THR A 74 -3.94 -6.77 5.34
N PHE A 75 -3.06 -6.97 4.39
CA PHE A 75 -1.81 -6.23 4.30
C PHE A 75 -1.44 -6.02 2.84
N GLY A 76 -1.17 -4.77 2.48
CA GLY A 76 -0.84 -4.45 1.10
C GLY A 76 -0.98 -2.98 0.81
N TYR A 77 -1.53 -2.65 -0.36
CA TYR A 77 -1.65 -1.26 -0.78
C TYR A 77 -3.11 -0.83 -0.82
N PHE A 78 -3.37 0.47 -0.70
CA PHE A 78 -4.74 0.99 -0.72
C PHE A 78 -4.73 2.50 -0.94
N PRO A 79 -5.86 3.09 -1.38
CA PRO A 79 -5.95 4.53 -1.62
C PRO A 79 -5.94 5.34 -0.32
N LYS A 80 -4.90 6.15 -0.19
CA LYS A 80 -4.77 7.10 0.90
C LYS A 80 -6.03 7.93 1.03
N ASP A 81 -6.55 8.34 -0.13
CA ASP A 81 -7.82 9.06 -0.24
C ASP A 81 -8.94 8.40 0.55
N LEU A 82 -8.86 7.11 0.76
CA LEU A 82 -9.93 6.37 1.38
C LEU A 82 -9.72 6.22 2.88
N ILE A 83 -8.69 6.86 3.40
CA ILE A 83 -8.51 6.93 4.86
C ILE A 83 -8.09 8.33 5.29
N GLN A 84 -7.92 8.48 6.59
CA GLN A 84 -7.51 9.72 7.19
C GLN A 84 -6.46 9.45 8.26
N VAL A 85 -5.39 10.22 8.23
CA VAL A 85 -4.36 10.20 9.25
C VAL A 85 -4.98 10.47 10.62
N VAL A 86 -4.91 9.50 11.49
CA VAL A 86 -5.47 9.64 12.82
C VAL A 86 -4.34 10.04 13.77
N HIS A 87 -3.13 9.84 13.28
CA HIS A 87 -1.92 10.20 14.02
C HIS A 87 -0.70 10.19 13.12
N GLU A 88 0.31 10.98 13.48
CA GLU A 88 1.50 11.13 12.66
C GLU A 88 2.75 10.80 13.46
N TYR A 89 3.47 9.76 13.07
CA TYR A 89 4.76 9.47 13.69
C TYR A 89 5.85 10.35 13.10
N THR A 90 5.73 10.65 11.82
CA THR A 90 6.76 11.38 11.12
C THR A 90 6.26 11.81 9.74
N LYS A 91 6.82 12.90 9.23
CA LYS A 91 6.60 13.30 7.86
C LYS A 91 7.79 12.90 7.02
N GLU A 92 8.54 11.92 7.52
CA GLU A 92 9.71 11.42 6.82
C GLU A 92 9.29 10.57 5.63
N GLU A 93 9.86 10.90 4.48
CA GLU A 93 9.51 10.24 3.24
C GLU A 93 10.76 9.75 2.56
N LEU A 94 11.21 8.59 2.99
CA LEU A 94 12.42 8.00 2.45
C LEU A 94 12.09 7.17 1.23
N GLN A 95 12.84 7.37 0.16
CA GLN A 95 12.56 6.71 -1.09
C GLN A 95 13.26 5.36 -1.11
N VAL A 96 12.48 4.34 -0.85
CA VAL A 96 12.92 2.95 -0.90
C VAL A 96 12.29 2.29 -2.12
N PRO A 97 13.04 1.52 -2.90
CA PRO A 97 12.50 0.87 -4.10
C PRO A 97 11.63 -0.34 -3.78
N THR A 98 10.78 -0.68 -4.74
CA THR A 98 9.90 -1.83 -4.61
C THR A 98 10.56 -3.07 -5.21
N ASP A 99 10.28 -4.24 -4.64
CA ASP A 99 10.82 -5.47 -5.21
C ASP A 99 9.80 -6.07 -6.17
N GLU A 100 10.26 -6.88 -7.10
CA GLU A 100 9.37 -7.45 -8.07
C GLU A 100 8.42 -8.46 -7.42
N THR A 101 8.95 -9.28 -6.53
CA THR A 101 8.15 -10.29 -5.86
C THR A 101 7.71 -9.80 -4.48
N ASP A 102 7.96 -8.52 -4.20
CA ASP A 102 7.58 -7.88 -2.94
C ASP A 102 6.12 -8.22 -2.63
N PHE A 103 5.27 -8.10 -3.65
CA PHE A 103 3.85 -8.39 -3.51
C PHE A 103 3.35 -9.18 -4.73
N VAL A 104 3.66 -10.47 -4.72
CA VAL A 104 3.22 -11.36 -5.79
C VAL A 104 2.26 -12.41 -5.25
N CYS A 105 1.24 -12.72 -6.04
CA CYS A 105 0.19 -13.64 -5.60
C CYS A 105 0.64 -15.09 -5.77
N PHE A 106 0.66 -15.82 -4.67
CA PHE A 106 0.93 -17.25 -4.69
C PHE A 106 -0.39 -18.01 -4.73
N ASP A 107 -0.37 -19.26 -4.31
CA ASP A 107 -1.58 -20.07 -4.25
C ASP A 107 -2.65 -19.37 -3.42
N GLY A 108 -3.82 -19.15 -4.02
CA GLY A 108 -4.87 -18.42 -3.34
C GLY A 108 -5.09 -17.06 -3.96
N GLY A 109 -4.31 -16.75 -4.99
CA GLY A 109 -4.48 -15.50 -5.70
C GLY A 109 -4.69 -15.75 -7.18
N ARG A 110 -4.13 -14.89 -8.01
CA ARG A 110 -4.27 -15.03 -9.45
C ARG A 110 -3.29 -16.07 -9.98
N ASP A 111 -3.68 -16.79 -11.02
CA ASP A 111 -2.87 -17.89 -11.54
C ASP A 111 -2.30 -17.55 -12.91
N ASP A 112 -1.90 -16.30 -13.08
CA ASP A 112 -1.32 -15.85 -14.34
C ASP A 112 0.16 -15.54 -14.16
N MET A 1 9.78 -6.04 -17.28
CA MET A 1 9.19 -5.44 -18.49
C MET A 1 10.14 -4.40 -19.08
N PRO A 2 10.27 -4.37 -20.42
CA PRO A 2 11.16 -3.42 -21.10
C PRO A 2 10.54 -2.03 -21.23
N GLY A 3 10.19 -1.43 -20.10
CA GLY A 3 9.58 -0.12 -20.11
C GLY A 3 8.10 -0.17 -20.38
N GLN A 4 7.71 -1.00 -21.33
CA GLN A 4 6.30 -1.18 -21.68
C GLN A 4 5.56 -1.92 -20.57
N LEU A 5 4.46 -1.35 -20.12
CA LEU A 5 3.65 -1.96 -19.07
C LEU A 5 2.47 -2.68 -19.71
N ASP A 6 2.46 -4.00 -19.59
CA ASP A 6 1.42 -4.82 -20.19
C ASP A 6 0.12 -4.73 -19.38
N PRO A 7 -1.01 -4.52 -20.09
CA PRO A 7 -2.33 -4.37 -19.47
C PRO A 7 -2.71 -5.54 -18.57
N SER A 8 -2.29 -6.74 -18.94
CA SER A 8 -2.69 -7.93 -18.23
C SER A 8 -1.79 -8.19 -17.02
N THR A 9 -0.54 -7.76 -17.10
CA THR A 9 0.39 -7.95 -16.01
C THR A 9 0.10 -6.98 -14.87
N GLY A 10 -0.30 -7.53 -13.74
CA GLY A 10 -0.58 -6.71 -12.59
C GLY A 10 0.69 -6.32 -11.86
N ARG A 11 1.15 -5.11 -12.11
CA ARG A 11 2.39 -4.62 -11.50
C ARG A 11 2.17 -4.17 -10.06
N ARG A 12 3.17 -3.52 -9.48
CA ARG A 12 3.07 -3.08 -8.09
C ARG A 12 2.29 -1.77 -7.98
N PHE A 13 2.15 -1.29 -6.77
CA PHE A 13 1.55 0.00 -6.50
C PHE A 13 2.35 1.11 -7.19
N SER A 14 3.67 0.97 -7.14
CA SER A 14 4.58 1.93 -7.73
C SER A 14 5.98 1.33 -7.70
N GLU A 15 6.91 1.93 -8.44
CA GLU A 15 8.26 1.39 -8.56
C GLU A 15 9.16 1.91 -7.44
N HIS A 16 8.70 2.96 -6.76
CA HIS A 16 9.42 3.49 -5.61
C HIS A 16 8.42 3.82 -4.51
N LYS A 17 8.74 3.46 -3.28
CA LYS A 17 7.86 3.72 -2.15
C LYS A 17 8.54 4.63 -1.14
N LEU A 18 7.74 5.43 -0.46
CA LEU A 18 8.24 6.37 0.52
C LEU A 18 8.02 5.80 1.91
N CYS A 19 9.08 5.71 2.68
CA CYS A 19 9.00 5.14 4.00
C CYS A 19 9.59 6.08 5.04
N ALA A 20 9.22 5.88 6.30
CA ALA A 20 9.78 6.67 7.40
C ALA A 20 11.27 6.37 7.56
N ASP A 21 11.64 5.19 7.12
CA ASP A 21 13.02 4.73 7.14
C ASP A 21 13.33 4.07 5.81
N ASP A 22 14.60 4.04 5.44
CA ASP A 22 14.99 3.47 4.15
C ASP A 22 14.81 1.95 4.14
N GLU A 23 14.37 1.40 5.27
CA GLU A 23 14.08 -0.02 5.37
C GLU A 23 12.59 -0.24 5.66
N CYS A 24 11.88 0.87 5.79
CA CYS A 24 10.42 0.88 6.04
C CYS A 24 10.06 0.07 7.28
N SER A 25 10.93 0.07 8.28
CA SER A 25 10.75 -0.80 9.43
C SER A 25 9.97 -0.11 10.55
N MET A 26 9.65 1.16 10.36
CA MET A 26 8.93 1.92 11.37
C MET A 26 7.70 2.58 10.76
N LEU A 27 6.67 2.70 11.57
CA LEU A 27 5.44 3.35 11.16
C LEU A 27 5.64 4.83 10.87
N MET A 28 4.95 5.28 9.84
CA MET A 28 5.03 6.68 9.43
C MET A 28 3.85 7.42 10.03
N TYR A 29 2.68 6.86 9.82
CA TYR A 29 1.46 7.43 10.38
C TYR A 29 0.58 6.30 10.87
N ARG A 30 -0.37 6.66 11.70
CA ARG A 30 -1.47 5.79 11.99
C ARG A 30 -2.68 6.42 11.35
N GLY A 31 -3.52 5.63 10.74
CA GLY A 31 -4.63 6.20 10.02
C GLY A 31 -5.94 5.52 10.34
N GLU A 32 -7.01 6.08 9.84
CA GLU A 32 -8.31 5.49 9.99
C GLU A 32 -8.95 5.43 8.62
N ALA A 33 -9.66 4.36 8.34
CA ALA A 33 -10.29 4.20 7.05
C ALA A 33 -11.54 5.07 6.99
N LEU A 34 -11.54 6.01 6.05
CA LEU A 34 -12.66 6.92 5.90
C LEU A 34 -13.51 6.57 4.71
N GLU A 35 -13.58 5.30 4.51
CA GLU A 35 -14.41 4.74 3.47
C GLU A 35 -14.54 3.25 3.64
N ASP A 36 -15.60 2.72 3.08
CA ASP A 36 -15.81 1.29 3.04
C ASP A 36 -15.45 0.77 1.67
N PHE A 37 -14.46 -0.10 1.63
CA PHE A 37 -13.76 -0.40 0.39
C PHE A 37 -13.15 -1.79 0.40
N THR A 38 -13.29 -2.48 -0.72
CA THR A 38 -12.64 -3.77 -0.92
C THR A 38 -11.81 -3.75 -2.19
N GLY A 39 -10.57 -4.21 -2.08
CA GLY A 39 -9.74 -4.37 -3.24
C GLY A 39 -9.60 -5.83 -3.61
N PRO A 40 -10.21 -6.25 -4.73
CA PRO A 40 -10.21 -7.66 -5.19
C PRO A 40 -8.90 -8.04 -5.87
N ASP A 41 -8.05 -7.06 -6.00
CA ASP A 41 -6.82 -7.18 -6.81
C ASP A 41 -5.72 -7.93 -6.08
N CYS A 42 -6.10 -8.69 -5.04
CA CYS A 42 -5.20 -9.64 -4.36
C CYS A 42 -4.21 -8.95 -3.42
N ARG A 43 -3.61 -7.85 -3.86
CA ARG A 43 -2.58 -7.20 -3.07
C ARG A 43 -3.15 -5.96 -2.42
N PHE A 44 -4.46 -5.80 -2.54
CA PHE A 44 -5.16 -4.66 -2.02
C PHE A 44 -5.50 -4.84 -0.55
N VAL A 45 -5.73 -3.72 0.11
CA VAL A 45 -6.22 -3.69 1.45
C VAL A 45 -7.72 -3.41 1.45
N ASN A 46 -8.48 -4.25 2.14
CA ASN A 46 -9.88 -4.00 2.32
C ASN A 46 -10.07 -3.39 3.69
N PHE A 47 -11.08 -2.56 3.79
CA PHE A 47 -11.40 -1.89 5.05
C PHE A 47 -12.77 -1.23 4.99
N LYS A 48 -13.21 -0.72 6.14
CA LYS A 48 -14.48 -0.06 6.27
C LYS A 48 -14.32 1.19 7.10
N LYS A 49 -15.08 2.24 6.75
CA LYS A 49 -14.95 3.52 7.41
C LYS A 49 -15.12 3.40 8.91
N GLY A 50 -14.10 3.83 9.64
CA GLY A 50 -14.11 3.73 11.09
C GLY A 50 -13.09 2.73 11.60
N ASP A 51 -12.50 1.98 10.68
CA ASP A 51 -11.49 1.00 11.01
C ASP A 51 -10.10 1.63 11.02
N PRO A 52 -9.45 1.67 12.19
CA PRO A 52 -8.07 2.16 12.33
C PRO A 52 -7.07 1.26 11.62
N VAL A 53 -6.15 1.86 10.89
CA VAL A 53 -5.13 1.13 10.15
C VAL A 53 -3.76 1.77 10.32
N TYR A 54 -2.73 0.94 10.34
CA TYR A 54 -1.36 1.41 10.48
C TYR A 54 -0.71 1.52 9.12
N VAL A 55 -0.20 2.70 8.78
CA VAL A 55 0.42 2.91 7.49
C VAL A 55 1.93 2.84 7.64
N TYR A 56 2.52 1.79 7.04
CA TYR A 56 3.95 1.55 7.15
C TYR A 56 4.73 2.38 6.15
N TYR A 57 4.14 2.59 4.97
CA TYR A 57 4.79 3.35 3.92
C TYR A 57 3.76 3.81 2.90
N LYS A 58 4.21 4.60 1.93
CA LYS A 58 3.34 5.12 0.90
C LYS A 58 4.06 5.24 -0.43
N LEU A 59 3.34 5.60 -1.49
CA LEU A 59 3.93 5.73 -2.82
C LEU A 59 4.67 7.05 -2.99
N ALA A 60 5.74 7.02 -3.78
CA ALA A 60 6.51 8.22 -4.09
C ALA A 60 5.85 9.04 -5.20
N ARG A 61 4.84 9.82 -4.82
CA ARG A 61 4.16 10.73 -5.75
C ARG A 61 3.50 9.98 -6.89
N GLY A 62 2.27 9.55 -6.68
CA GLY A 62 1.56 8.80 -7.69
C GLY A 62 0.07 8.89 -7.50
N TRP A 63 -0.65 9.10 -8.59
CA TRP A 63 -2.10 9.14 -8.56
C TRP A 63 -2.68 7.91 -9.25
N PRO A 64 -3.74 7.31 -8.67
CA PRO A 64 -4.35 7.78 -7.43
C PRO A 64 -3.44 7.61 -6.23
N GLU A 65 -3.46 8.58 -5.32
CA GLU A 65 -2.66 8.52 -4.10
C GLU A 65 -2.96 7.24 -3.34
N VAL A 66 -1.92 6.48 -3.12
CA VAL A 66 -2.03 5.17 -2.50
C VAL A 66 -1.07 5.04 -1.33
N TRP A 67 -1.57 4.42 -0.27
CA TRP A 67 -0.80 4.14 0.91
C TRP A 67 -0.85 2.64 1.18
N ALA A 68 -0.02 2.14 2.08
CA ALA A 68 0.00 0.72 2.37
C ALA A 68 0.17 0.45 3.85
N GLY A 69 -0.55 -0.55 4.33
CA GLY A 69 -0.49 -0.92 5.72
C GLY A 69 -1.40 -2.09 6.02
N SER A 70 -1.64 -2.36 7.29
CA SER A 70 -2.51 -3.46 7.70
C SER A 70 -3.75 -2.92 8.38
N VAL A 71 -4.90 -3.50 8.04
CA VAL A 71 -6.17 -3.10 8.64
C VAL A 71 -6.90 -4.32 9.15
N GLY A 72 -6.60 -4.69 10.38
CA GLY A 72 -7.21 -5.87 10.97
C GLY A 72 -6.54 -7.14 10.48
N ARG A 73 -6.95 -7.62 9.32
CA ARG A 73 -6.40 -8.84 8.75
C ARG A 73 -5.86 -8.62 7.35
N THR A 74 -6.26 -7.51 6.76
CA THR A 74 -5.86 -7.20 5.39
C THR A 74 -4.58 -6.38 5.35
N PHE A 75 -3.67 -6.80 4.49
CA PHE A 75 -2.40 -6.12 4.32
C PHE A 75 -2.04 -6.05 2.84
N GLY A 76 -1.66 -4.86 2.39
CA GLY A 76 -1.34 -4.66 1.00
C GLY A 76 -1.34 -3.18 0.65
N TYR A 77 -1.87 -2.85 -0.52
CA TYR A 77 -1.91 -1.46 -0.98
C TYR A 77 -3.36 -0.99 -1.07
N PHE A 78 -3.58 0.33 -0.95
CA PHE A 78 -4.94 0.89 -0.99
C PHE A 78 -4.89 2.40 -1.22
N PRO A 79 -6.01 3.01 -1.64
CA PRO A 79 -6.08 4.44 -1.89
C PRO A 79 -5.95 5.25 -0.60
N LYS A 80 -4.89 6.03 -0.54
CA LYS A 80 -4.64 6.98 0.52
C LYS A 80 -5.87 7.84 0.76
N ASP A 81 -6.45 8.27 -0.35
CA ASP A 81 -7.70 9.01 -0.39
C ASP A 81 -8.80 8.40 0.50
N LEU A 82 -8.72 7.10 0.73
CA LEU A 82 -9.78 6.41 1.45
C LEU A 82 -9.46 6.26 2.93
N ILE A 83 -8.38 6.89 3.38
CA ILE A 83 -8.10 6.95 4.82
C ILE A 83 -7.65 8.36 5.23
N GLN A 84 -7.49 8.54 6.54
CA GLN A 84 -7.03 9.79 7.11
C GLN A 84 -6.00 9.50 8.21
N VAL A 85 -4.91 10.26 8.18
CA VAL A 85 -3.90 10.22 9.23
C VAL A 85 -4.53 10.57 10.58
N VAL A 86 -4.57 9.60 11.46
CA VAL A 86 -5.14 9.80 12.77
C VAL A 86 -4.03 10.12 13.75
N HIS A 87 -2.81 9.87 13.30
CA HIS A 87 -1.62 10.19 14.08
C HIS A 87 -0.35 10.14 13.24
N GLU A 88 0.41 11.21 13.26
CA GLU A 88 1.67 11.29 12.53
C GLU A 88 2.85 10.94 13.44
N TYR A 89 3.47 9.79 13.22
CA TYR A 89 4.73 9.49 13.90
C TYR A 89 5.85 10.33 13.32
N THR A 90 5.79 10.55 12.03
CA THR A 90 6.80 11.31 11.34
C THR A 90 6.30 11.75 9.97
N LYS A 91 6.79 12.88 9.51
CA LYS A 91 6.49 13.35 8.16
C LYS A 91 7.69 13.05 7.26
N GLU A 92 8.49 12.09 7.70
CA GLU A 92 9.68 11.70 6.96
C GLU A 92 9.32 10.82 5.78
N GLU A 93 9.91 11.11 4.64
CA GLU A 93 9.61 10.41 3.40
C GLU A 93 10.87 10.01 2.65
N LEU A 94 11.34 8.81 2.93
CA LEU A 94 12.50 8.25 2.24
C LEU A 94 12.06 7.41 1.06
N GLN A 95 12.81 7.47 -0.04
CA GLN A 95 12.40 6.77 -1.23
C GLN A 95 13.12 5.43 -1.34
N VAL A 96 12.39 4.40 -0.97
CA VAL A 96 12.90 3.03 -1.03
C VAL A 96 12.31 2.32 -2.24
N PRO A 97 13.15 1.82 -3.15
CA PRO A 97 12.69 1.10 -4.34
C PRO A 97 11.86 -0.12 -4.00
N THR A 98 10.90 -0.38 -4.87
CA THR A 98 10.05 -1.54 -4.71
C THR A 98 10.61 -2.72 -5.51
N ASP A 99 10.40 -3.93 -5.03
CA ASP A 99 10.88 -5.12 -5.72
C ASP A 99 9.86 -5.57 -6.74
N GLU A 100 10.32 -6.28 -7.76
CA GLU A 100 9.47 -6.77 -8.81
C GLU A 100 8.51 -7.83 -8.28
N THR A 101 8.91 -8.49 -7.20
CA THR A 101 8.07 -9.50 -6.59
C THR A 101 7.61 -9.07 -5.19
N ASP A 102 7.90 -7.81 -4.83
CA ASP A 102 7.57 -7.27 -3.51
C ASP A 102 6.10 -7.49 -3.21
N PHE A 103 5.26 -7.24 -4.21
CA PHE A 103 3.83 -7.44 -4.09
C PHE A 103 3.29 -8.11 -5.35
N VAL A 104 3.44 -9.42 -5.41
CA VAL A 104 2.97 -10.21 -6.54
C VAL A 104 1.86 -11.14 -6.09
N CYS A 105 1.18 -11.75 -7.05
CA CYS A 105 0.07 -12.64 -6.76
C CYS A 105 -0.03 -13.72 -7.81
N PHE A 106 -0.28 -14.94 -7.37
CA PHE A 106 -0.41 -16.07 -8.27
C PHE A 106 -1.80 -16.68 -8.12
N ASP A 107 -2.03 -17.82 -8.78
CA ASP A 107 -3.33 -18.49 -8.80
C ASP A 107 -4.44 -17.49 -9.08
N GLY A 108 -4.53 -17.07 -10.34
CA GLY A 108 -5.49 -16.06 -10.72
C GLY A 108 -4.82 -14.75 -11.05
N GLY A 109 -3.49 -14.76 -11.07
CA GLY A 109 -2.75 -13.58 -11.44
C GLY A 109 -2.23 -13.67 -12.85
N ARG A 110 -1.17 -12.92 -13.15
CA ARG A 110 -0.59 -12.94 -14.48
C ARG A 110 0.92 -13.13 -14.39
N ASP A 111 1.33 -14.37 -14.23
CA ASP A 111 2.75 -14.70 -14.24
C ASP A 111 3.21 -14.98 -15.67
N ASP A 112 3.30 -13.93 -16.45
CA ASP A 112 3.72 -14.05 -17.84
C ASP A 112 5.23 -14.03 -17.95
N MET A 1 5.36 -7.46 -29.08
CA MET A 1 5.97 -8.72 -28.57
C MET A 1 5.98 -8.71 -27.04
N PRO A 2 5.53 -9.82 -26.42
CA PRO A 2 5.53 -9.96 -24.96
C PRO A 2 6.94 -10.03 -24.39
N GLY A 3 7.13 -9.43 -23.24
CA GLY A 3 8.43 -9.42 -22.61
C GLY A 3 9.00 -8.03 -22.47
N GLN A 4 8.13 -7.02 -22.56
CA GLN A 4 8.56 -5.64 -22.39
C GLN A 4 7.79 -4.96 -21.26
N LEU A 5 8.13 -5.36 -20.04
CA LEU A 5 7.54 -4.78 -18.83
C LEU A 5 6.02 -4.81 -18.87
N ASP A 6 5.45 -5.95 -18.54
CA ASP A 6 4.00 -6.08 -18.42
C ASP A 6 3.51 -5.23 -17.25
N PRO A 7 2.50 -4.40 -17.51
CA PRO A 7 2.03 -3.35 -16.59
C PRO A 7 1.58 -3.90 -15.24
N SER A 8 0.83 -4.99 -15.26
CA SER A 8 0.38 -5.60 -14.02
C SER A 8 1.41 -6.60 -13.49
N THR A 9 2.01 -7.36 -14.40
CA THR A 9 2.96 -8.39 -14.01
C THR A 9 4.39 -7.97 -14.34
N GLY A 10 4.79 -6.84 -13.79
CA GLY A 10 6.13 -6.38 -13.99
C GLY A 10 6.72 -5.84 -12.71
N ARG A 11 6.37 -4.62 -12.37
CA ARG A 11 6.85 -4.01 -11.14
C ARG A 11 5.74 -3.92 -10.12
N ARG A 12 6.08 -3.49 -8.92
CA ARG A 12 5.10 -3.32 -7.86
C ARG A 12 4.22 -2.10 -8.12
N PHE A 13 3.60 -1.58 -7.06
CA PHE A 13 2.70 -0.43 -7.16
C PHE A 13 3.38 0.74 -7.88
N SER A 14 4.65 0.92 -7.58
CA SER A 14 5.46 1.94 -8.24
C SER A 14 6.92 1.51 -8.20
N GLU A 15 7.81 2.29 -8.79
CA GLU A 15 9.22 1.94 -8.79
C GLU A 15 9.80 2.09 -7.39
N HIS A 16 9.50 3.21 -6.75
CA HIS A 16 9.93 3.41 -5.39
C HIS A 16 8.74 3.72 -4.49
N LYS A 17 8.91 3.44 -3.22
CA LYS A 17 7.90 3.70 -2.21
C LYS A 17 8.48 4.60 -1.13
N LEU A 18 7.67 5.50 -0.62
CA LEU A 18 8.12 6.44 0.38
C LEU A 18 7.84 5.89 1.77
N CYS A 19 8.88 5.73 2.55
CA CYS A 19 8.75 5.04 3.82
C CYS A 19 9.27 5.90 4.97
N ALA A 20 8.73 5.64 6.17
CA ALA A 20 9.14 6.34 7.39
C ALA A 20 10.59 6.04 7.71
N ASP A 21 11.00 4.86 7.28
CA ASP A 21 12.38 4.42 7.40
C ASP A 21 12.73 3.62 6.16
N ASP A 22 14.02 3.48 5.88
CA ASP A 22 14.50 2.90 4.61
C ASP A 22 14.16 1.41 4.48
N GLU A 23 13.64 0.79 5.54
CA GLU A 23 13.25 -0.61 5.49
C GLU A 23 11.74 -0.71 5.30
N CYS A 24 11.09 0.43 5.51
CA CYS A 24 9.64 0.53 5.46
C CYS A 24 9.02 -0.34 6.54
N SER A 25 9.69 -0.42 7.67
CA SER A 25 9.26 -1.27 8.75
C SER A 25 8.74 -0.43 9.91
N MET A 26 9.08 0.85 9.91
CA MET A 26 8.62 1.75 10.94
C MET A 26 7.40 2.51 10.47
N LEU A 27 6.45 2.71 11.35
CA LEU A 27 5.23 3.42 11.03
C LEU A 27 5.46 4.89 10.77
N MET A 28 4.77 5.40 9.76
CA MET A 28 4.84 6.81 9.43
C MET A 28 3.59 7.50 9.89
N TYR A 29 2.45 6.89 9.59
CA TYR A 29 1.18 7.45 9.97
C TYR A 29 0.33 6.39 10.66
N ARG A 30 -0.62 6.85 11.42
CA ARG A 30 -1.72 6.04 11.87
C ARG A 30 -2.97 6.69 11.34
N GLY A 31 -3.91 5.91 10.88
CA GLY A 31 -5.06 6.48 10.21
C GLY A 31 -6.33 5.76 10.53
N GLU A 32 -7.43 6.31 10.09
CA GLU A 32 -8.71 5.67 10.25
C GLU A 32 -9.33 5.53 8.89
N ALA A 33 -9.99 4.42 8.66
CA ALA A 33 -10.61 4.18 7.38
C ALA A 33 -11.71 5.20 7.18
N LEU A 34 -11.62 5.91 6.08
CA LEU A 34 -12.48 7.04 5.82
C LEU A 34 -13.63 6.62 4.90
N GLU A 35 -13.48 5.44 4.32
CA GLU A 35 -14.41 4.94 3.34
C GLU A 35 -14.52 3.43 3.43
N ASP A 36 -15.66 2.93 3.00
CA ASP A 36 -15.90 1.48 2.93
C ASP A 36 -15.20 0.92 1.71
N PHE A 37 -14.59 -0.24 1.86
CA PHE A 37 -13.67 -0.71 0.83
C PHE A 37 -13.34 -2.21 0.96
N THR A 38 -13.04 -2.83 -0.17
CA THR A 38 -12.55 -4.20 -0.20
C THR A 38 -11.33 -4.30 -1.10
N GLY A 39 -10.44 -5.23 -0.79
CA GLY A 39 -9.26 -5.44 -1.60
C GLY A 39 -9.22 -6.83 -2.21
N PRO A 40 -10.00 -7.08 -3.27
CA PRO A 40 -10.04 -8.39 -3.95
C PRO A 40 -8.84 -8.58 -4.86
N ASP A 41 -8.07 -7.51 -4.96
CA ASP A 41 -6.87 -7.45 -5.78
C ASP A 41 -5.80 -8.41 -5.30
N CYS A 42 -5.93 -8.82 -4.03
CA CYS A 42 -5.01 -9.76 -3.37
C CYS A 42 -3.87 -9.05 -2.65
N ARG A 43 -3.47 -7.88 -3.14
CA ARG A 43 -2.40 -7.14 -2.49
C ARG A 43 -2.95 -5.91 -1.82
N PHE A 44 -4.15 -5.59 -2.21
CA PHE A 44 -4.89 -4.48 -1.63
C PHE A 44 -5.26 -4.75 -0.19
N VAL A 45 -5.46 -3.67 0.54
CA VAL A 45 -5.91 -3.72 1.90
C VAL A 45 -7.41 -3.45 1.95
N ASN A 46 -8.11 -4.19 2.79
CA ASN A 46 -9.53 -3.95 2.98
C ASN A 46 -9.81 -3.39 4.35
N PHE A 47 -10.81 -2.55 4.36
CA PHE A 47 -11.24 -1.82 5.56
C PHE A 47 -12.58 -1.16 5.28
N LYS A 48 -13.18 -0.56 6.29
CA LYS A 48 -14.37 0.23 6.07
C LYS A 48 -14.33 1.45 6.97
N LYS A 49 -15.06 2.50 6.58
CA LYS A 49 -15.05 3.75 7.31
C LYS A 49 -15.32 3.54 8.80
N GLY A 50 -14.34 3.93 9.62
CA GLY A 50 -14.47 3.78 11.06
C GLY A 50 -13.49 2.75 11.63
N ASP A 51 -12.73 2.12 10.75
CA ASP A 51 -11.75 1.11 11.14
C ASP A 51 -10.37 1.72 11.28
N PRO A 52 -9.77 1.61 12.47
CA PRO A 52 -8.41 2.10 12.73
C PRO A 52 -7.34 1.31 11.96
N VAL A 53 -6.57 2.01 11.15
CA VAL A 53 -5.55 1.40 10.33
C VAL A 53 -4.18 2.05 10.56
N TYR A 54 -3.12 1.32 10.28
CA TYR A 54 -1.77 1.85 10.42
C TYR A 54 -1.10 1.95 9.05
N VAL A 55 -0.51 3.10 8.76
CA VAL A 55 0.13 3.29 7.47
C VAL A 55 1.65 3.28 7.64
N TYR A 56 2.29 2.31 7.02
CA TYR A 56 3.73 2.10 7.17
C TYR A 56 4.49 2.94 6.16
N TYR A 57 3.94 3.04 4.95
CA TYR A 57 4.59 3.75 3.87
C TYR A 57 3.58 4.10 2.78
N LYS A 58 4.07 4.68 1.70
CA LYS A 58 3.22 5.13 0.61
C LYS A 58 3.99 5.13 -0.71
N LEU A 59 3.30 5.40 -1.80
CA LEU A 59 3.96 5.46 -3.11
C LEU A 59 4.64 6.80 -3.29
N ALA A 60 5.76 6.81 -3.98
CA ALA A 60 6.46 8.04 -4.30
C ALA A 60 5.77 8.78 -5.43
N ARG A 61 4.84 9.67 -5.06
CA ARG A 61 4.09 10.47 -6.02
C ARG A 61 3.27 9.58 -6.95
N GLY A 62 2.07 9.22 -6.53
CA GLY A 62 1.27 8.33 -7.32
C GLY A 62 -0.21 8.61 -7.19
N TRP A 63 -0.85 8.92 -8.31
CA TRP A 63 -2.29 9.06 -8.35
C TRP A 63 -2.90 7.97 -9.22
N PRO A 64 -4.02 7.36 -8.77
CA PRO A 64 -4.66 7.72 -7.49
C PRO A 64 -3.76 7.46 -6.29
N GLU A 65 -3.83 8.36 -5.32
CA GLU A 65 -2.95 8.32 -4.16
C GLU A 65 -3.12 7.03 -3.38
N VAL A 66 -2.02 6.36 -3.16
CA VAL A 66 -2.01 5.06 -2.54
C VAL A 66 -1.04 4.98 -1.38
N TRP A 67 -1.51 4.38 -0.31
CA TRP A 67 -0.73 4.16 0.89
C TRP A 67 -0.69 2.67 1.18
N ALA A 68 0.11 2.25 2.13
CA ALA A 68 0.20 0.84 2.47
C ALA A 68 0.42 0.62 3.96
N GLY A 69 -0.14 -0.47 4.46
CA GLY A 69 -0.01 -0.81 5.84
C GLY A 69 -0.85 -2.01 6.21
N SER A 70 -0.98 -2.29 7.51
CA SER A 70 -1.77 -3.41 7.96
C SER A 70 -3.06 -2.91 8.61
N VAL A 71 -4.16 -3.56 8.27
CA VAL A 71 -5.46 -3.14 8.76
C VAL A 71 -6.29 -4.34 9.16
N GLY A 72 -6.12 -4.80 10.38
CA GLY A 72 -6.88 -5.93 10.88
C GLY A 72 -6.40 -7.24 10.31
N ARG A 73 -6.95 -7.62 9.16
CA ARG A 73 -6.66 -8.93 8.57
C ARG A 73 -5.68 -8.81 7.41
N THR A 74 -5.74 -7.69 6.71
CA THR A 74 -4.96 -7.52 5.50
C THR A 74 -3.75 -6.64 5.70
N PHE A 75 -2.75 -6.88 4.88
CA PHE A 75 -1.53 -6.08 4.85
C PHE A 75 -1.06 -5.95 3.41
N GLY A 76 -1.06 -4.73 2.90
CA GLY A 76 -0.71 -4.49 1.52
C GLY A 76 -0.91 -3.02 1.16
N TYR A 77 -1.41 -2.77 -0.05
CA TYR A 77 -1.57 -1.40 -0.51
C TYR A 77 -3.04 -1.01 -0.59
N PHE A 78 -3.34 0.28 -0.50
CA PHE A 78 -4.72 0.77 -0.56
C PHE A 78 -4.73 2.25 -0.91
N PRO A 79 -5.88 2.78 -1.38
CA PRO A 79 -6.01 4.19 -1.72
C PRO A 79 -5.96 5.07 -0.49
N LYS A 80 -4.92 5.88 -0.45
CA LYS A 80 -4.71 6.89 0.57
C LYS A 80 -5.98 7.71 0.76
N ASP A 81 -6.57 8.06 -0.37
CA ASP A 81 -7.85 8.78 -0.42
C ASP A 81 -8.93 8.16 0.47
N LEU A 82 -8.83 6.86 0.72
CA LEU A 82 -9.89 6.14 1.39
C LEU A 82 -9.68 6.10 2.90
N ILE A 83 -8.68 6.82 3.38
CA ILE A 83 -8.51 6.99 4.82
C ILE A 83 -8.07 8.42 5.17
N GLN A 84 -7.97 8.67 6.47
CA GLN A 84 -7.51 9.92 6.99
C GLN A 84 -6.51 9.68 8.12
N VAL A 85 -5.38 10.38 8.03
CA VAL A 85 -4.35 10.36 9.05
C VAL A 85 -4.92 10.78 10.41
N VAL A 86 -4.85 9.89 11.37
CA VAL A 86 -5.32 10.19 12.71
C VAL A 86 -4.14 10.63 13.57
N HIS A 87 -2.95 10.33 13.06
CA HIS A 87 -1.71 10.69 13.76
C HIS A 87 -0.48 10.36 12.89
N GLU A 88 0.60 11.09 13.11
CA GLU A 88 1.85 10.89 12.37
C GLU A 88 2.97 10.55 13.34
N TYR A 89 3.76 9.53 13.02
CA TYR A 89 4.95 9.21 13.81
C TYR A 89 6.16 9.98 13.36
N THR A 90 6.20 10.34 12.10
CA THR A 90 7.36 10.97 11.52
C THR A 90 7.01 11.73 10.25
N LYS A 91 7.73 12.81 10.01
CA LYS A 91 7.56 13.59 8.80
C LYS A 91 8.54 13.08 7.73
N GLU A 92 9.09 11.90 7.98
CA GLU A 92 10.12 11.36 7.11
C GLU A 92 9.53 10.65 5.92
N GLU A 93 10.05 10.99 4.75
CA GLU A 93 9.64 10.35 3.51
C GLU A 93 10.86 9.87 2.74
N LEU A 94 11.33 8.71 3.13
CA LEU A 94 12.47 8.08 2.46
C LEU A 94 12.00 7.37 1.21
N GLN A 95 12.73 7.51 0.12
CA GLN A 95 12.35 6.85 -1.10
C GLN A 95 13.07 5.52 -1.21
N VAL A 96 12.38 4.47 -0.83
CA VAL A 96 12.92 3.12 -0.86
C VAL A 96 12.39 2.41 -2.09
N PRO A 97 13.24 1.67 -2.82
CA PRO A 97 12.80 0.95 -4.01
C PRO A 97 11.95 -0.25 -3.64
N THR A 98 10.99 -0.54 -4.49
CA THR A 98 10.11 -1.68 -4.27
C THR A 98 10.82 -2.98 -4.64
N ASP A 99 10.59 -4.02 -3.87
CA ASP A 99 11.18 -5.31 -4.15
C ASP A 99 10.36 -6.01 -5.21
N GLU A 100 10.95 -7.00 -5.85
CA GLU A 100 10.24 -7.77 -6.85
C GLU A 100 9.16 -8.65 -6.22
N THR A 101 9.35 -8.99 -4.95
CA THR A 101 8.44 -9.92 -4.28
C THR A 101 7.96 -9.43 -2.91
N ASP A 102 8.28 -8.18 -2.56
CA ASP A 102 7.86 -7.64 -1.26
C ASP A 102 6.35 -7.74 -1.10
N PHE A 103 5.62 -7.40 -2.15
CA PHE A 103 4.16 -7.50 -2.13
C PHE A 103 3.67 -8.22 -3.39
N VAL A 104 3.74 -9.54 -3.34
CA VAL A 104 3.31 -10.38 -4.45
C VAL A 104 2.11 -11.22 -4.03
N CYS A 105 1.36 -11.70 -5.01
CA CYS A 105 0.18 -12.49 -4.73
C CYS A 105 0.44 -13.96 -5.00
N PHE A 106 0.07 -14.79 -4.03
CA PHE A 106 0.15 -16.23 -4.16
C PHE A 106 -1.23 -16.78 -4.50
N ASP A 107 -1.42 -18.09 -4.34
CA ASP A 107 -2.70 -18.73 -4.64
C ASP A 107 -3.22 -18.31 -6.01
N GLY A 108 -2.63 -18.87 -7.05
CA GLY A 108 -2.96 -18.48 -8.40
C GLY A 108 -1.81 -17.72 -9.03
N GLY A 109 -0.87 -17.30 -8.20
CA GLY A 109 0.30 -16.60 -8.68
C GLY A 109 -0.03 -15.23 -9.24
N ARG A 110 0.63 -14.87 -10.32
CA ARG A 110 0.42 -13.59 -10.96
C ARG A 110 -0.84 -13.63 -11.82
N ASP A 111 -1.99 -13.58 -11.16
CA ASP A 111 -3.28 -13.61 -11.84
C ASP A 111 -3.74 -12.19 -12.18
N ASP A 112 -2.93 -11.22 -11.79
CA ASP A 112 -3.23 -9.82 -12.03
C ASP A 112 -3.04 -9.46 -13.49
N MET A 1 -2.88 -14.69 -25.19
CA MET A 1 -1.45 -14.75 -25.55
C MET A 1 -0.58 -14.66 -24.30
N PRO A 2 0.49 -15.46 -24.24
CA PRO A 2 1.47 -15.39 -23.16
C PRO A 2 2.45 -14.24 -23.38
N GLY A 3 3.31 -14.00 -22.40
CA GLY A 3 4.31 -12.96 -22.52
C GLY A 3 3.72 -11.57 -22.39
N GLN A 4 2.53 -11.49 -21.80
CA GLN A 4 1.88 -10.21 -21.59
C GLN A 4 2.21 -9.70 -20.19
N LEU A 5 2.56 -8.43 -20.10
CA LEU A 5 2.98 -7.85 -18.82
C LEU A 5 1.98 -6.78 -18.40
N ASP A 6 0.91 -7.20 -17.75
CA ASP A 6 -0.07 -6.27 -17.19
C ASP A 6 0.53 -5.62 -15.94
N PRO A 7 0.41 -4.29 -15.84
CA PRO A 7 1.03 -3.51 -14.75
C PRO A 7 0.65 -4.00 -13.36
N SER A 8 -0.52 -4.61 -13.25
CA SER A 8 -1.01 -5.10 -11.98
C SER A 8 -0.46 -6.49 -11.67
N THR A 9 -0.08 -7.21 -12.71
CA THR A 9 0.37 -8.58 -12.56
C THR A 9 1.89 -8.66 -12.58
N GLY A 10 2.45 -9.31 -11.57
CA GLY A 10 3.88 -9.49 -11.52
C GLY A 10 4.59 -8.29 -10.91
N ARG A 11 4.47 -7.14 -11.57
CA ARG A 11 5.12 -5.93 -11.11
C ARG A 11 4.38 -5.32 -9.93
N ARG A 12 5.02 -4.36 -9.28
CA ARG A 12 4.49 -3.79 -8.05
C ARG A 12 3.68 -2.52 -8.31
N PHE A 13 2.86 -2.18 -7.34
CA PHE A 13 2.13 -0.90 -7.29
C PHE A 13 3.00 0.25 -7.81
N SER A 14 4.13 0.44 -7.15
CA SER A 14 5.12 1.40 -7.56
C SER A 14 6.48 0.76 -7.36
N GLU A 15 7.46 1.19 -8.14
CA GLU A 15 8.79 0.58 -8.09
C GLU A 15 9.62 1.22 -6.98
N HIS A 16 9.11 2.31 -6.43
CA HIS A 16 9.73 2.96 -5.29
C HIS A 16 8.68 3.33 -4.27
N LYS A 17 8.96 3.07 -3.01
CA LYS A 17 8.04 3.37 -1.93
C LYS A 17 8.62 4.45 -1.02
N LEU A 18 7.78 5.32 -0.53
CA LEU A 18 8.21 6.38 0.35
C LEU A 18 8.07 5.92 1.79
N CYS A 19 9.15 5.98 2.53
CA CYS A 19 9.19 5.38 3.85
C CYS A 19 9.80 6.30 4.89
N ALA A 20 9.39 6.10 6.14
CA ALA A 20 9.90 6.87 7.28
C ALA A 20 11.39 6.66 7.45
N ASP A 21 11.84 5.51 6.99
CA ASP A 21 13.24 5.13 7.04
C ASP A 21 13.66 4.65 5.66
N ASP A 22 14.95 4.67 5.39
CA ASP A 22 15.46 4.15 4.14
C ASP A 22 15.47 2.63 4.20
N GLU A 23 15.16 2.11 5.38
CA GLU A 23 14.97 0.68 5.57
C GLU A 23 13.48 0.38 5.48
N CYS A 24 12.71 1.42 5.80
CA CYS A 24 11.26 1.39 5.75
C CYS A 24 10.72 0.39 6.77
N SER A 25 11.42 0.28 7.90
CA SER A 25 11.08 -0.71 8.91
C SER A 25 10.19 -0.12 10.01
N MET A 26 10.04 1.20 10.02
CA MET A 26 9.24 1.86 11.06
C MET A 26 7.96 2.42 10.48
N LEU A 27 6.93 2.50 11.33
CA LEU A 27 5.67 3.11 10.94
C LEU A 27 5.85 4.58 10.60
N MET A 28 5.09 5.01 9.61
CA MET A 28 5.09 6.40 9.20
C MET A 28 3.89 7.10 9.80
N TYR A 29 2.71 6.58 9.46
CA TYR A 29 1.47 7.20 9.88
C TYR A 29 0.56 6.16 10.52
N ARG A 30 -0.45 6.66 11.23
CA ARG A 30 -1.58 5.87 11.65
C ARG A 30 -2.83 6.51 11.07
N GLY A 31 -3.73 5.72 10.54
CA GLY A 31 -4.86 6.28 9.84
C GLY A 31 -6.16 5.59 10.15
N GLU A 32 -7.24 6.17 9.67
CA GLU A 32 -8.55 5.60 9.84
C GLU A 32 -9.36 5.72 8.58
N ALA A 33 -9.97 4.63 8.19
CA ALA A 33 -10.78 4.58 7.01
C ALA A 33 -11.98 5.50 7.19
N LEU A 34 -12.13 6.45 6.28
CA LEU A 34 -13.26 7.36 6.32
C LEU A 34 -14.32 6.92 5.35
N GLU A 35 -13.96 5.89 4.62
CA GLU A 35 -14.82 5.30 3.62
C GLU A 35 -14.71 3.78 3.67
N ASP A 36 -15.75 3.14 3.18
CA ASP A 36 -15.79 1.68 3.06
C ASP A 36 -15.24 1.26 1.71
N PHE A 37 -14.44 0.22 1.73
CA PHE A 37 -13.68 -0.17 0.57
C PHE A 37 -13.18 -1.61 0.66
N THR A 38 -13.19 -2.29 -0.48
CA THR A 38 -12.64 -3.63 -0.58
C THR A 38 -11.76 -3.73 -1.82
N GLY A 39 -10.57 -4.26 -1.64
CA GLY A 39 -9.71 -4.54 -2.75
C GLY A 39 -9.49 -6.03 -2.95
N PRO A 40 -10.20 -6.64 -3.90
CA PRO A 40 -10.13 -8.09 -4.16
C PRO A 40 -8.83 -8.49 -4.85
N ASP A 41 -8.05 -7.48 -5.12
CA ASP A 41 -6.85 -7.58 -5.95
C ASP A 41 -5.70 -8.32 -5.27
N CYS A 42 -6.01 -9.14 -4.27
CA CYS A 42 -5.03 -10.05 -3.66
C CYS A 42 -4.19 -9.39 -2.58
N ARG A 43 -3.64 -8.23 -2.88
CA ARG A 43 -2.70 -7.59 -1.97
C ARG A 43 -3.21 -6.22 -1.55
N PHE A 44 -4.46 -5.97 -1.87
CA PHE A 44 -5.11 -4.74 -1.46
C PHE A 44 -5.54 -4.84 -0.01
N VAL A 45 -5.76 -3.69 0.61
CA VAL A 45 -6.29 -3.63 1.94
C VAL A 45 -7.78 -3.35 1.89
N ASN A 46 -8.53 -4.11 2.65
CA ASN A 46 -9.94 -3.88 2.80
C ASN A 46 -10.19 -3.23 4.14
N PHE A 47 -11.14 -2.34 4.16
CA PHE A 47 -11.46 -1.59 5.36
C PHE A 47 -12.83 -0.94 5.25
N LYS A 48 -13.28 -0.34 6.33
CA LYS A 48 -14.57 0.31 6.40
C LYS A 48 -14.46 1.57 7.25
N LYS A 49 -15.23 2.59 6.91
CA LYS A 49 -15.16 3.87 7.62
C LYS A 49 -15.31 3.67 9.14
N GLY A 50 -14.26 4.03 9.89
CA GLY A 50 -14.25 3.79 11.32
C GLY A 50 -13.28 2.68 11.70
N ASP A 51 -12.55 2.20 10.71
CA ASP A 51 -11.58 1.14 10.91
C ASP A 51 -10.18 1.73 11.07
N PRO A 52 -9.58 1.56 12.26
CA PRO A 52 -8.22 2.02 12.54
C PRO A 52 -7.17 1.21 11.79
N VAL A 53 -6.36 1.90 11.00
CA VAL A 53 -5.34 1.27 10.18
C VAL A 53 -3.97 1.93 10.42
N TYR A 54 -2.90 1.19 10.17
CA TYR A 54 -1.56 1.72 10.30
C TYR A 54 -0.91 1.83 8.92
N VAL A 55 -0.28 2.97 8.63
CA VAL A 55 0.34 3.14 7.34
C VAL A 55 1.87 2.96 7.49
N TYR A 56 2.36 1.89 6.89
CA TYR A 56 3.77 1.52 7.00
C TYR A 56 4.62 2.25 5.98
N TYR A 57 4.05 2.51 4.81
CA TYR A 57 4.75 3.26 3.77
C TYR A 57 3.77 3.79 2.75
N LYS A 58 4.27 4.67 1.89
CA LYS A 58 3.45 5.31 0.87
C LYS A 58 4.06 5.09 -0.51
N LEU A 59 3.26 5.19 -1.55
CA LEU A 59 3.78 5.16 -2.92
C LEU A 59 4.41 6.49 -3.25
N ALA A 60 5.49 6.46 -4.04
CA ALA A 60 6.21 7.67 -4.39
C ALA A 60 5.40 8.54 -5.35
N ARG A 61 4.60 9.43 -4.77
CA ARG A 61 3.87 10.45 -5.51
C ARG A 61 2.85 9.83 -6.47
N GLY A 62 1.83 9.22 -5.90
CA GLY A 62 0.79 8.61 -6.71
C GLY A 62 -0.50 9.41 -6.66
N TRP A 63 -1.39 9.16 -7.61
CA TRP A 63 -2.67 9.81 -7.66
C TRP A 63 -3.70 8.94 -8.36
N PRO A 64 -4.70 8.43 -7.63
CA PRO A 64 -4.85 8.66 -6.18
C PRO A 64 -3.72 8.04 -5.38
N GLU A 65 -3.22 8.79 -4.40
CA GLU A 65 -2.13 8.34 -3.57
C GLU A 65 -2.48 7.03 -2.88
N VAL A 66 -1.57 6.08 -2.95
CA VAL A 66 -1.79 4.79 -2.34
C VAL A 66 -0.76 4.51 -1.27
N TRP A 67 -1.24 3.95 -0.17
CA TRP A 67 -0.39 3.59 0.95
C TRP A 67 -0.50 2.09 1.17
N ALA A 68 0.26 1.58 2.13
CA ALA A 68 0.18 0.17 2.45
C ALA A 68 0.45 -0.09 3.92
N GLY A 69 -0.19 -1.11 4.45
CA GLY A 69 -0.02 -1.47 5.83
C GLY A 69 -0.99 -2.55 6.24
N SER A 70 -1.10 -2.79 7.54
CA SER A 70 -2.02 -3.79 8.04
C SER A 70 -3.28 -3.12 8.56
N VAL A 71 -4.42 -3.70 8.24
CA VAL A 71 -5.71 -3.16 8.66
C VAL A 71 -6.63 -4.29 9.07
N GLY A 72 -6.52 -4.71 10.32
CA GLY A 72 -7.38 -5.74 10.86
C GLY A 72 -7.31 -7.06 10.11
N ARG A 73 -8.17 -7.21 9.12
CA ARG A 73 -8.32 -8.47 8.41
C ARG A 73 -7.45 -8.57 7.16
N THR A 74 -6.80 -7.47 6.78
CA THR A 74 -6.00 -7.44 5.56
C THR A 74 -4.68 -6.72 5.73
N PHE A 75 -3.74 -7.04 4.84
CA PHE A 75 -2.43 -6.39 4.79
C PHE A 75 -1.99 -6.20 3.35
N GLY A 76 -1.74 -4.96 2.96
CA GLY A 76 -1.33 -4.68 1.60
C GLY A 76 -1.48 -3.23 1.24
N TYR A 77 -1.77 -2.95 -0.03
CA TYR A 77 -1.83 -1.58 -0.53
C TYR A 77 -3.28 -1.10 -0.64
N PHE A 78 -3.48 0.21 -0.57
CA PHE A 78 -4.82 0.80 -0.66
C PHE A 78 -4.73 2.31 -0.89
N PRO A 79 -5.82 2.94 -1.37
CA PRO A 79 -5.85 4.38 -1.65
C PRO A 79 -5.96 5.21 -0.37
N LYS A 80 -4.98 6.09 -0.20
CA LYS A 80 -4.98 7.08 0.87
C LYS A 80 -6.30 7.82 0.92
N ASP A 81 -6.76 8.16 -0.27
CA ASP A 81 -8.05 8.83 -0.47
C ASP A 81 -9.19 8.22 0.32
N LEU A 82 -9.09 6.94 0.63
CA LEU A 82 -10.17 6.23 1.29
C LEU A 82 -9.96 6.17 2.80
N ILE A 83 -8.86 6.74 3.29
CA ILE A 83 -8.69 6.89 4.73
C ILE A 83 -8.16 8.28 5.07
N GLN A 84 -8.02 8.54 6.35
CA GLN A 84 -7.47 9.77 6.84
C GLN A 84 -6.46 9.48 7.94
N VAL A 85 -5.28 10.06 7.81
CA VAL A 85 -4.25 9.98 8.83
C VAL A 85 -4.78 10.55 10.15
N VAL A 86 -4.86 9.69 11.13
CA VAL A 86 -5.39 10.07 12.42
C VAL A 86 -4.24 10.43 13.34
N HIS A 87 -3.06 10.07 12.89
CA HIS A 87 -1.84 10.36 13.62
C HIS A 87 -0.60 10.12 12.75
N GLU A 88 0.37 11.02 12.85
CA GLU A 88 1.61 10.88 12.10
C GLU A 88 2.80 10.76 13.05
N TYR A 89 3.45 9.61 13.03
CA TYR A 89 4.64 9.39 13.85
C TYR A 89 5.78 10.26 13.39
N THR A 90 5.88 10.45 12.10
CA THR A 90 6.96 11.20 11.52
C THR A 90 6.47 11.96 10.29
N LYS A 91 7.16 13.05 9.98
CA LYS A 91 6.89 13.79 8.77
C LYS A 91 7.99 13.50 7.76
N GLU A 92 8.73 12.43 8.02
CA GLU A 92 9.87 12.08 7.19
C GLU A 92 9.45 11.26 5.99
N GLU A 93 10.06 11.56 4.84
CA GLU A 93 9.75 10.87 3.61
C GLU A 93 11.02 10.49 2.86
N LEU A 94 11.42 9.25 3.01
CA LEU A 94 12.55 8.70 2.28
C LEU A 94 12.05 7.87 1.11
N GLN A 95 12.90 7.64 0.13
CA GLN A 95 12.48 6.90 -1.04
C GLN A 95 13.23 5.57 -1.13
N VAL A 96 12.56 4.51 -0.74
CA VAL A 96 13.13 3.17 -0.72
C VAL A 96 12.52 2.34 -1.85
N PRO A 97 13.33 1.58 -2.60
CA PRO A 97 12.83 0.77 -3.71
C PRO A 97 12.00 -0.42 -3.23
N THR A 98 10.97 -0.74 -4.00
CA THR A 98 10.09 -1.86 -3.67
C THR A 98 10.64 -3.15 -4.25
N ASP A 99 10.46 -4.26 -3.54
CA ASP A 99 10.85 -5.54 -4.07
C ASP A 99 9.64 -6.22 -4.68
N GLU A 100 9.86 -7.06 -5.66
CA GLU A 100 8.76 -7.70 -6.36
C GLU A 100 8.10 -8.76 -5.49
N THR A 101 8.90 -9.64 -4.94
CA THR A 101 8.39 -10.80 -4.21
C THR A 101 8.02 -10.47 -2.76
N ASP A 102 8.19 -9.21 -2.36
CA ASP A 102 7.85 -8.79 -1.00
C ASP A 102 6.34 -8.61 -0.85
N PHE A 103 5.62 -8.65 -1.97
CA PHE A 103 4.18 -8.38 -1.96
C PHE A 103 3.50 -9.29 -2.97
N VAL A 104 4.12 -10.45 -3.18
CA VAL A 104 3.70 -11.36 -4.23
C VAL A 104 2.39 -12.04 -3.88
N CYS A 105 1.80 -12.67 -4.87
CA CYS A 105 0.53 -13.36 -4.70
C CYS A 105 0.69 -14.85 -4.87
N PHE A 106 -0.27 -15.59 -4.33
CA PHE A 106 -0.27 -17.04 -4.42
C PHE A 106 -1.58 -17.49 -5.05
N ASP A 107 -1.99 -18.72 -4.77
CA ASP A 107 -3.26 -19.24 -5.30
C ASP A 107 -4.41 -18.32 -4.93
N GLY A 108 -5.27 -18.04 -5.89
CA GLY A 108 -6.37 -17.11 -5.66
C GLY A 108 -5.94 -15.67 -5.88
N GLY A 109 -5.00 -15.48 -6.80
CA GLY A 109 -4.49 -14.15 -7.07
C GLY A 109 -4.24 -13.92 -8.55
N ARG A 110 -3.28 -13.05 -8.84
CA ARG A 110 -2.95 -12.71 -10.22
C ARG A 110 -1.90 -13.68 -10.77
N ASP A 111 -2.37 -14.77 -11.37
CA ASP A 111 -1.47 -15.77 -11.93
C ASP A 111 -1.33 -15.62 -13.44
N ASP A 112 -2.14 -14.71 -14.01
CA ASP A 112 -2.14 -14.44 -15.45
C ASP A 112 -2.54 -15.67 -16.25
N MET A 1 2.53 -4.18 -22.37
CA MET A 1 3.81 -4.61 -21.75
C MET A 1 4.98 -3.99 -22.50
N PRO A 2 5.79 -3.17 -21.82
CA PRO A 2 6.96 -2.51 -22.42
C PRO A 2 8.14 -3.46 -22.61
N GLY A 3 7.96 -4.70 -22.18
CA GLY A 3 9.01 -5.70 -22.27
C GLY A 3 9.95 -5.64 -21.09
N GLN A 4 10.50 -4.47 -20.85
CA GLN A 4 11.39 -4.27 -19.71
C GLN A 4 10.68 -3.53 -18.60
N LEU A 5 10.54 -4.19 -17.45
CA LEU A 5 9.90 -3.61 -16.27
C LEU A 5 8.45 -3.24 -16.54
N ASP A 6 7.58 -4.24 -16.51
CA ASP A 6 6.15 -4.02 -16.69
C ASP A 6 5.47 -3.84 -15.34
N PRO A 7 4.42 -3.02 -15.26
CA PRO A 7 3.62 -2.90 -14.03
C PRO A 7 3.25 -4.25 -13.43
N SER A 8 2.91 -5.21 -14.28
CA SER A 8 2.52 -6.55 -13.84
C SER A 8 3.77 -7.42 -13.61
N THR A 9 4.81 -7.19 -14.39
CA THR A 9 6.06 -7.93 -14.25
C THR A 9 7.25 -7.00 -14.13
N GLY A 10 7.49 -6.52 -12.92
CA GLY A 10 8.62 -5.64 -12.69
C GLY A 10 8.53 -4.91 -11.37
N ARG A 11 7.75 -3.84 -11.34
CA ARG A 11 7.61 -3.05 -10.12
C ARG A 11 6.23 -3.25 -9.51
N ARG A 12 6.08 -2.85 -8.25
CA ARG A 12 4.81 -2.94 -7.57
C ARG A 12 4.30 -1.55 -7.24
N PHE A 13 3.03 -1.30 -7.51
CA PHE A 13 2.36 -0.01 -7.23
C PHE A 13 2.95 1.12 -8.09
N SER A 14 4.19 1.48 -7.79
CA SER A 14 4.89 2.53 -8.51
C SER A 14 6.37 2.14 -8.57
N GLU A 15 7.21 2.99 -9.14
CA GLU A 15 8.63 2.66 -9.25
C GLU A 15 9.30 2.73 -7.87
N HIS A 16 8.93 3.73 -7.10
CA HIS A 16 9.47 3.90 -5.76
C HIS A 16 8.35 4.11 -4.76
N LYS A 17 8.65 3.84 -3.50
CA LYS A 17 7.73 4.09 -2.41
C LYS A 17 8.44 4.92 -1.34
N LEU A 18 7.69 5.63 -0.53
CA LEU A 18 8.29 6.46 0.48
C LEU A 18 8.10 5.84 1.84
N CYS A 19 9.18 5.75 2.58
CA CYS A 19 9.16 5.10 3.87
C CYS A 19 9.83 5.95 4.93
N ALA A 20 9.40 5.76 6.18
CA ALA A 20 9.98 6.47 7.32
C ALA A 20 11.43 6.05 7.52
N ASP A 21 11.74 4.91 6.92
CA ASP A 21 13.09 4.37 6.96
C ASP A 21 13.46 3.93 5.55
N ASP A 22 14.74 3.88 5.26
CA ASP A 22 15.20 3.34 3.99
C ASP A 22 15.03 1.82 4.01
N GLU A 23 14.83 1.29 5.21
CA GLU A 23 14.51 -0.13 5.39
C GLU A 23 13.01 -0.29 5.49
N CYS A 24 12.36 0.84 5.78
CA CYS A 24 10.91 0.94 5.81
C CYS A 24 10.33 0.00 6.87
N SER A 25 10.53 0.34 8.13
CA SER A 25 10.13 -0.54 9.23
C SER A 25 9.30 0.22 10.24
N MET A 26 9.74 1.43 10.55
CA MET A 26 9.02 2.29 11.47
C MET A 26 7.73 2.79 10.82
N LEU A 27 6.65 2.74 11.58
CA LEU A 27 5.39 3.30 11.14
C LEU A 27 5.52 4.75 10.78
N MET A 28 4.91 5.11 9.67
CA MET A 28 4.95 6.49 9.19
C MET A 28 3.80 7.25 9.82
N TYR A 29 2.60 6.70 9.64
CA TYR A 29 1.41 7.30 10.17
C TYR A 29 0.49 6.21 10.70
N ARG A 30 -0.41 6.60 11.56
CA ARG A 30 -1.52 5.78 11.94
C ARG A 30 -2.74 6.40 11.29
N GLY A 31 -3.67 5.59 10.83
CA GLY A 31 -4.75 6.13 10.05
C GLY A 31 -6.09 5.52 10.39
N GLU A 32 -7.14 6.07 9.82
CA GLU A 32 -8.45 5.48 9.94
C GLU A 32 -9.13 5.57 8.59
N ALA A 33 -9.90 4.56 8.25
CA ALA A 33 -10.56 4.51 6.96
C ALA A 33 -11.80 5.39 6.98
N LEU A 34 -11.86 6.35 6.08
CA LEU A 34 -13.01 7.24 6.00
C LEU A 34 -13.87 6.87 4.83
N GLU A 35 -13.65 5.68 4.38
CA GLU A 35 -14.35 5.14 3.25
C GLU A 35 -14.43 3.62 3.35
N ASP A 36 -15.46 3.07 2.77
CA ASP A 36 -15.63 1.61 2.70
C ASP A 36 -15.04 1.12 1.39
N PHE A 37 -14.39 -0.04 1.45
CA PHE A 37 -13.58 -0.48 0.32
C PHE A 37 -13.17 -1.94 0.47
N THR A 38 -13.25 -2.68 -0.63
CA THR A 38 -12.91 -4.08 -0.66
C THR A 38 -11.59 -4.30 -1.41
N GLY A 39 -10.77 -5.17 -0.86
CA GLY A 39 -9.51 -5.49 -1.49
C GLY A 39 -9.40 -6.96 -1.82
N PRO A 40 -10.02 -7.39 -2.94
CA PRO A 40 -10.11 -8.82 -3.29
C PRO A 40 -8.89 -9.30 -4.09
N ASP A 41 -8.03 -8.36 -4.40
CA ASP A 41 -6.83 -8.62 -5.20
C ASP A 41 -5.72 -9.31 -4.40
N CYS A 42 -6.09 -9.94 -3.29
CA CYS A 42 -5.16 -10.74 -2.48
C CYS A 42 -4.30 -9.88 -1.55
N ARG A 43 -3.69 -8.85 -2.10
CA ARG A 43 -2.69 -8.09 -1.34
C ARG A 43 -3.17 -6.68 -1.11
N PHE A 44 -4.38 -6.43 -1.58
CA PHE A 44 -5.09 -5.21 -1.27
C PHE A 44 -5.62 -5.24 0.16
N VAL A 45 -5.85 -4.08 0.72
CA VAL A 45 -6.41 -3.95 2.04
C VAL A 45 -7.90 -3.63 1.96
N ASN A 46 -8.70 -4.41 2.68
CA ASN A 46 -10.10 -4.11 2.85
C ASN A 46 -10.28 -3.34 4.15
N PHE A 47 -11.23 -2.44 4.13
CA PHE A 47 -11.60 -1.66 5.31
C PHE A 47 -12.96 -1.00 5.11
N LYS A 48 -13.45 -0.35 6.16
CA LYS A 48 -14.71 0.34 6.12
C LYS A 48 -14.59 1.63 6.92
N LYS A 49 -15.35 2.67 6.54
CA LYS A 49 -15.22 3.96 7.20
C LYS A 49 -15.45 3.83 8.71
N GLY A 50 -14.42 4.17 9.47
CA GLY A 50 -14.45 3.99 10.91
C GLY A 50 -13.53 2.86 11.36
N ASP A 51 -12.81 2.29 10.41
CA ASP A 51 -11.88 1.20 10.68
C ASP A 51 -10.46 1.75 10.84
N PRO A 52 -9.89 1.62 12.04
CA PRO A 52 -8.52 2.08 12.34
C PRO A 52 -7.46 1.27 11.60
N VAL A 53 -6.63 1.96 10.83
CA VAL A 53 -5.61 1.33 10.00
C VAL A 53 -4.21 1.86 10.38
N TYR A 54 -3.19 1.07 10.10
CA TYR A 54 -1.82 1.53 10.29
C TYR A 54 -1.11 1.59 8.95
N VAL A 55 -0.47 2.72 8.67
CA VAL A 55 0.20 2.91 7.40
C VAL A 55 1.71 2.81 7.58
N TYR A 56 2.29 1.75 7.02
CA TYR A 56 3.72 1.52 7.15
C TYR A 56 4.51 2.33 6.14
N TYR A 57 3.90 2.60 4.99
CA TYR A 57 4.54 3.40 3.97
C TYR A 57 3.56 3.91 2.92
N LYS A 58 4.08 4.71 2.00
CA LYS A 58 3.30 5.33 0.94
C LYS A 58 4.02 5.19 -0.39
N LEU A 59 3.34 5.57 -1.48
CA LEU A 59 4.00 5.67 -2.79
C LEU A 59 4.66 7.03 -2.94
N ALA A 60 5.66 7.11 -3.81
CA ALA A 60 6.38 8.36 -4.04
C ALA A 60 5.62 9.31 -4.96
N ARG A 61 4.75 10.12 -4.36
CA ARG A 61 4.01 11.16 -5.06
C ARG A 61 3.31 10.61 -6.30
N GLY A 62 2.35 9.72 -6.09
CA GLY A 62 1.64 9.14 -7.21
C GLY A 62 0.15 9.11 -6.95
N TRP A 63 -0.53 10.17 -7.36
CA TRP A 63 -1.95 10.33 -7.10
C TRP A 63 -2.81 9.64 -8.15
N PRO A 64 -3.92 9.03 -7.71
CA PRO A 64 -4.29 8.96 -6.29
C PRO A 64 -3.34 8.08 -5.51
N GLU A 65 -2.79 8.64 -4.44
CA GLU A 65 -1.74 8.02 -3.70
C GLU A 65 -2.17 6.69 -3.09
N VAL A 66 -1.26 5.74 -3.08
CA VAL A 66 -1.50 4.45 -2.49
C VAL A 66 -0.61 4.24 -1.27
N TRP A 67 -1.21 3.70 -0.24
CA TRP A 67 -0.51 3.40 1.00
C TRP A 67 -0.61 1.92 1.29
N ALA A 68 0.14 1.44 2.26
CA ALA A 68 0.08 0.05 2.64
C ALA A 68 0.36 -0.15 4.12
N GLY A 69 -0.30 -1.13 4.70
CA GLY A 69 -0.12 -1.42 6.10
C GLY A 69 -1.10 -2.45 6.60
N SER A 70 -1.29 -2.50 7.91
CA SER A 70 -2.19 -3.47 8.51
C SER A 70 -3.46 -2.77 8.97
N VAL A 71 -4.59 -3.42 8.74
CA VAL A 71 -5.87 -2.85 9.12
C VAL A 71 -6.72 -3.91 9.81
N GLY A 72 -6.50 -4.08 11.11
CA GLY A 72 -7.29 -5.00 11.90
C GLY A 72 -7.07 -6.46 11.52
N ARG A 73 -7.64 -6.85 10.39
CA ARG A 73 -7.59 -8.24 9.95
C ARG A 73 -6.87 -8.36 8.60
N THR A 74 -6.62 -7.22 7.96
CA THR A 74 -6.03 -7.23 6.63
C THR A 74 -4.64 -6.60 6.64
N PHE A 75 -3.85 -6.97 5.65
CA PHE A 75 -2.52 -6.41 5.46
C PHE A 75 -2.19 -6.36 3.97
N GLY A 76 -1.83 -5.19 3.49
CA GLY A 76 -1.51 -5.04 2.09
C GLY A 76 -1.53 -3.59 1.66
N TYR A 77 -1.91 -3.34 0.41
CA TYR A 77 -1.89 -1.99 -0.13
C TYR A 77 -3.30 -1.48 -0.40
N PHE A 78 -3.46 -0.15 -0.45
CA PHE A 78 -4.76 0.48 -0.63
C PHE A 78 -4.59 1.96 -0.94
N PRO A 79 -5.64 2.64 -1.46
CA PRO A 79 -5.58 4.07 -1.75
C PRO A 79 -5.58 4.93 -0.49
N LYS A 80 -4.58 5.80 -0.39
CA LYS A 80 -4.47 6.79 0.65
C LYS A 80 -5.74 7.61 0.74
N ASP A 81 -6.24 7.94 -0.44
CA ASP A 81 -7.50 8.67 -0.63
C ASP A 81 -8.65 8.10 0.21
N LEU A 82 -8.56 6.82 0.55
CA LEU A 82 -9.66 6.16 1.22
C LEU A 82 -9.48 6.12 2.73
N ILE A 83 -8.40 6.73 3.22
CA ILE A 83 -8.21 6.86 4.67
C ILE A 83 -7.74 8.26 5.05
N GLN A 84 -7.67 8.49 6.36
CA GLN A 84 -7.19 9.74 6.92
C GLN A 84 -6.15 9.44 7.99
N VAL A 85 -5.04 10.15 7.96
CA VAL A 85 -4.02 10.09 8.99
C VAL A 85 -4.62 10.46 10.33
N VAL A 86 -4.59 9.53 11.26
CA VAL A 86 -5.15 9.76 12.58
C VAL A 86 -4.04 10.14 13.52
N HIS A 87 -2.83 9.88 13.07
CA HIS A 87 -1.64 10.18 13.86
C HIS A 87 -0.38 10.12 12.99
N GLU A 88 0.43 11.15 13.07
CA GLU A 88 1.67 11.23 12.31
C GLU A 88 2.87 10.92 13.20
N TYR A 89 3.47 9.76 13.03
CA TYR A 89 4.70 9.45 13.76
C TYR A 89 5.85 10.32 13.29
N THR A 90 5.92 10.54 11.99
CA THR A 90 7.01 11.27 11.41
C THR A 90 6.62 11.93 10.09
N LYS A 91 7.33 12.99 9.75
CA LYS A 91 7.18 13.67 8.48
C LYS A 91 8.20 13.14 7.49
N GLU A 92 8.91 12.11 7.91
CA GLU A 92 10.03 11.58 7.13
C GLU A 92 9.55 10.74 5.95
N GLU A 93 10.12 11.01 4.79
CA GLU A 93 9.72 10.34 3.56
C GLU A 93 10.94 9.96 2.72
N LEU A 94 11.48 8.80 3.02
CA LEU A 94 12.62 8.27 2.28
C LEU A 94 12.14 7.54 1.04
N GLN A 95 12.85 7.71 -0.06
CA GLN A 95 12.45 7.08 -1.29
C GLN A 95 13.15 5.74 -1.45
N VAL A 96 12.41 4.70 -1.16
CA VAL A 96 12.90 3.34 -1.25
C VAL A 96 12.19 2.64 -2.42
N PRO A 97 12.93 1.96 -3.30
CA PRO A 97 12.34 1.34 -4.48
C PRO A 97 11.49 0.11 -4.15
N THR A 98 10.50 -0.16 -4.98
CA THR A 98 9.60 -1.29 -4.79
C THR A 98 10.23 -2.56 -5.34
N ASP A 99 10.03 -3.68 -4.64
CA ASP A 99 10.56 -4.96 -5.10
C ASP A 99 9.54 -5.66 -5.97
N GLU A 100 10.00 -6.54 -6.83
CA GLU A 100 9.10 -7.24 -7.73
C GLU A 100 8.18 -8.20 -6.98
N THR A 101 8.76 -9.05 -6.15
CA THR A 101 8.00 -10.12 -5.53
C THR A 101 7.75 -9.91 -4.04
N ASP A 102 8.14 -8.75 -3.51
CA ASP A 102 7.93 -8.48 -2.08
C ASP A 102 6.45 -8.17 -1.82
N PHE A 103 5.68 -8.02 -2.89
CA PHE A 103 4.27 -7.62 -2.80
C PHE A 103 3.48 -8.32 -3.88
N VAL A 104 3.65 -9.63 -3.94
CA VAL A 104 3.09 -10.41 -5.03
C VAL A 104 2.16 -11.49 -4.51
N CYS A 105 1.36 -12.03 -5.40
CA CYS A 105 0.41 -13.06 -5.07
C CYS A 105 0.02 -13.86 -6.31
N PHE A 106 0.41 -15.12 -6.34
CA PHE A 106 0.04 -15.99 -7.44
C PHE A 106 -1.34 -16.58 -7.23
N ASP A 107 -2.32 -15.90 -7.79
CA ASP A 107 -3.73 -16.26 -7.65
C ASP A 107 -4.58 -15.25 -8.42
N GLY A 108 -4.89 -15.58 -9.65
CA GLY A 108 -5.65 -14.66 -10.49
C GLY A 108 -4.79 -13.53 -11.02
N GLY A 109 -3.52 -13.81 -11.21
CA GLY A 109 -2.59 -12.79 -11.67
C GLY A 109 -1.38 -13.40 -12.35
N ARG A 110 -0.38 -12.56 -12.62
CA ARG A 110 0.83 -13.01 -13.28
C ARG A 110 1.78 -13.71 -12.32
N ASP A 111 1.86 -15.02 -12.44
CA ASP A 111 2.92 -15.77 -11.79
C ASP A 111 4.09 -15.85 -12.74
N ASP A 112 4.96 -14.86 -12.68
CA ASP A 112 6.12 -14.82 -13.55
C ASP A 112 7.30 -15.53 -12.93
#